data_7KRG
#
_entry.id   7KRG
#
_cell.length_a   88.867
_cell.length_b   119.322
_cell.length_c   111.211
_cell.angle_alpha   90.000
_cell.angle_beta   94.884
_cell.angle_gamma   90.000
#
_symmetry.space_group_name_H-M   'P 1 21 1'
#
loop_
_entity.id
_entity.type
_entity.pdbx_description
1 polymer 'NADP-dependent mannitol dehydrogenase'
2 non-polymer 'SODIUM ION'
3 non-polymer 'NADP NICOTINAMIDE-ADENINE-DINUCLEOTIDE PHOSPHATE'
4 water water
#
_entity_poly.entity_id   1
_entity_poly.type   'polypeptide(L)'
_entity_poly.pdbx_seq_one_letter_code
;GSHMPGQQATKHESLLDQLSLKGKVVVVTGASGPKGMGIEAARGCAEMGAAVAITYASRAQGAEENVKELEKTYGIKAKA
YKCQVDSYESCEKLVKDVVADFGQIDAFIANAGATADSGILDGSVEAWNHVVQVDLNGTFHCAKAVGHHFKERGTGSLVI
TASMSGHIANFPQEQTSYNVAKAGCIHMARSLANEWRDFARVNSISPGYIDTGLSDFVPKETQQLWHSMIPMGRDGLAKE
LKGAYVYFASDASTYTTGADLLIDGGYTTR
;
_entity_poly.pdbx_strand_id   A,B,C,D,E,F,G,H
#
# COMPACT_ATOMS: atom_id res chain seq x y z
N PRO A 5 14.25 38.04 -16.87
CA PRO A 5 13.84 36.69 -16.46
C PRO A 5 12.84 36.69 -15.30
N GLY A 6 11.79 35.86 -15.41
CA GLY A 6 10.79 35.73 -14.37
C GLY A 6 9.87 36.93 -14.21
N GLN A 7 9.07 36.86 -13.15
CA GLN A 7 8.13 37.91 -12.81
C GLN A 7 8.36 38.31 -11.35
N GLN A 8 7.93 39.52 -11.00
CA GLN A 8 8.23 40.10 -9.70
C GLN A 8 7.00 40.12 -8.78
N ALA A 9 7.27 40.20 -7.48
CA ALA A 9 6.19 40.28 -6.50
C ALA A 9 5.52 41.64 -6.59
N THR A 10 4.23 41.68 -6.27
CA THR A 10 3.53 42.95 -6.10
C THR A 10 4.30 43.86 -5.16
N LYS A 11 4.27 45.16 -5.46
CA LYS A 11 4.88 46.14 -4.56
C LYS A 11 3.99 46.47 -3.37
N HIS A 12 2.70 46.13 -3.46
CA HIS A 12 1.73 46.52 -2.44
C HIS A 12 1.79 45.59 -1.23
N GLU A 13 1.71 46.18 -0.05
CA GLU A 13 1.60 45.38 1.17
C GLU A 13 0.16 45.13 1.56
N SER A 14 -0.68 46.15 1.43
CA SER A 14 -2.09 46.05 1.78
C SER A 14 -2.82 45.15 0.79
N LEU A 15 -3.67 44.26 1.31
CA LEU A 15 -4.44 43.38 0.44
C LEU A 15 -5.43 44.18 -0.41
N LEU A 16 -5.99 45.26 0.15
CA LEU A 16 -6.92 46.07 -0.62
C LEU A 16 -6.23 46.77 -1.78
N ASP A 17 -4.98 47.19 -1.59
CA ASP A 17 -4.18 47.71 -2.71
C ASP A 17 -3.84 46.60 -3.70
N GLN A 18 -3.51 45.40 -3.21
CA GLN A 18 -3.23 44.27 -4.09
C GLN A 18 -4.42 43.94 -4.98
N LEU A 19 -5.64 43.96 -4.43
CA LEU A 19 -6.83 43.61 -5.20
C LEU A 19 -7.30 44.72 -6.14
N SER A 20 -6.83 45.95 -5.94
CA SER A 20 -7.33 47.05 -6.75
C SER A 20 -6.99 46.84 -8.21
N LEU A 21 -7.96 47.12 -9.08
CA LEU A 21 -7.73 47.12 -10.52
C LEU A 21 -7.85 48.52 -11.11
N LYS A 22 -7.76 49.56 -10.28
CA LYS A 22 -7.78 50.94 -10.76
C LYS A 22 -6.61 51.16 -11.70
N GLY A 23 -6.87 51.81 -12.84
CA GLY A 23 -5.85 51.98 -13.85
C GLY A 23 -5.59 50.77 -14.75
N LYS A 24 -6.30 49.67 -14.56
CA LYS A 24 -6.07 48.46 -15.33
C LYS A 24 -7.29 48.14 -16.20
N VAL A 25 -7.05 47.32 -17.22
CA VAL A 25 -8.08 46.94 -18.19
C VAL A 25 -8.26 45.42 -18.14
N VAL A 26 -9.50 44.96 -18.03
CA VAL A 26 -9.82 43.53 -18.04
C VAL A 26 -10.76 43.21 -19.19
N VAL A 27 -10.46 42.14 -19.93
CA VAL A 27 -11.38 41.59 -20.94
C VAL A 27 -12.01 40.32 -20.39
N VAL A 28 -13.33 40.20 -20.53
CA VAL A 28 -14.06 38.99 -20.17
C VAL A 28 -14.81 38.50 -21.41
N THR A 29 -14.41 37.35 -21.95
CA THR A 29 -15.20 36.81 -23.04
C THR A 29 -16.46 36.11 -22.50
N GLY A 30 -17.50 36.09 -23.33
CA GLY A 30 -18.71 35.36 -22.97
C GLY A 30 -19.36 35.90 -21.72
N ALA A 31 -19.56 37.20 -21.65
CA ALA A 31 -20.14 37.85 -20.48
C ALA A 31 -21.47 38.51 -20.82
N SER A 32 -22.20 37.93 -21.76
CA SER A 32 -23.41 38.54 -22.28
C SER A 32 -24.67 38.09 -21.55
N GLY A 33 -24.62 37.01 -20.77
CA GLY A 33 -25.77 36.51 -20.07
C GLY A 33 -26.02 37.30 -18.80
N PRO A 34 -27.24 37.20 -18.24
CA PRO A 34 -27.57 38.00 -17.06
C PRO A 34 -26.94 37.51 -15.76
N LYS A 35 -26.64 36.23 -15.65
CA LYS A 35 -26.15 35.71 -14.37
C LYS A 35 -25.10 34.61 -14.56
N GLY A 36 -24.25 34.75 -15.61
CA GLY A 36 -23.18 33.79 -15.84
C GLY A 36 -21.88 34.15 -15.13
N MET A 37 -20.90 33.23 -15.22
CA MET A 37 -19.58 33.52 -14.66
C MET A 37 -19.01 34.83 -15.22
N GLY A 38 -19.24 35.08 -16.51
CA GLY A 38 -18.71 36.26 -17.17
C GLY A 38 -19.12 37.57 -16.56
N ILE A 39 -20.44 37.82 -16.46
CA ILE A 39 -20.86 39.12 -15.93
C ILE A 39 -20.43 39.28 -14.47
N GLU A 40 -20.43 38.20 -13.67
CA GLU A 40 -20.00 38.32 -12.28
C GLU A 40 -18.49 38.55 -12.17
N ALA A 41 -17.68 37.92 -13.01
CA ALA A 41 -16.27 38.29 -13.04
C ALA A 41 -16.10 39.76 -13.40
N ALA A 42 -16.90 40.23 -14.37
CA ALA A 42 -16.81 41.63 -14.81
C ALA A 42 -17.25 42.58 -13.71
N ARG A 43 -18.33 42.23 -12.99
CA ARG A 43 -18.79 43.03 -11.86
C ARG A 43 -17.71 43.14 -10.78
N GLY A 44 -17.12 42.00 -10.39
CA GLY A 44 -16.07 42.04 -9.39
C GLY A 44 -14.89 42.87 -9.82
N CYS A 45 -14.49 42.76 -11.09
CA CYS A 45 -13.37 43.57 -11.57
C CYS A 45 -13.74 45.05 -11.61
N ALA A 46 -14.95 45.38 -12.05
CA ALA A 46 -15.37 46.78 -12.10
C ALA A 46 -15.48 47.36 -10.69
N GLU A 47 -15.96 46.56 -9.73
CA GLU A 47 -16.02 47.00 -8.35
C GLU A 47 -14.63 47.38 -7.82
N MET A 48 -13.59 46.68 -8.24
CA MET A 48 -12.21 46.99 -7.87
C MET A 48 -11.59 48.11 -8.71
N GLY A 49 -12.35 48.67 -9.64
CA GLY A 49 -11.91 49.85 -10.38
C GLY A 49 -11.45 49.61 -11.80
N ALA A 50 -11.59 48.39 -12.33
CA ALA A 50 -11.15 48.09 -13.69
C ALA A 50 -12.04 48.78 -14.72
N ALA A 51 -11.42 49.17 -15.83
CA ALA A 51 -12.15 49.31 -17.08
C ALA A 51 -12.33 47.93 -17.69
N VAL A 52 -13.51 47.69 -18.28
CA VAL A 52 -13.89 46.31 -18.60
C VAL A 52 -14.46 46.24 -20.01
N ALA A 53 -13.94 45.30 -20.79
CA ALA A 53 -14.46 44.97 -22.10
C ALA A 53 -15.07 43.58 -22.02
N ILE A 54 -16.31 43.42 -22.46
CA ILE A 54 -16.93 42.10 -22.45
C ILE A 54 -17.26 41.71 -23.88
N THR A 55 -17.41 40.41 -24.12
CA THR A 55 -17.77 39.95 -25.45
C THR A 55 -19.08 39.17 -25.44
N TYR A 56 -19.74 39.19 -26.59
CA TYR A 56 -20.90 38.38 -26.87
C TYR A 56 -20.72 37.67 -28.21
N ALA A 57 -21.53 36.63 -28.42
CA ALA A 57 -21.71 36.03 -29.74
C ALA A 57 -23.14 36.28 -30.22
N SER A 58 -24.13 35.62 -29.62
CA SER A 58 -25.50 35.79 -30.08
C SER A 58 -26.31 36.75 -29.24
N ARG A 59 -25.88 37.09 -28.02
CA ARG A 59 -26.72 37.91 -27.14
C ARG A 59 -26.25 39.36 -27.12
N ALA A 60 -26.54 40.04 -28.24
CA ALA A 60 -26.09 41.42 -28.40
C ALA A 60 -26.80 42.34 -27.41
N GLN A 61 -28.10 42.14 -27.21
CA GLN A 61 -28.87 42.98 -26.31
C GLN A 61 -28.44 42.77 -24.86
N GLY A 62 -28.35 41.52 -24.42
CA GLY A 62 -27.84 41.24 -23.08
C GLY A 62 -26.48 41.88 -22.81
N ALA A 63 -25.59 41.85 -23.82
CA ALA A 63 -24.29 42.49 -23.67
C ALA A 63 -24.41 44.00 -23.48
N GLU A 64 -25.27 44.67 -24.27
CA GLU A 64 -25.42 46.11 -24.11
C GLU A 64 -26.01 46.45 -22.74
N GLU A 65 -26.97 45.65 -22.27
CA GLU A 65 -27.56 45.91 -20.95
C GLU A 65 -26.53 45.69 -19.86
N ASN A 66 -25.70 44.65 -20.00
CA ASN A 66 -24.64 44.40 -19.02
C ASN A 66 -23.65 45.57 -18.98
N VAL A 67 -23.27 46.08 -20.18
CA VAL A 67 -22.35 47.22 -20.24
C VAL A 67 -22.95 48.42 -19.51
N LYS A 68 -24.21 48.73 -19.80
CA LYS A 68 -24.87 49.85 -19.14
C LYS A 68 -24.92 49.67 -17.62
N GLU A 69 -25.25 48.46 -17.16
CA GLU A 69 -25.27 48.19 -15.72
C GLU A 69 -23.88 48.34 -15.10
N LEU A 70 -22.85 47.81 -15.77
CA LEU A 70 -21.48 47.97 -15.28
C LEU A 70 -21.10 49.45 -15.14
N GLU A 71 -21.39 50.25 -16.17
CA GLU A 71 -21.00 51.64 -16.17
C GLU A 71 -21.73 52.42 -15.08
N LYS A 72 -23.06 52.25 -14.98
CA LYS A 72 -23.85 53.06 -14.05
C LYS A 72 -23.64 52.62 -12.61
N THR A 73 -23.51 51.31 -12.36
CA THR A 73 -23.36 50.82 -10.99
C THR A 73 -21.98 51.15 -10.43
N TYR A 74 -20.93 50.95 -11.22
CA TYR A 74 -19.57 51.07 -10.73
C TYR A 74 -18.83 52.31 -11.22
N GLY A 75 -19.42 53.08 -12.13
CA GLY A 75 -18.81 54.34 -12.57
C GLY A 75 -17.61 54.17 -13.48
N ILE A 76 -17.47 53.01 -14.11
CA ILE A 76 -16.29 52.70 -14.89
C ILE A 76 -16.60 52.88 -16.37
N LYS A 77 -15.55 52.80 -17.20
CA LYS A 77 -15.72 52.71 -18.63
C LYS A 77 -15.81 51.24 -19.03
N ALA A 78 -16.83 50.89 -19.79
CA ALA A 78 -17.02 49.55 -20.28
C ALA A 78 -17.47 49.58 -21.73
N LYS A 79 -17.36 48.44 -22.41
CA LYS A 79 -17.72 48.33 -23.81
C LYS A 79 -17.92 46.86 -24.15
N ALA A 80 -18.84 46.58 -25.07
CA ALA A 80 -19.11 45.22 -25.53
C ALA A 80 -18.61 45.04 -26.96
N TYR A 81 -18.01 43.89 -27.25
CA TYR A 81 -17.49 43.54 -28.57
C TYR A 81 -18.06 42.21 -29.02
N LYS A 82 -18.39 42.09 -30.30
CA LYS A 82 -18.76 40.79 -30.84
C LYS A 82 -17.49 39.97 -31.08
N CYS A 83 -17.49 38.73 -30.62
CA CYS A 83 -16.33 37.88 -30.84
C CYS A 83 -16.78 36.42 -30.96
N GLN A 84 -16.32 35.76 -32.01
CA GLN A 84 -16.50 34.32 -32.17
C GLN A 84 -15.14 33.69 -31.86
N VAL A 85 -15.02 33.08 -30.68
CA VAL A 85 -13.71 32.59 -30.24
C VAL A 85 -13.22 31.43 -31.08
N ASP A 86 -14.13 30.76 -31.79
CA ASP A 86 -13.72 29.68 -32.69
C ASP A 86 -12.99 30.19 -33.93
N SER A 87 -12.92 31.50 -34.13
CA SER A 87 -12.21 32.11 -35.26
C SER A 87 -11.04 32.91 -34.71
N TYR A 88 -9.81 32.51 -35.09
CA TYR A 88 -8.66 33.28 -34.62
C TYR A 88 -8.73 34.72 -35.10
N GLU A 89 -9.17 34.94 -36.34
CA GLU A 89 -9.27 36.30 -36.85
C GLU A 89 -10.17 37.13 -35.94
N SER A 90 -11.22 36.52 -35.39
CA SER A 90 -12.10 37.27 -34.51
C SER A 90 -11.43 37.59 -33.18
N CYS A 91 -10.61 36.68 -32.66
CA CYS A 91 -9.94 36.93 -31.39
C CYS A 91 -8.81 37.94 -31.55
N GLU A 92 -8.04 37.83 -32.63
CA GLU A 92 -7.01 38.81 -32.92
C GLU A 92 -7.61 40.21 -33.06
N LYS A 93 -8.78 40.30 -33.70
CA LYS A 93 -9.45 41.57 -33.88
C LYS A 93 -9.93 42.14 -32.55
N LEU A 94 -10.40 41.26 -31.65
CA LEU A 94 -10.86 41.71 -30.34
C LEU A 94 -9.73 42.39 -29.58
N VAL A 95 -8.56 41.74 -29.52
CA VAL A 95 -7.43 42.29 -28.78
C VAL A 95 -6.99 43.63 -29.38
N LYS A 96 -6.93 43.70 -30.71
CA LYS A 96 -6.58 44.95 -31.38
C LYS A 96 -7.58 46.06 -31.07
N ASP A 97 -8.88 45.75 -31.08
CA ASP A 97 -9.89 46.78 -30.82
C ASP A 97 -9.82 47.27 -29.38
N VAL A 98 -9.68 46.35 -28.42
CA VAL A 98 -9.66 46.73 -27.00
C VAL A 98 -8.40 47.54 -26.70
N VAL A 99 -7.27 47.12 -27.25
CA VAL A 99 -6.03 47.86 -27.03
C VAL A 99 -6.13 49.26 -27.66
N ALA A 100 -6.82 49.37 -28.80
CA ALA A 100 -7.06 50.68 -29.41
C ALA A 100 -8.06 51.51 -28.61
N ASP A 101 -9.14 50.87 -28.12
CA ASP A 101 -10.16 51.61 -27.38
C ASP A 101 -9.74 51.93 -25.95
N PHE A 102 -9.06 50.99 -25.27
CA PHE A 102 -8.73 51.12 -23.85
C PHE A 102 -7.26 51.38 -23.57
N GLY A 103 -6.37 51.15 -24.53
CA GLY A 103 -4.96 51.45 -24.38
C GLY A 103 -4.06 50.27 -24.02
N GLN A 104 -4.62 49.19 -23.46
CA GLN A 104 -3.83 48.05 -23.01
C GLN A 104 -4.81 47.00 -22.50
N ILE A 105 -4.29 45.80 -22.26
CA ILE A 105 -5.04 44.74 -21.58
C ILE A 105 -4.14 44.22 -20.48
N ASP A 106 -4.58 44.36 -19.23
CA ASP A 106 -3.81 43.85 -18.10
C ASP A 106 -4.22 42.44 -17.71
N ALA A 107 -5.50 42.12 -17.79
CA ALA A 107 -5.95 40.77 -17.49
C ALA A 107 -6.98 40.35 -18.53
N PHE A 108 -6.95 39.07 -18.87
CA PHE A 108 -7.87 38.50 -19.85
C PHE A 108 -8.55 37.29 -19.23
N ILE A 109 -9.87 37.28 -19.23
CA ILE A 109 -10.64 36.18 -18.65
C ILE A 109 -11.27 35.43 -19.81
N ALA A 110 -10.68 34.27 -20.13
CA ALA A 110 -11.10 33.43 -21.24
C ALA A 110 -12.23 32.53 -20.73
N ASN A 111 -13.46 32.96 -20.97
CA ASN A 111 -14.63 32.40 -20.31
C ASN A 111 -15.66 31.83 -21.26
N ALA A 112 -15.63 32.22 -22.53
CA ALA A 112 -16.64 31.74 -23.48
C ALA A 112 -16.55 30.23 -23.65
N GLY A 113 -17.70 29.59 -23.82
CA GLY A 113 -17.73 28.15 -24.01
C GLY A 113 -19.12 27.68 -24.31
N ALA A 114 -19.20 26.50 -24.92
CA ALA A 114 -20.48 25.87 -25.23
C ALA A 114 -20.50 24.44 -24.71
N THR A 115 -21.69 23.91 -24.49
CA THR A 115 -21.87 22.58 -23.93
C THR A 115 -21.97 21.51 -25.02
N ALA A 116 -21.82 20.26 -24.60
CA ALA A 116 -22.12 19.08 -25.40
C ALA A 116 -23.43 18.47 -24.91
N ASP A 117 -24.04 17.66 -25.77
CA ASP A 117 -25.28 17.00 -25.36
C ASP A 117 -25.29 15.50 -25.68
N SER A 118 -24.12 14.87 -25.82
CA SER A 118 -24.08 13.42 -26.02
C SER A 118 -22.65 12.94 -25.81
N GLY A 119 -22.51 11.61 -25.66
CA GLY A 119 -21.22 10.95 -25.74
C GLY A 119 -20.77 10.78 -27.18
N ILE A 120 -19.59 10.17 -27.36
CA ILE A 120 -18.98 10.17 -28.69
C ILE A 120 -19.69 9.19 -29.63
N LEU A 121 -20.26 8.10 -29.12
CA LEU A 121 -20.91 7.15 -30.01
C LEU A 121 -22.23 7.70 -30.55
N ASP A 122 -23.02 8.37 -29.70
CA ASP A 122 -24.27 8.95 -30.15
C ASP A 122 -24.07 10.24 -30.94
N GLY A 123 -22.97 10.95 -30.69
CA GLY A 123 -22.72 12.21 -31.39
C GLY A 123 -22.00 12.02 -32.71
N SER A 124 -22.19 12.97 -33.62
CA SER A 124 -21.45 12.96 -34.88
C SER A 124 -20.02 13.46 -34.68
N VAL A 125 -19.21 13.30 -35.71
CA VAL A 125 -17.88 13.88 -35.69
C VAL A 125 -17.96 15.40 -35.66
N GLU A 126 -18.97 15.96 -36.32
CA GLU A 126 -19.12 17.41 -36.34
C GLU A 126 -19.53 17.93 -34.98
N ALA A 127 -20.32 17.15 -34.22
CA ALA A 127 -20.69 17.60 -32.88
C ALA A 127 -19.46 17.62 -31.99
N TRP A 128 -18.62 16.60 -32.08
CA TRP A 128 -17.32 16.64 -31.40
C TRP A 128 -16.53 17.88 -31.81
N ASN A 129 -16.40 18.09 -33.14
CA ASN A 129 -15.54 19.15 -33.64
C ASN A 129 -15.99 20.52 -33.14
N HIS A 130 -17.31 20.72 -33.05
CA HIS A 130 -17.83 22.02 -32.63
C HIS A 130 -17.46 22.35 -31.20
N VAL A 131 -17.62 21.38 -30.28
CA VAL A 131 -17.29 21.61 -28.87
C VAL A 131 -15.79 21.84 -28.69
N VAL A 132 -14.96 21.02 -29.34
CA VAL A 132 -13.51 21.21 -29.24
C VAL A 132 -13.11 22.54 -29.88
N GLN A 133 -13.73 22.90 -31.00
CA GLN A 133 -13.33 24.14 -31.68
C GLN A 133 -13.66 25.36 -30.84
N VAL A 134 -14.79 25.34 -30.14
CA VAL A 134 -15.16 26.49 -29.30
C VAL A 134 -14.40 26.48 -27.98
N ASP A 135 -14.49 25.36 -27.24
CA ASP A 135 -14.01 25.35 -25.86
C ASP A 135 -12.50 25.18 -25.76
N LEU A 136 -11.88 24.40 -26.65
CA LEU A 136 -10.43 24.23 -26.56
C LEU A 136 -9.68 25.17 -27.49
N ASN A 137 -9.94 25.10 -28.80
CA ASN A 137 -9.24 25.99 -29.73
C ASN A 137 -9.65 27.45 -29.54
N GLY A 138 -10.87 27.70 -29.06
CA GLY A 138 -11.26 29.09 -28.78
C GLY A 138 -10.49 29.69 -27.62
N THR A 139 -10.27 28.90 -26.56
CA THR A 139 -9.39 29.34 -25.49
C THR A 139 -7.97 29.56 -26.02
N PHE A 140 -7.49 28.67 -26.89
CA PHE A 140 -6.16 28.83 -27.48
C PHE A 140 -6.06 30.11 -28.31
N HIS A 141 -7.10 30.41 -29.11
CA HIS A 141 -7.08 31.61 -29.94
C HIS A 141 -6.98 32.86 -29.08
N CYS A 142 -7.77 32.90 -28.02
CA CYS A 142 -7.72 34.06 -27.12
C CYS A 142 -6.37 34.14 -26.41
N ALA A 143 -5.84 32.99 -25.95
CA ALA A 143 -4.54 32.95 -25.29
C ALA A 143 -3.44 33.45 -26.22
N LYS A 144 -3.43 32.97 -27.47
CA LYS A 144 -2.41 33.43 -28.41
C LYS A 144 -2.58 34.91 -28.74
N ALA A 145 -3.81 35.34 -29.02
CA ALA A 145 -4.03 36.74 -29.40
C ALA A 145 -3.60 37.68 -28.29
N VAL A 146 -3.96 37.38 -27.05
CA VAL A 146 -3.60 38.33 -25.97
C VAL A 146 -2.16 38.11 -25.51
N GLY A 147 -1.61 36.91 -25.66
CA GLY A 147 -0.25 36.65 -25.20
C GLY A 147 0.79 37.43 -25.99
N HIS A 148 0.55 37.68 -27.27
CA HIS A 148 1.40 38.60 -28.02
C HIS A 148 1.40 39.99 -27.40
N HIS A 149 0.24 40.42 -26.87
CA HIS A 149 0.17 41.72 -26.21
C HIS A 149 0.88 41.69 -24.87
N PHE A 150 0.67 40.62 -24.08
CA PHE A 150 1.35 40.51 -22.79
C PHE A 150 2.87 40.50 -22.96
N LYS A 151 3.35 39.75 -23.96
CA LYS A 151 4.80 39.69 -24.19
C LYS A 151 5.38 41.07 -24.50
N GLU A 152 4.66 41.87 -25.29
CA GLU A 152 5.11 43.22 -25.60
C GLU A 152 5.16 44.09 -24.35
N ARG A 153 4.12 44.02 -23.53
CA ARG A 153 4.04 44.88 -22.36
C ARG A 153 4.91 44.35 -21.22
N GLY A 154 5.15 43.04 -21.17
CA GLY A 154 5.95 42.46 -20.12
C GLY A 154 5.18 42.10 -18.86
N THR A 155 3.84 42.23 -18.88
CA THR A 155 2.99 41.83 -17.77
C THR A 155 1.66 41.33 -18.34
N GLY A 156 0.93 40.64 -17.49
CA GLY A 156 -0.39 40.17 -17.83
C GLY A 156 -0.84 39.06 -16.92
N SER A 157 -2.15 38.82 -16.92
CA SER A 157 -2.73 37.70 -16.22
C SER A 157 -3.81 37.11 -17.11
N LEU A 158 -3.71 35.81 -17.38
CA LEU A 158 -4.74 35.11 -18.14
C LEU A 158 -5.45 34.16 -17.19
N VAL A 159 -6.77 34.23 -17.16
CA VAL A 159 -7.60 33.39 -16.30
C VAL A 159 -8.53 32.60 -17.21
N ILE A 160 -8.48 31.27 -17.13
CA ILE A 160 -9.27 30.42 -18.01
C ILE A 160 -10.40 29.78 -17.20
N THR A 161 -11.65 29.99 -17.63
CA THR A 161 -12.77 29.22 -17.08
C THR A 161 -12.72 27.81 -17.65
N ALA A 162 -12.27 26.85 -16.85
CA ALA A 162 -12.34 25.46 -17.26
C ALA A 162 -13.65 24.87 -16.77
N SER A 163 -13.57 23.75 -16.04
CA SER A 163 -14.74 23.06 -15.51
C SER A 163 -14.28 21.90 -14.65
N MET A 164 -15.05 21.54 -13.62
CA MET A 164 -14.77 20.25 -12.98
C MET A 164 -14.90 19.10 -13.97
N SER A 165 -15.61 19.30 -15.09
CA SER A 165 -15.66 18.29 -16.15
C SER A 165 -14.28 18.02 -16.76
N GLY A 166 -13.31 18.91 -16.53
CA GLY A 166 -11.95 18.62 -16.93
C GLY A 166 -11.21 17.70 -15.99
N HIS A 167 -11.80 17.41 -14.83
CA HIS A 167 -11.25 16.53 -13.80
C HIS A 167 -11.99 15.20 -13.69
N ILE A 168 -13.31 15.21 -13.83
CA ILE A 168 -14.11 14.00 -13.66
C ILE A 168 -15.07 13.93 -14.83
N ALA A 169 -15.78 12.80 -14.92
CA ALA A 169 -16.73 12.55 -16.00
C ALA A 169 -18.14 12.71 -15.44
N ASN A 170 -18.91 13.63 -15.98
CA ASN A 170 -20.24 13.90 -15.44
C ASN A 170 -21.14 12.67 -15.56
N PHE A 171 -22.17 12.63 -14.71
CA PHE A 171 -23.09 11.52 -14.57
C PHE A 171 -24.44 12.08 -14.15
N PRO A 172 -25.55 11.63 -14.73
CA PRO A 172 -25.65 10.56 -15.74
C PRO A 172 -25.59 11.03 -17.19
N GLN A 173 -25.47 12.34 -17.44
CA GLN A 173 -25.41 12.84 -18.80
C GLN A 173 -24.04 12.60 -19.42
N GLU A 174 -24.03 12.18 -20.69
CA GLU A 174 -22.78 11.89 -21.39
C GLU A 174 -22.35 13.13 -22.17
N GLN A 175 -21.09 13.54 -21.96
CA GLN A 175 -20.62 14.78 -22.58
C GLN A 175 -19.11 14.75 -22.75
N THR A 176 -18.57 13.66 -23.28
CA THR A 176 -17.13 13.47 -23.27
C THR A 176 -16.39 14.57 -24.03
N SER A 177 -16.91 15.02 -25.19
CA SER A 177 -16.24 16.09 -25.94
C SER A 177 -16.02 17.34 -25.07
N TYR A 178 -17.02 17.69 -24.25
CA TYR A 178 -16.88 18.82 -23.34
C TYR A 178 -15.85 18.53 -22.25
N ASN A 179 -15.86 17.31 -21.72
CA ASN A 179 -14.93 16.94 -20.65
C ASN A 179 -13.49 17.02 -21.15
N VAL A 180 -13.24 16.47 -22.34
CA VAL A 180 -11.89 16.48 -22.91
C VAL A 180 -11.43 17.90 -23.19
N ALA A 181 -12.29 18.71 -23.80
CA ALA A 181 -11.91 20.09 -24.10
C ALA A 181 -11.55 20.87 -22.84
N LYS A 182 -12.33 20.69 -21.77
CA LYS A 182 -12.05 21.41 -20.54
C LYS A 182 -10.77 20.89 -19.88
N ALA A 183 -10.52 19.58 -19.98
CA ALA A 183 -9.26 19.03 -19.48
C ALA A 183 -8.08 19.63 -20.22
N GLY A 184 -8.20 19.76 -21.56
CA GLY A 184 -7.19 20.47 -22.32
C GLY A 184 -7.01 21.90 -21.84
N CYS A 185 -8.10 22.58 -21.49
CA CYS A 185 -8.01 23.95 -20.98
C CYS A 185 -7.23 24.03 -19.68
N ILE A 186 -7.41 23.05 -18.78
CA ILE A 186 -6.70 23.06 -17.49
C ILE A 186 -5.20 22.93 -17.70
N HIS A 187 -4.80 21.96 -18.55
CA HIS A 187 -3.37 21.80 -18.78
C HIS A 187 -2.82 22.93 -19.63
N MET A 188 -3.65 23.55 -20.47
CA MET A 188 -3.21 24.73 -21.20
C MET A 188 -2.74 25.81 -20.24
N ALA A 189 -3.45 26.01 -19.13
CA ALA A 189 -3.03 27.03 -18.17
C ALA A 189 -1.70 26.67 -17.53
N ARG A 190 -1.48 25.40 -17.20
CA ARG A 190 -0.20 24.98 -16.64
C ARG A 190 0.92 25.18 -17.64
N SER A 191 0.71 24.74 -18.89
CA SER A 191 1.78 24.79 -19.87
C SER A 191 2.08 26.24 -20.28
N LEU A 192 1.05 27.08 -20.38
CA LEU A 192 1.29 28.49 -20.73
C LEU A 192 1.91 29.27 -19.57
N ALA A 193 1.58 28.90 -18.33
CA ALA A 193 2.28 29.48 -17.18
C ALA A 193 3.79 29.28 -17.28
N ASN A 194 4.21 28.11 -17.78
CA ASN A 194 5.64 27.88 -17.98
C ASN A 194 6.15 28.58 -19.25
N GLU A 195 5.37 28.54 -20.34
CA GLU A 195 5.81 29.20 -21.57
C GLU A 195 5.97 30.70 -21.38
N TRP A 196 5.01 31.33 -20.68
CA TRP A 196 5.02 32.77 -20.48
C TRP A 196 5.73 33.19 -19.19
N ARG A 197 6.61 32.33 -18.64
CA ARG A 197 7.14 32.56 -17.30
C ARG A 197 7.83 33.91 -17.17
N ASP A 198 8.21 34.56 -18.26
CA ASP A 198 8.93 35.82 -18.16
C ASP A 198 8.03 37.05 -18.21
N PHE A 199 6.73 36.90 -18.47
CA PHE A 199 5.94 38.10 -18.63
C PHE A 199 4.47 37.98 -18.21
N ALA A 200 3.95 36.78 -17.96
CA ALA A 200 2.55 36.75 -17.54
C ALA A 200 2.24 35.49 -16.73
N ARG A 201 1.22 35.61 -15.87
CA ARG A 201 0.67 34.51 -15.10
C ARG A 201 -0.56 33.93 -15.80
N VAL A 202 -0.75 32.62 -15.66
CA VAL A 202 -1.88 31.92 -16.28
C VAL A 202 -2.41 30.93 -15.26
N ASN A 203 -3.73 30.89 -15.09
CA ASN A 203 -4.38 30.08 -14.07
C ASN A 203 -5.77 29.72 -14.57
N SER A 204 -6.37 28.69 -13.96
CA SER A 204 -7.70 28.27 -14.37
C SER A 204 -8.60 28.14 -13.14
N ILE A 205 -9.90 28.30 -13.40
CA ILE A 205 -10.95 28.10 -12.42
C ILE A 205 -11.86 27.02 -12.98
N SER A 206 -12.16 26.02 -12.15
CA SER A 206 -12.96 24.87 -12.59
C SER A 206 -14.26 24.83 -11.79
N PRO A 207 -15.31 25.50 -12.27
CA PRO A 207 -16.58 25.48 -11.53
C PRO A 207 -17.25 24.12 -11.60
N GLY A 208 -18.02 23.82 -10.54
CA GLY A 208 -18.97 22.71 -10.57
C GLY A 208 -20.28 23.14 -11.18
N TYR A 209 -21.41 22.63 -10.68
CA TYR A 209 -22.72 23.00 -11.22
C TYR A 209 -23.11 24.39 -10.71
N ILE A 210 -23.14 25.37 -11.61
CA ILE A 210 -23.50 26.74 -11.30
C ILE A 210 -24.82 27.05 -11.99
N ASP A 211 -25.77 27.58 -11.24
CA ASP A 211 -27.07 27.99 -11.78
C ASP A 211 -26.88 29.29 -12.56
N THR A 212 -26.51 29.18 -13.84
CA THR A 212 -26.32 30.31 -14.74
C THR A 212 -27.32 30.36 -15.89
N GLY A 213 -28.04 29.26 -16.15
CA GLY A 213 -28.84 29.11 -17.34
C GLY A 213 -28.24 28.18 -18.39
N LEU A 214 -26.93 27.88 -18.29
CA LEU A 214 -26.24 27.05 -19.27
C LEU A 214 -26.79 25.63 -19.34
N SER A 215 -27.26 25.08 -18.21
CA SER A 215 -27.75 23.71 -18.14
C SER A 215 -29.26 23.60 -18.29
N ASP A 216 -29.95 24.66 -18.72
CA ASP A 216 -31.40 24.61 -18.78
C ASP A 216 -31.91 23.55 -19.76
N PHE A 217 -31.06 23.10 -20.69
CA PHE A 217 -31.40 22.04 -21.64
C PHE A 217 -31.44 20.65 -21.01
N VAL A 218 -31.18 20.53 -19.72
CA VAL A 218 -31.15 19.25 -19.01
C VAL A 218 -32.41 19.13 -18.17
N PRO A 219 -33.13 18.01 -18.22
CA PRO A 219 -34.36 17.86 -17.42
C PRO A 219 -34.12 18.09 -15.94
N LYS A 220 -35.19 18.49 -15.25
CA LYS A 220 -35.06 18.89 -13.85
C LYS A 220 -34.83 17.70 -12.92
N GLU A 221 -35.28 16.50 -13.32
CA GLU A 221 -35.05 15.33 -12.47
C GLU A 221 -33.58 14.90 -12.49
N THR A 222 -32.91 15.06 -13.64
CA THR A 222 -31.47 14.82 -13.69
C THR A 222 -30.70 15.83 -12.82
N GLN A 223 -31.21 17.06 -12.73
CA GLN A 223 -30.60 18.05 -11.86
C GLN A 223 -30.85 17.75 -10.38
N GLN A 224 -31.91 17.01 -10.06
CA GLN A 224 -32.12 16.57 -8.68
C GLN A 224 -31.11 15.49 -8.29
N LEU A 225 -30.68 14.67 -9.25
CA LEU A 225 -29.67 13.65 -8.96
C LEU A 225 -28.30 14.30 -8.73
N TRP A 226 -28.01 15.40 -9.46
CA TRP A 226 -26.77 16.13 -9.25
C TRP A 226 -26.65 16.62 -7.81
N HIS A 227 -27.76 17.07 -7.22
CA HIS A 227 -27.69 17.66 -5.88
C HIS A 227 -27.31 16.65 -4.81
N SER A 228 -27.76 15.39 -4.96
CA SER A 228 -27.35 14.35 -4.03
C SER A 228 -25.87 14.01 -4.16
N MET A 229 -25.24 14.36 -5.29
CA MET A 229 -23.81 14.12 -5.49
C MET A 229 -22.94 15.28 -5.06
N ILE A 230 -23.52 16.46 -4.86
CA ILE A 230 -22.79 17.64 -4.41
C ILE A 230 -22.83 17.66 -2.89
N PRO A 231 -21.67 17.57 -2.21
CA PRO A 231 -21.73 17.58 -0.73
C PRO A 231 -22.44 18.79 -0.15
N MET A 232 -22.26 19.98 -0.73
CA MET A 232 -23.00 21.13 -0.26
C MET A 232 -24.48 21.08 -0.59
N GLY A 233 -24.90 20.18 -1.47
CA GLY A 233 -26.32 19.91 -1.68
C GLY A 233 -27.07 20.90 -2.55
N ARG A 234 -26.37 21.73 -3.32
CA ARG A 234 -27.04 22.76 -4.11
C ARG A 234 -26.11 23.15 -5.26
N ASP A 235 -26.72 23.75 -6.29
CA ASP A 235 -25.94 24.44 -7.31
C ASP A 235 -25.27 25.67 -6.73
N GLY A 236 -24.18 26.07 -7.36
CA GLY A 236 -23.58 27.33 -7.00
C GLY A 236 -24.25 28.49 -7.72
N LEU A 237 -23.84 29.69 -7.34
CA LEU A 237 -24.24 30.91 -8.04
C LEU A 237 -22.99 31.62 -8.55
N ALA A 238 -23.13 32.31 -9.68
CA ALA A 238 -21.97 32.97 -10.29
C ALA A 238 -21.37 34.02 -9.37
N LYS A 239 -22.18 34.62 -8.49
CA LYS A 239 -21.62 35.60 -7.54
C LYS A 239 -20.68 34.98 -6.53
N GLU A 240 -20.66 33.65 -6.38
CA GLU A 240 -19.73 32.98 -5.48
C GLU A 240 -18.39 32.67 -6.14
N LEU A 241 -18.26 32.94 -7.44
CA LEU A 241 -17.01 32.78 -8.17
C LEU A 241 -16.29 34.09 -8.44
N LYS A 242 -16.96 35.24 -8.21
CA LYS A 242 -16.33 36.51 -8.59
C LYS A 242 -15.02 36.75 -7.85
N GLY A 243 -14.90 36.29 -6.60
CA GLY A 243 -13.68 36.54 -5.86
C GLY A 243 -12.49 35.77 -6.39
N ALA A 244 -12.72 34.59 -6.97
CA ALA A 244 -11.63 33.84 -7.57
C ALA A 244 -11.14 34.53 -8.84
N TYR A 245 -12.06 34.97 -9.71
CA TYR A 245 -11.64 35.71 -10.91
C TYR A 245 -10.84 36.95 -10.53
N VAL A 246 -11.34 37.74 -9.56
CA VAL A 246 -10.60 38.94 -9.16
C VAL A 246 -9.27 38.57 -8.52
N TYR A 247 -9.25 37.50 -7.71
CA TYR A 247 -8.00 37.01 -7.13
C TYR A 247 -6.92 36.79 -8.17
N PHE A 248 -7.24 36.02 -9.21
CA PHE A 248 -6.25 35.68 -10.25
C PHE A 248 -5.92 36.90 -11.12
N ALA A 249 -6.92 37.72 -11.44
CA ALA A 249 -6.71 38.85 -12.32
C ALA A 249 -5.88 39.97 -11.70
N SER A 250 -5.83 40.06 -10.37
CA SER A 250 -5.23 41.20 -9.67
C SER A 250 -3.83 40.87 -9.14
N ASP A 251 -3.25 41.84 -8.42
CA ASP A 251 -1.96 41.68 -7.76
C ASP A 251 -2.06 40.95 -6.41
N ALA A 252 -3.24 40.42 -6.05
CA ALA A 252 -3.34 39.56 -4.89
C ALA A 252 -2.75 38.16 -5.13
N SER A 253 -2.21 37.90 -6.32
CA SER A 253 -1.79 36.55 -6.70
C SER A 253 -0.50 36.57 -7.50
N THR A 254 0.45 37.43 -7.14
CA THR A 254 1.64 37.59 -7.98
C THR A 254 2.63 36.44 -7.87
N TYR A 255 2.40 35.43 -7.02
CA TYR A 255 3.21 34.22 -7.04
C TYR A 255 2.40 33.00 -7.47
N THR A 256 1.18 33.19 -7.94
CA THR A 256 0.29 32.09 -8.32
C THR A 256 0.28 32.01 -9.83
N THR A 257 0.84 30.95 -10.38
CA THR A 257 0.76 30.75 -11.82
C THR A 257 0.76 29.26 -12.11
N GLY A 258 -0.07 28.84 -13.06
CA GLY A 258 -0.21 27.42 -13.33
C GLY A 258 -1.10 26.68 -12.37
N ALA A 259 -1.87 27.39 -11.54
CA ALA A 259 -2.79 26.78 -10.60
C ALA A 259 -4.18 26.62 -11.20
N ASP A 260 -4.91 25.61 -10.72
CA ASP A 260 -6.33 25.44 -10.97
C ASP A 260 -7.07 25.45 -9.64
N LEU A 261 -8.23 26.12 -9.62
CA LEU A 261 -9.05 26.27 -8.42
C LEU A 261 -10.43 25.65 -8.68
N LEU A 262 -10.74 24.57 -7.97
CA LEU A 262 -12.05 23.95 -8.07
C LEU A 262 -13.04 24.72 -7.21
N ILE A 263 -14.19 25.07 -7.79
CA ILE A 263 -15.26 25.71 -7.06
C ILE A 263 -16.52 24.94 -7.39
N ASP A 264 -16.73 23.83 -6.66
CA ASP A 264 -17.69 22.81 -7.08
C ASP A 264 -18.56 22.32 -5.92
N GLY A 265 -18.60 23.06 -4.81
CA GLY A 265 -19.38 22.61 -3.67
C GLY A 265 -18.92 21.29 -3.09
N GLY A 266 -17.71 20.84 -3.41
CA GLY A 266 -17.19 19.58 -2.91
C GLY A 266 -17.36 18.39 -3.83
N TYR A 267 -17.92 18.59 -5.03
CA TYR A 267 -18.26 17.47 -5.90
C TYR A 267 -17.09 16.54 -6.15
N THR A 268 -15.90 17.10 -6.36
CA THR A 268 -14.77 16.27 -6.70
C THR A 268 -14.11 15.60 -5.50
N THR A 269 -14.55 15.90 -4.27
CA THR A 269 -13.96 15.23 -3.12
C THR A 269 -14.44 13.79 -2.99
N ARG A 270 -15.59 13.46 -3.59
CA ARG A 270 -16.08 12.08 -3.62
C ARG A 270 -15.59 11.39 -4.89
N GLY B 6 -22.76 -3.19 -16.46
CA GLY B 6 -21.30 -3.20 -16.37
C GLY B 6 -20.64 -4.39 -17.06
N GLN B 7 -19.44 -4.73 -16.60
CA GLN B 7 -18.58 -5.75 -17.19
C GLN B 7 -18.18 -6.75 -16.12
N GLN B 8 -17.82 -7.96 -16.56
CA GLN B 8 -17.60 -9.07 -15.63
C GLN B 8 -16.11 -9.26 -15.33
N ALA B 9 -15.83 -9.91 -14.20
CA ALA B 9 -14.45 -10.28 -13.90
C ALA B 9 -13.98 -11.40 -14.82
N THR B 10 -12.66 -11.47 -15.01
CA THR B 10 -12.10 -12.59 -15.76
C THR B 10 -12.52 -13.89 -15.09
N LYS B 11 -12.78 -14.91 -15.91
CA LYS B 11 -13.01 -16.24 -15.37
C LYS B 11 -11.72 -17.00 -15.05
N HIS B 12 -10.56 -16.47 -15.47
CA HIS B 12 -9.30 -17.16 -15.24
C HIS B 12 -8.73 -16.88 -13.86
N GLU B 13 -8.26 -17.93 -13.19
CA GLU B 13 -7.54 -17.78 -11.93
C GLU B 13 -6.05 -17.54 -12.15
N SER B 14 -5.44 -18.26 -13.08
CA SER B 14 -4.00 -18.15 -13.33
C SER B 14 -3.67 -16.85 -14.06
N LEU B 15 -2.55 -16.22 -13.68
CA LEU B 15 -2.17 -14.96 -14.33
C LEU B 15 -1.78 -15.18 -15.78
N LEU B 16 -1.12 -16.30 -16.09
CA LEU B 16 -0.74 -16.57 -17.48
C LEU B 16 -1.99 -16.80 -18.33
N ASP B 17 -3.03 -17.43 -17.77
CA ASP B 17 -4.31 -17.49 -18.48
C ASP B 17 -4.92 -16.09 -18.64
N GLN B 18 -4.79 -15.23 -17.63
CA GLN B 18 -5.35 -13.89 -17.73
C GLN B 18 -4.63 -13.06 -18.80
N LEU B 19 -3.31 -13.23 -18.90
CA LEU B 19 -2.50 -12.48 -19.86
C LEU B 19 -2.60 -13.01 -21.27
N SER B 20 -3.13 -14.21 -21.46
CA SER B 20 -3.20 -14.81 -22.78
C SER B 20 -4.08 -13.99 -23.71
N LEU B 21 -3.61 -13.81 -24.95
CA LEU B 21 -4.39 -13.18 -26.01
C LEU B 21 -4.75 -14.17 -27.10
N LYS B 22 -4.60 -15.47 -26.85
CA LYS B 22 -5.02 -16.49 -27.79
C LYS B 22 -6.49 -16.32 -28.15
N GLY B 23 -6.80 -16.45 -29.44
CA GLY B 23 -8.14 -16.21 -29.93
C GLY B 23 -8.55 -14.75 -30.00
N LYS B 24 -7.67 -13.81 -29.65
CA LYS B 24 -8.07 -12.41 -29.65
C LYS B 24 -7.33 -11.62 -30.73
N VAL B 25 -7.91 -10.49 -31.11
CA VAL B 25 -7.38 -9.61 -32.14
C VAL B 25 -7.04 -8.27 -31.51
N VAL B 26 -5.81 -7.80 -31.72
CA VAL B 26 -5.36 -6.50 -31.24
C VAL B 26 -4.97 -5.62 -32.44
N VAL B 27 -5.42 -4.36 -32.42
CA VAL B 27 -5.01 -3.35 -33.40
C VAL B 27 -4.07 -2.36 -32.72
N VAL B 28 -2.92 -2.10 -33.34
CA VAL B 28 -1.95 -1.12 -32.83
C VAL B 28 -1.73 -0.07 -33.91
N THR B 29 -2.23 1.15 -33.70
CA THR B 29 -1.95 2.22 -34.63
C THR B 29 -0.54 2.77 -34.41
N GLY B 30 0.08 3.23 -35.50
CA GLY B 30 1.38 3.87 -35.40
C GLY B 30 2.46 2.95 -34.89
N ALA B 31 2.57 1.78 -35.50
CA ALA B 31 3.57 0.78 -35.15
C ALA B 31 4.44 0.46 -36.35
N SER B 32 4.74 1.48 -37.17
CA SER B 32 5.51 1.30 -38.39
C SER B 32 7.01 1.48 -38.20
N GLY B 33 7.45 2.08 -37.10
CA GLY B 33 8.86 2.34 -36.88
C GLY B 33 9.56 1.16 -36.22
N PRO B 34 10.89 1.21 -36.17
CA PRO B 34 11.65 0.01 -35.79
C PRO B 34 11.75 -0.24 -34.29
N LYS B 35 11.57 0.76 -33.43
CA LYS B 35 11.69 0.53 -31.99
C LYS B 35 10.76 1.48 -31.22
N GLY B 36 9.54 1.70 -31.74
CA GLY B 36 8.59 2.54 -31.06
C GLY B 36 7.74 1.76 -30.07
N MET B 37 6.95 2.52 -29.30
CA MET B 37 5.97 1.91 -28.40
C MET B 37 5.06 0.96 -29.16
N GLY B 38 4.69 1.32 -30.39
CA GLY B 38 3.75 0.52 -31.16
C GLY B 38 4.26 -0.88 -31.46
N ILE B 39 5.47 -0.98 -32.02
CA ILE B 39 5.94 -2.31 -32.41
C ILE B 39 6.22 -3.16 -31.16
N GLU B 40 6.63 -2.53 -30.06
CA GLU B 40 6.85 -3.29 -28.84
C GLU B 40 5.54 -3.77 -28.23
N ALA B 41 4.49 -2.95 -28.27
CA ALA B 41 3.18 -3.43 -27.82
C ALA B 41 2.72 -4.60 -28.68
N ALA B 42 2.93 -4.50 -30.00
CA ALA B 42 2.53 -5.57 -30.91
C ALA B 42 3.32 -6.83 -30.64
N ARG B 43 4.62 -6.70 -30.37
CA ARG B 43 5.44 -7.84 -30.01
C ARG B 43 4.93 -8.52 -28.74
N GLY B 44 4.62 -7.73 -27.71
CA GLY B 44 4.07 -8.30 -26.49
C GLY B 44 2.76 -9.03 -26.72
N CYS B 45 1.85 -8.42 -27.47
CA CYS B 45 0.58 -9.09 -27.75
C CYS B 45 0.78 -10.36 -28.58
N ALA B 46 1.66 -10.29 -29.60
CA ALA B 46 1.98 -11.48 -30.40
C ALA B 46 2.58 -12.58 -29.54
N GLU B 47 3.44 -12.22 -28.60
CA GLU B 47 4.01 -13.21 -27.70
C GLU B 47 2.94 -13.93 -26.88
N MET B 48 1.87 -13.22 -26.51
CA MET B 48 0.74 -13.79 -25.78
C MET B 48 -0.28 -14.46 -26.69
N GLY B 49 0.00 -14.57 -27.99
CA GLY B 49 -0.83 -15.32 -28.91
C GLY B 49 -1.89 -14.53 -29.65
N ALA B 50 -1.88 -13.20 -29.59
CA ALA B 50 -2.85 -12.41 -30.34
C ALA B 50 -2.60 -12.52 -31.84
N ALA B 51 -3.68 -12.35 -32.62
CA ALA B 51 -3.55 -11.86 -33.99
C ALA B 51 -3.43 -10.34 -33.95
N VAL B 52 -2.54 -9.77 -34.77
CA VAL B 52 -2.17 -8.37 -34.62
C VAL B 52 -2.34 -7.62 -35.94
N ALA B 53 -3.05 -6.50 -35.91
CA ALA B 53 -3.10 -5.57 -37.02
C ALA B 53 -2.36 -4.30 -36.62
N ILE B 54 -1.39 -3.86 -37.45
CA ILE B 54 -0.69 -2.61 -37.16
C ILE B 54 -0.97 -1.61 -38.28
N THR B 55 -0.78 -0.31 -37.98
CA THR B 55 -0.98 0.70 -39.00
C THR B 55 0.24 1.57 -39.21
N TYR B 56 0.27 2.20 -40.38
CA TYR B 56 1.29 3.17 -40.75
C TYR B 56 0.61 4.36 -41.42
N ALA B 57 1.33 5.47 -41.47
CA ALA B 57 0.92 6.62 -42.28
C ALA B 57 1.88 6.83 -43.43
N SER B 58 3.15 7.13 -43.15
CA SER B 58 4.15 7.40 -44.18
C SER B 58 5.14 6.28 -44.39
N ARG B 59 5.21 5.30 -43.48
CA ARG B 59 6.27 4.29 -43.52
C ARG B 59 5.70 2.92 -43.82
N ALA B 60 5.19 2.77 -45.05
CA ALA B 60 4.63 1.48 -45.47
C ALA B 60 5.65 0.36 -45.35
N GLN B 61 6.87 0.60 -45.86
CA GLN B 61 7.88 -0.45 -45.84
C GLN B 61 8.25 -0.84 -44.42
N GLY B 62 8.37 0.15 -43.52
CA GLY B 62 8.65 -0.16 -42.13
C GLY B 62 7.59 -1.06 -41.51
N ALA B 63 6.31 -0.79 -41.79
CA ALA B 63 5.23 -1.61 -41.25
C ALA B 63 5.23 -3.01 -41.86
N GLU B 64 5.50 -3.11 -43.16
CA GLU B 64 5.56 -4.43 -43.79
C GLU B 64 6.71 -5.26 -43.23
N GLU B 65 7.85 -4.61 -42.98
CA GLU B 65 8.96 -5.31 -42.32
C GLU B 65 8.57 -5.76 -40.92
N ASN B 66 7.88 -4.91 -40.17
CA ASN B 66 7.48 -5.29 -38.82
C ASN B 66 6.53 -6.49 -38.84
N VAL B 67 5.62 -6.53 -39.83
CA VAL B 67 4.68 -7.66 -39.89
C VAL B 67 5.43 -8.96 -40.18
N LYS B 68 6.40 -8.91 -41.09
CA LYS B 68 7.19 -10.10 -41.38
C LYS B 68 8.00 -10.54 -40.17
N GLU B 69 8.49 -9.58 -39.38
CA GLU B 69 9.19 -9.94 -38.15
C GLU B 69 8.24 -10.63 -37.17
N LEU B 70 7.03 -10.08 -36.97
CA LEU B 70 6.07 -10.74 -36.07
C LEU B 70 5.73 -12.14 -36.57
N GLU B 71 5.59 -12.30 -37.89
CA GLU B 71 5.27 -13.63 -38.42
C GLU B 71 6.44 -14.60 -38.20
N LYS B 72 7.67 -14.13 -38.43
CA LYS B 72 8.85 -14.99 -38.28
C LYS B 72 9.03 -15.42 -36.82
N THR B 73 8.94 -14.47 -35.89
CA THR B 73 9.28 -14.74 -34.50
C THR B 73 8.18 -15.52 -33.77
N TYR B 74 6.91 -15.22 -34.05
CA TYR B 74 5.81 -15.71 -33.25
C TYR B 74 4.81 -16.59 -34.00
N GLY B 75 4.85 -16.60 -35.33
CA GLY B 75 3.93 -17.43 -36.08
C GLY B 75 2.47 -17.03 -35.98
N ILE B 76 2.19 -15.74 -35.77
CA ILE B 76 0.82 -15.26 -35.56
C ILE B 76 0.21 -14.81 -36.88
N LYS B 77 -1.10 -14.59 -36.89
CA LYS B 77 -1.75 -13.87 -37.97
C LYS B 77 -1.50 -12.37 -37.78
N ALA B 78 -0.89 -11.73 -38.78
CA ALA B 78 -0.55 -10.31 -38.66
C ALA B 78 -0.71 -9.62 -40.01
N LYS B 79 -0.95 -8.30 -39.98
CA LYS B 79 -1.17 -7.53 -41.21
C LYS B 79 -1.00 -6.05 -40.94
N ALA B 80 -0.54 -5.31 -41.94
CA ALA B 80 -0.36 -3.86 -41.86
C ALA B 80 -1.43 -3.13 -42.66
N TYR B 81 -1.85 -1.96 -42.15
CA TYR B 81 -2.89 -1.14 -42.79
C TYR B 81 -2.44 0.32 -42.82
N LYS B 82 -2.77 1.00 -43.91
CA LYS B 82 -2.61 2.45 -43.95
C LYS B 82 -3.73 3.11 -43.16
N CYS B 83 -3.36 4.01 -42.24
CA CYS B 83 -4.39 4.76 -41.53
C CYS B 83 -3.86 6.17 -41.23
N GLN B 84 -4.63 7.19 -41.65
CA GLN B 84 -4.38 8.57 -41.23
C GLN B 84 -5.37 8.85 -40.11
N VAL B 85 -4.90 8.83 -38.86
CA VAL B 85 -5.84 8.95 -37.75
C VAL B 85 -6.46 10.33 -37.71
N ASP B 86 -5.88 11.31 -38.42
CA ASP B 86 -6.45 12.64 -38.48
C ASP B 86 -7.72 12.71 -39.33
N SER B 87 -8.05 11.64 -40.05
CA SER B 87 -9.26 11.53 -40.85
C SER B 87 -10.18 10.49 -40.22
N TYR B 88 -11.41 10.90 -39.87
CA TYR B 88 -12.33 9.92 -39.30
C TYR B 88 -12.64 8.81 -40.30
N GLU B 89 -12.77 9.16 -41.58
CA GLU B 89 -13.08 8.16 -42.60
C GLU B 89 -11.99 7.09 -42.68
N SER B 90 -10.74 7.45 -42.44
CA SER B 90 -9.65 6.48 -42.44
C SER B 90 -9.73 5.55 -41.22
N CYS B 91 -10.13 6.06 -40.06
CA CYS B 91 -10.29 5.22 -38.87
C CYS B 91 -11.50 4.29 -39.00
N GLU B 92 -12.61 4.80 -39.56
CA GLU B 92 -13.75 3.96 -39.83
C GLU B 92 -13.39 2.81 -40.78
N LYS B 93 -12.69 3.12 -41.88
CA LYS B 93 -12.27 2.07 -42.82
C LYS B 93 -11.33 1.08 -42.17
N LEU B 94 -10.42 1.56 -41.32
CA LEU B 94 -9.51 0.66 -40.60
C LEU B 94 -10.29 -0.39 -39.82
N VAL B 95 -11.24 0.06 -39.01
CA VAL B 95 -12.00 -0.89 -38.21
C VAL B 95 -12.82 -1.79 -39.10
N LYS B 96 -13.39 -1.24 -40.17
CA LYS B 96 -14.14 -2.06 -41.12
C LYS B 96 -13.26 -3.15 -41.74
N ASP B 97 -12.06 -2.78 -42.17
CA ASP B 97 -11.19 -3.75 -42.84
C ASP B 97 -10.66 -4.78 -41.85
N VAL B 98 -10.27 -4.37 -40.64
CA VAL B 98 -9.75 -5.34 -39.67
C VAL B 98 -10.84 -6.32 -39.24
N VAL B 99 -12.05 -5.82 -38.97
CA VAL B 99 -13.15 -6.73 -38.61
C VAL B 99 -13.41 -7.71 -39.75
N ALA B 100 -13.32 -7.24 -40.99
CA ALA B 100 -13.49 -8.12 -42.14
C ALA B 100 -12.37 -9.15 -42.22
N ASP B 101 -11.12 -8.72 -42.08
CA ASP B 101 -9.98 -9.62 -42.32
C ASP B 101 -9.75 -10.58 -41.16
N PHE B 102 -9.95 -10.10 -39.92
CA PHE B 102 -9.66 -10.89 -38.73
C PHE B 102 -10.89 -11.36 -38.00
N GLY B 103 -12.08 -10.86 -38.35
CA GLY B 103 -13.32 -11.30 -37.75
C GLY B 103 -13.85 -10.39 -36.65
N GLN B 104 -12.98 -9.68 -35.93
CA GLN B 104 -13.39 -8.90 -34.77
C GLN B 104 -12.17 -8.12 -34.29
N ILE B 105 -12.39 -7.21 -33.34
CA ILE B 105 -11.31 -6.52 -32.63
C ILE B 105 -11.59 -6.64 -31.14
N ASP B 106 -10.66 -7.25 -30.41
CA ASP B 106 -10.80 -7.38 -28.96
C ASP B 106 -10.13 -6.25 -28.20
N ALA B 107 -8.95 -5.83 -28.65
CA ALA B 107 -8.28 -4.72 -28.00
C ALA B 107 -7.77 -3.77 -29.07
N PHE B 108 -7.76 -2.48 -28.74
CA PHE B 108 -7.36 -1.45 -29.68
C PHE B 108 -6.38 -0.55 -28.94
N ILE B 109 -5.19 -0.40 -29.49
CA ILE B 109 -4.14 0.37 -28.87
C ILE B 109 -3.97 1.64 -29.70
N ALA B 110 -4.49 2.76 -29.20
CA ALA B 110 -4.48 4.02 -29.94
C ALA B 110 -3.18 4.73 -29.59
N ASN B 111 -2.21 4.61 -30.49
CA ASN B 111 -0.81 4.92 -30.25
C ASN B 111 -0.23 5.95 -31.22
N ALA B 112 -0.85 6.20 -32.37
CA ALA B 112 -0.30 7.15 -33.33
C ALA B 112 -0.24 8.54 -32.73
N GLY B 113 0.80 9.30 -33.10
CA GLY B 113 0.91 10.67 -32.65
C GLY B 113 2.06 11.38 -33.30
N ALA B 114 1.99 12.71 -33.30
CA ALA B 114 3.05 13.54 -33.84
C ALA B 114 3.44 14.59 -32.79
N THR B 115 4.64 15.14 -32.96
CA THR B 115 5.21 16.07 -32.00
C THR B 115 4.96 17.53 -32.42
N ALA B 116 5.14 18.43 -31.47
CA ALA B 116 5.15 19.87 -31.70
C ALA B 116 6.58 20.37 -31.61
N ASP B 117 6.83 21.57 -32.15
CA ASP B 117 8.19 22.08 -32.12
C ASP B 117 8.27 23.54 -31.70
N SER B 118 7.26 24.06 -31.00
CA SER B 118 7.30 25.44 -30.54
C SER B 118 6.12 25.64 -29.58
N GLY B 119 6.19 26.75 -28.83
CA GLY B 119 5.05 27.23 -28.08
C GLY B 119 4.06 27.96 -28.96
N ILE B 120 3.00 28.46 -28.31
CA ILE B 120 1.86 28.95 -29.09
C ILE B 120 2.12 30.33 -29.73
N LEU B 121 2.99 31.15 -29.13
CA LEU B 121 3.22 32.47 -29.72
C LEU B 121 4.14 32.40 -30.93
N ASP B 122 5.20 31.57 -30.85
CA ASP B 122 6.07 31.37 -32.02
C ASP B 122 5.39 30.53 -33.09
N GLY B 123 4.49 29.63 -32.70
CA GLY B 123 3.83 28.80 -33.67
C GLY B 123 2.65 29.48 -34.32
N SER B 124 2.34 29.05 -35.54
CA SER B 124 1.15 29.52 -36.22
C SER B 124 -0.09 28.80 -35.69
N VAL B 125 -1.25 29.37 -36.00
CA VAL B 125 -2.52 28.71 -35.68
C VAL B 125 -2.60 27.35 -36.38
N GLU B 126 -2.06 27.28 -37.60
CA GLU B 126 -2.11 26.01 -38.32
C GLU B 126 -1.20 24.97 -37.66
N ALA B 127 -0.09 25.40 -37.07
CA ALA B 127 0.75 24.43 -36.36
C ALA B 127 0.04 23.87 -35.13
N TRP B 128 -0.74 24.71 -34.43
CA TRP B 128 -1.55 24.20 -33.33
C TRP B 128 -2.60 23.21 -33.84
N ASN B 129 -3.30 23.59 -34.91
CA ASN B 129 -4.38 22.76 -35.45
C ASN B 129 -3.87 21.38 -35.84
N HIS B 130 -2.68 21.32 -36.45
CA HIS B 130 -2.17 20.06 -36.94
C HIS B 130 -1.86 19.08 -35.79
N VAL B 131 -1.29 19.59 -34.70
CA VAL B 131 -0.96 18.72 -33.56
C VAL B 131 -2.24 18.28 -32.86
N VAL B 132 -3.21 19.20 -32.68
CA VAL B 132 -4.48 18.81 -32.06
C VAL B 132 -5.24 17.84 -32.96
N GLN B 133 -5.20 18.05 -34.28
CA GLN B 133 -5.94 17.17 -35.17
C GLN B 133 -5.41 15.74 -35.12
N VAL B 134 -4.08 15.57 -35.05
CA VAL B 134 -3.52 14.22 -35.05
C VAL B 134 -3.61 13.59 -33.68
N ASP B 135 -3.13 14.31 -32.64
CA ASP B 135 -2.95 13.70 -31.32
C ASP B 135 -4.25 13.67 -30.51
N LEU B 136 -5.09 14.68 -30.62
CA LEU B 136 -6.34 14.65 -29.85
C LEU B 136 -7.50 14.09 -30.66
N ASN B 137 -7.78 14.69 -31.80
CA ASN B 137 -8.91 14.23 -32.61
C ASN B 137 -8.61 12.89 -33.27
N GLY B 138 -7.35 12.62 -33.59
CA GLY B 138 -7.01 11.30 -34.11
C GLY B 138 -7.34 10.22 -33.12
N THR B 139 -7.10 10.47 -31.83
CA THR B 139 -7.43 9.48 -30.81
C THR B 139 -8.95 9.37 -30.65
N PHE B 140 -9.65 10.50 -30.70
CA PHE B 140 -11.11 10.47 -30.68
C PHE B 140 -11.66 9.70 -31.89
N HIS B 141 -11.03 9.85 -33.06
CA HIS B 141 -11.51 9.14 -34.26
C HIS B 141 -11.38 7.64 -34.11
N CYS B 142 -10.25 7.16 -33.58
CA CYS B 142 -10.06 5.74 -33.33
C CYS B 142 -11.02 5.21 -32.27
N ALA B 143 -11.19 5.97 -31.17
CA ALA B 143 -12.10 5.55 -30.12
C ALA B 143 -13.53 5.41 -30.65
N LYS B 144 -14.03 6.46 -31.30
CA LYS B 144 -15.38 6.40 -31.86
C LYS B 144 -15.52 5.23 -32.85
N ALA B 145 -14.57 5.11 -33.79
CA ALA B 145 -14.68 4.06 -34.80
C ALA B 145 -14.66 2.68 -34.17
N VAL B 146 -13.74 2.42 -33.23
CA VAL B 146 -13.68 1.08 -32.64
C VAL B 146 -14.77 0.91 -31.58
N GLY B 147 -15.15 1.99 -30.88
CA GLY B 147 -16.16 1.88 -29.86
C GLY B 147 -17.52 1.45 -30.38
N HIS B 148 -17.85 1.85 -31.61
CA HIS B 148 -19.05 1.31 -32.22
C HIS B 148 -18.96 -0.21 -32.32
N HIS B 149 -17.77 -0.74 -32.62
CA HIS B 149 -17.61 -2.19 -32.71
C HIS B 149 -17.71 -2.84 -31.32
N PHE B 150 -17.03 -2.26 -30.31
CA PHE B 150 -17.10 -2.78 -28.95
C PHE B 150 -18.54 -2.82 -28.43
N LYS B 151 -19.32 -1.78 -28.73
CA LYS B 151 -20.70 -1.76 -28.27
C LYS B 151 -21.50 -2.91 -28.89
N GLU B 152 -21.28 -3.20 -30.18
CA GLU B 152 -22.01 -4.31 -30.78
C GLU B 152 -21.55 -5.65 -30.22
N ARG B 153 -20.27 -5.77 -29.87
CA ARG B 153 -19.78 -7.05 -29.36
C ARG B 153 -20.05 -7.25 -27.87
N GLY B 154 -20.19 -6.17 -27.11
CA GLY B 154 -20.38 -6.31 -25.69
C GLY B 154 -19.11 -6.43 -24.89
N THR B 155 -17.95 -6.26 -25.52
CA THR B 155 -16.68 -6.41 -24.84
C THR B 155 -15.64 -5.62 -25.61
N GLY B 156 -14.58 -5.20 -24.91
CA GLY B 156 -13.45 -4.58 -25.58
C GLY B 156 -12.50 -3.91 -24.62
N SER B 157 -11.28 -3.60 -25.08
CA SER B 157 -10.33 -2.83 -24.30
C SER B 157 -9.64 -1.82 -25.20
N LEU B 158 -9.69 -0.55 -24.81
CA LEU B 158 -9.04 0.54 -25.55
C LEU B 158 -7.91 1.08 -24.68
N VAL B 159 -6.69 1.07 -25.21
CA VAL B 159 -5.50 1.58 -24.52
C VAL B 159 -5.00 2.77 -25.32
N ILE B 160 -4.91 3.93 -24.68
CA ILE B 160 -4.52 5.17 -25.34
C ILE B 160 -3.09 5.51 -24.93
N THR B 161 -2.20 5.71 -25.91
CA THR B 161 -0.87 6.22 -25.56
C THR B 161 -0.95 7.72 -25.38
N ALA B 162 -0.85 8.17 -24.14
CA ALA B 162 -0.84 9.59 -23.83
C ALA B 162 0.62 10.05 -23.70
N SER B 163 1.02 10.71 -22.61
CA SER B 163 2.38 11.16 -22.42
C SER B 163 2.45 11.82 -21.04
N MET B 164 3.61 11.79 -20.38
CA MET B 164 3.75 12.62 -19.19
C MET B 164 3.58 14.10 -19.51
N SER B 165 3.77 14.49 -20.77
CA SER B 165 3.44 15.85 -21.22
C SER B 165 1.97 16.20 -21.00
N GLY B 166 1.10 15.21 -20.88
CA GLY B 166 -0.27 15.50 -20.50
C GLY B 166 -0.45 15.82 -19.03
N HIS B 167 0.59 15.57 -18.21
CA HIS B 167 0.61 15.89 -16.79
C HIS B 167 1.44 17.13 -16.48
N ILE B 168 2.55 17.32 -17.17
CA ILE B 168 3.48 18.41 -16.88
C ILE B 168 3.81 19.14 -18.16
N ALA B 169 4.48 20.29 -18.02
CA ALA B 169 5.01 21.06 -19.14
C ALA B 169 6.50 20.77 -19.30
N ASN B 170 6.87 20.22 -20.45
CA ASN B 170 8.26 19.87 -20.71
C ASN B 170 9.14 21.11 -20.70
N PHE B 171 10.43 20.88 -20.44
CA PHE B 171 11.40 21.95 -20.28
C PHE B 171 12.73 21.39 -20.77
N PRO B 172 13.55 22.18 -21.48
CA PRO B 172 13.28 23.57 -21.85
C PRO B 172 12.55 23.77 -23.18
N GLN B 173 12.24 22.70 -23.91
CA GLN B 173 11.57 22.87 -25.21
C GLN B 173 10.10 23.21 -25.00
N GLU B 174 9.60 24.17 -25.79
CA GLU B 174 8.20 24.59 -25.69
C GLU B 174 7.34 23.76 -26.64
N GLN B 175 6.23 23.22 -26.13
CA GLN B 175 5.38 22.37 -26.96
C GLN B 175 3.95 22.26 -26.43
N THR B 176 3.37 23.42 -26.06
CA THR B 176 2.08 23.46 -25.38
C THR B 176 0.98 22.77 -26.16
N SER B 177 0.99 22.87 -27.50
CA SER B 177 -0.04 22.18 -28.27
C SER B 177 0.01 20.68 -28.05
N TYR B 178 1.22 20.11 -28.04
CA TYR B 178 1.38 18.69 -27.75
C TYR B 178 0.95 18.36 -26.31
N ASN B 179 1.38 19.18 -25.34
CA ASN B 179 1.02 18.94 -23.94
C ASN B 179 -0.50 18.93 -23.76
N VAL B 180 -1.17 19.90 -24.38
CA VAL B 180 -2.61 20.05 -24.25
C VAL B 180 -3.34 18.87 -24.88
N ALA B 181 -2.90 18.43 -26.07
CA ALA B 181 -3.56 17.31 -26.74
C ALA B 181 -3.42 16.03 -25.92
N LYS B 182 -2.24 15.80 -25.35
CA LYS B 182 -2.03 14.62 -24.51
C LYS B 182 -2.85 14.70 -23.23
N ALA B 183 -3.00 15.91 -22.66
CA ALA B 183 -3.90 16.03 -21.52
C ALA B 183 -5.33 15.63 -21.89
N GLY B 184 -5.79 16.04 -23.08
CA GLY B 184 -7.13 15.66 -23.50
C GLY B 184 -7.26 14.16 -23.67
N CYS B 185 -6.22 13.52 -24.19
CA CYS B 185 -6.20 12.06 -24.32
C CYS B 185 -6.37 11.37 -22.98
N ILE B 186 -5.64 11.84 -21.94
CA ILE B 186 -5.72 11.23 -20.61
C ILE B 186 -7.14 11.31 -20.08
N HIS B 187 -7.76 12.48 -20.17
CA HIS B 187 -9.13 12.61 -19.67
C HIS B 187 -10.13 11.91 -20.57
N MET B 188 -9.82 11.77 -21.85
CA MET B 188 -10.66 10.97 -22.73
C MET B 188 -10.77 9.54 -22.21
N ALA B 189 -9.66 8.96 -21.76
CA ALA B 189 -9.69 7.60 -21.21
C ALA B 189 -10.66 7.50 -20.04
N ARG B 190 -10.57 8.44 -19.08
CA ARG B 190 -11.50 8.47 -17.95
C ARG B 190 -12.95 8.62 -18.39
N SER B 191 -13.20 9.58 -19.29
CA SER B 191 -14.56 9.90 -19.68
C SER B 191 -15.18 8.78 -20.50
N LEU B 192 -14.40 8.12 -21.37
CA LEU B 192 -14.93 6.97 -22.10
C LEU B 192 -15.09 5.74 -21.21
N ALA B 193 -14.22 5.58 -20.19
CA ALA B 193 -14.40 4.48 -19.25
C ALA B 193 -15.78 4.54 -18.63
N ASN B 194 -16.23 5.74 -18.29
CA ASN B 194 -17.59 5.89 -17.77
C ASN B 194 -18.63 5.75 -18.88
N GLU B 195 -18.42 6.37 -20.05
CA GLU B 195 -19.45 6.28 -21.10
C GLU B 195 -19.66 4.82 -21.53
N TRP B 196 -18.57 4.06 -21.64
CA TRP B 196 -18.63 2.69 -22.14
C TRP B 196 -18.71 1.65 -21.03
N ARG B 197 -19.17 2.05 -19.84
CA ARG B 197 -19.07 1.20 -18.65
C ARG B 197 -19.76 -0.15 -18.82
N ASP B 198 -20.76 -0.26 -19.69
CA ASP B 198 -21.46 -1.52 -19.88
C ASP B 198 -20.78 -2.44 -20.89
N PHE B 199 -19.70 -2.03 -21.55
CA PHE B 199 -19.20 -2.94 -22.57
C PHE B 199 -17.69 -2.91 -22.85
N ALA B 200 -16.94 -1.98 -22.29
CA ALA B 200 -15.53 -1.91 -22.63
C ALA B 200 -14.76 -1.12 -21.57
N ARG B 201 -13.50 -1.49 -21.39
CA ARG B 201 -12.56 -0.75 -20.55
C ARG B 201 -11.72 0.19 -21.41
N VAL B 202 -11.33 1.32 -20.82
CA VAL B 202 -10.49 2.33 -21.46
C VAL B 202 -9.47 2.82 -20.44
N ASN B 203 -8.19 2.77 -20.81
CA ASN B 203 -7.09 3.18 -19.94
C ASN B 203 -6.03 3.87 -20.78
N SER B 204 -5.12 4.57 -20.12
CA SER B 204 -4.07 5.31 -20.82
C SER B 204 -2.73 5.02 -20.17
N ILE B 205 -1.68 5.10 -21.00
CA ILE B 205 -0.30 4.97 -20.56
C ILE B 205 0.38 6.28 -20.93
N SER B 206 1.09 6.88 -19.96
CA SER B 206 1.76 8.16 -20.18
C SER B 206 3.27 7.98 -20.11
N PRO B 207 3.94 7.74 -21.22
CA PRO B 207 5.39 7.52 -21.18
C PRO B 207 6.16 8.81 -20.94
N GLY B 208 7.34 8.67 -20.34
CA GLY B 208 8.30 9.76 -20.26
C GLY B 208 9.13 9.81 -21.51
N TYR B 209 10.40 10.20 -21.36
CA TYR B 209 11.31 10.28 -22.49
C TYR B 209 11.73 8.86 -22.87
N ILE B 210 11.25 8.37 -24.02
CA ILE B 210 11.56 7.03 -24.51
C ILE B 210 12.42 7.19 -25.75
N ASP B 211 13.54 6.46 -25.79
CA ASP B 211 14.47 6.47 -26.92
C ASP B 211 13.87 5.61 -28.05
N THR B 212 13.02 6.24 -28.88
CA THR B 212 12.36 5.59 -29.99
C THR B 212 12.81 6.11 -31.35
N GLY B 213 13.46 7.28 -31.38
CA GLY B 213 13.69 8.02 -32.59
C GLY B 213 12.78 9.22 -32.77
N LEU B 214 11.63 9.23 -32.08
CA LEU B 214 10.68 10.32 -32.23
C LEU B 214 11.27 11.67 -31.81
N SER B 215 12.22 11.68 -30.88
CA SER B 215 12.82 12.92 -30.38
C SER B 215 14.17 13.24 -31.04
N ASP B 216 14.47 12.61 -32.18
CA ASP B 216 15.80 12.81 -32.77
C ASP B 216 16.00 14.22 -33.31
N PHE B 217 14.92 14.95 -33.62
CA PHE B 217 14.98 16.34 -34.08
C PHE B 217 15.39 17.32 -32.97
N VAL B 218 15.60 16.84 -31.75
CA VAL B 218 15.96 17.70 -30.61
C VAL B 218 17.48 17.72 -30.48
N PRO B 219 18.10 18.88 -30.27
CA PRO B 219 19.55 18.94 -30.13
C PRO B 219 20.06 18.01 -29.04
N LYS B 220 21.33 17.59 -29.19
CA LYS B 220 21.96 16.68 -28.22
C LYS B 220 21.95 17.29 -26.82
N GLU B 221 22.32 18.56 -26.70
CA GLU B 221 22.57 19.15 -25.38
C GLU B 221 21.28 19.40 -24.61
N THR B 222 20.16 19.55 -25.31
CA THR B 222 18.87 19.56 -24.62
C THR B 222 18.58 18.21 -23.96
N GLN B 223 18.99 17.11 -24.61
CA GLN B 223 18.66 15.78 -24.11
C GLN B 223 19.49 15.40 -22.89
N GLN B 224 20.67 16.00 -22.69
CA GLN B 224 21.42 15.74 -21.46
C GLN B 224 20.85 16.51 -20.28
N LEU B 225 20.18 17.63 -20.53
CA LEU B 225 19.42 18.32 -19.49
C LEU B 225 18.28 17.45 -19.00
N TRP B 226 17.56 16.83 -19.93
CA TRP B 226 16.47 15.92 -19.58
C TRP B 226 16.93 14.86 -18.59
N HIS B 227 18.13 14.31 -18.82
CA HIS B 227 18.61 13.21 -17.99
C HIS B 227 18.79 13.63 -16.55
N SER B 228 19.25 14.87 -16.32
CA SER B 228 19.41 15.35 -14.95
C SER B 228 18.06 15.54 -14.26
N MET B 229 16.96 15.56 -15.01
CA MET B 229 15.62 15.72 -14.46
C MET B 229 14.89 14.40 -14.28
N ILE B 230 15.41 13.30 -14.85
CA ILE B 230 14.82 11.98 -14.69
C ILE B 230 15.51 11.31 -13.51
N PRO B 231 14.78 10.97 -12.44
CA PRO B 231 15.43 10.30 -11.30
C PRO B 231 16.23 9.07 -11.70
N MET B 232 15.71 8.24 -12.60
CA MET B 232 16.49 7.10 -13.07
C MET B 232 17.72 7.48 -13.91
N GLY B 233 17.82 8.72 -14.37
CA GLY B 233 19.03 9.19 -15.03
C GLY B 233 19.22 8.75 -16.46
N ARG B 234 18.16 8.30 -17.14
CA ARG B 234 18.30 7.73 -18.48
C ARG B 234 16.97 7.82 -19.21
N ASP B 235 17.04 7.68 -20.54
CA ASP B 235 15.85 7.47 -21.35
C ASP B 235 15.28 6.08 -21.08
N GLY B 236 13.98 5.94 -21.27
CA GLY B 236 13.40 4.62 -21.31
C GLY B 236 13.56 3.99 -22.69
N LEU B 237 13.26 2.70 -22.76
CA LEU B 237 13.21 1.94 -24.01
C LEU B 237 11.81 1.40 -24.22
N ALA B 238 11.39 1.33 -25.50
CA ALA B 238 10.02 0.90 -25.79
C ALA B 238 9.73 -0.48 -25.22
N LYS B 239 10.73 -1.37 -25.15
CA LYS B 239 10.51 -2.71 -24.62
C LYS B 239 10.22 -2.73 -23.12
N GLU B 240 10.48 -1.62 -22.42
CA GLU B 240 10.08 -1.49 -21.02
C GLU B 240 8.62 -1.11 -20.86
N LEU B 241 7.90 -0.87 -21.95
CA LEU B 241 6.49 -0.53 -21.87
C LEU B 241 5.59 -1.65 -22.36
N LYS B 242 6.14 -2.71 -22.94
CA LYS B 242 5.28 -3.73 -23.53
C LYS B 242 4.41 -4.42 -22.46
N GLY B 243 4.95 -4.60 -21.25
CA GLY B 243 4.16 -5.21 -20.19
C GLY B 243 2.90 -4.43 -19.86
N ALA B 244 2.99 -3.09 -19.90
CA ALA B 244 1.83 -2.27 -19.61
C ALA B 244 0.77 -2.37 -20.70
N TYR B 245 1.19 -2.44 -21.97
CA TYR B 245 0.20 -2.54 -23.04
C TYR B 245 -0.54 -3.87 -22.96
N VAL B 246 0.19 -4.96 -22.75
CA VAL B 246 -0.43 -6.28 -22.61
C VAL B 246 -1.31 -6.33 -21.37
N TYR B 247 -0.84 -5.73 -20.26
CA TYR B 247 -1.65 -5.68 -19.05
C TYR B 247 -3.04 -5.14 -19.34
N PHE B 248 -3.12 -3.97 -19.98
CA PHE B 248 -4.39 -3.30 -20.22
C PHE B 248 -5.20 -3.99 -21.31
N ALA B 249 -4.53 -4.54 -22.34
CA ALA B 249 -5.26 -5.17 -23.42
C ALA B 249 -5.85 -6.53 -23.02
N SER B 250 -5.24 -7.21 -22.04
CA SER B 250 -5.59 -8.57 -21.67
C SER B 250 -6.58 -8.62 -20.49
N ASP B 251 -6.94 -9.85 -20.13
CA ASP B 251 -7.79 -10.12 -18.99
C ASP B 251 -7.07 -10.01 -17.65
N ALA B 252 -5.80 -9.58 -17.62
CA ALA B 252 -5.16 -9.31 -16.33
C ALA B 252 -5.69 -8.05 -15.66
N SER B 253 -6.54 -7.28 -16.34
CA SER B 253 -6.94 -5.96 -15.85
C SER B 253 -8.45 -5.77 -15.90
N THR B 254 -9.24 -6.80 -15.58
CA THR B 254 -10.68 -6.73 -15.83
C THR B 254 -11.45 -5.88 -14.81
N TYR B 255 -10.79 -5.31 -13.79
CA TYR B 255 -11.40 -4.28 -12.94
C TYR B 255 -10.69 -2.94 -13.09
N THR B 256 -9.78 -2.83 -14.04
CA THR B 256 -9.02 -1.60 -14.28
C THR B 256 -9.65 -0.86 -15.44
N THR B 257 -10.28 0.28 -15.16
CA THR B 257 -10.83 1.09 -16.23
C THR B 257 -10.80 2.55 -15.81
N GLY B 258 -10.40 3.41 -16.74
CA GLY B 258 -10.22 4.82 -16.43
C GLY B 258 -8.95 5.12 -15.67
N ALA B 259 -7.98 4.22 -15.70
CA ALA B 259 -6.70 4.45 -15.06
C ALA B 259 -5.70 5.02 -16.05
N ASP B 260 -4.72 5.74 -15.52
CA ASP B 260 -3.57 6.20 -16.26
C ASP B 260 -2.32 5.68 -15.57
N LEU B 261 -1.36 5.19 -16.35
CA LEU B 261 -0.14 4.61 -15.79
C LEU B 261 1.05 5.43 -16.30
N LEU B 262 1.70 6.14 -15.39
CA LEU B 262 2.89 6.91 -15.77
C LEU B 262 4.09 5.98 -15.84
N ILE B 263 4.82 6.05 -16.95
CA ILE B 263 6.02 5.24 -17.12
C ILE B 263 7.17 6.15 -17.53
N ASP B 264 7.82 6.77 -16.55
CA ASP B 264 8.59 7.96 -16.90
C ASP B 264 9.92 8.06 -16.18
N GLY B 265 10.45 6.97 -15.63
CA GLY B 265 11.67 7.03 -14.86
C GLY B 265 11.57 7.85 -13.59
N GLY B 266 10.36 8.15 -13.12
CA GLY B 266 10.17 9.01 -11.97
C GLY B 266 10.14 10.50 -12.24
N TYR B 267 10.06 10.91 -13.51
CA TYR B 267 10.17 12.34 -13.86
C TYR B 267 9.07 13.16 -13.18
N THR B 268 7.84 12.65 -13.17
CA THR B 268 6.77 13.41 -12.58
C THR B 268 6.76 13.39 -11.05
N THR B 269 7.65 12.64 -10.38
CA THR B 269 7.68 12.72 -8.92
C THR B 269 8.25 14.05 -8.46
N ARG B 270 9.12 14.67 -9.26
CA ARG B 270 9.68 15.97 -8.88
C ARG B 270 8.82 17.13 -9.34
N PRO C 5 24.16 4.73 -9.56
CA PRO C 5 23.84 5.98 -10.27
C PRO C 5 22.67 5.78 -11.23
N GLY C 6 21.45 5.99 -10.75
CA GLY C 6 20.26 5.53 -11.48
C GLY C 6 20.13 4.01 -11.46
N GLN C 7 19.20 3.53 -12.28
CA GLN C 7 18.92 2.11 -12.44
C GLN C 7 18.81 1.83 -13.93
N GLN C 8 18.99 0.57 -14.32
CA GLN C 8 19.11 0.22 -15.73
C GLN C 8 17.87 -0.53 -16.22
N ALA C 9 17.71 -0.54 -17.55
CA ALA C 9 16.59 -1.25 -18.17
C ALA C 9 16.81 -2.76 -18.09
N THR C 10 15.71 -3.51 -18.06
CA THR C 10 15.79 -4.97 -18.13
C THR C 10 16.64 -5.38 -19.33
N LYS C 11 17.43 -6.46 -19.16
CA LYS C 11 18.17 -7.06 -20.26
C LYS C 11 17.28 -7.93 -21.14
N HIS C 12 16.08 -8.27 -20.66
CA HIS C 12 15.22 -9.20 -21.36
C HIS C 12 14.42 -8.47 -22.44
N GLU C 13 14.22 -9.13 -23.57
CA GLU C 13 13.36 -8.63 -24.63
C GLU C 13 11.96 -9.20 -24.58
N SER C 14 11.83 -10.49 -24.28
CA SER C 14 10.53 -11.14 -24.20
C SER C 14 9.80 -10.76 -22.91
N LEU C 15 8.49 -10.54 -23.03
CA LEU C 15 7.68 -10.16 -21.88
C LEU C 15 7.60 -11.28 -20.86
N LEU C 16 7.52 -12.53 -21.33
CA LEU C 16 7.49 -13.64 -20.39
C LEU C 16 8.78 -13.69 -19.58
N ASP C 17 9.93 -13.44 -20.22
CA ASP C 17 11.19 -13.38 -19.46
C ASP C 17 11.20 -12.21 -18.50
N GLN C 18 10.60 -11.08 -18.92
CA GLN C 18 10.51 -9.89 -18.05
C GLN C 18 9.65 -10.16 -16.82
N LEU C 19 8.54 -10.88 -16.98
CA LEU C 19 7.64 -11.18 -15.88
C LEU C 19 8.18 -12.26 -14.95
N SER C 20 9.12 -13.07 -15.42
CA SER C 20 9.62 -14.18 -14.62
C SER C 20 10.20 -13.70 -13.29
N LEU C 21 9.84 -14.39 -12.21
CA LEU C 21 10.43 -14.13 -10.90
C LEU C 21 11.28 -15.30 -10.42
N LYS C 22 11.65 -16.20 -11.33
CA LYS C 22 12.57 -17.28 -11.03
C LYS C 22 13.89 -16.74 -10.49
N GLY C 23 14.39 -17.33 -9.41
CA GLY C 23 15.56 -16.83 -8.71
C GLY C 23 15.33 -15.59 -7.84
N LYS C 24 14.11 -15.08 -7.75
CA LYS C 24 13.83 -13.90 -6.93
C LYS C 24 12.99 -14.25 -5.71
N VAL C 25 12.98 -13.33 -4.74
CA VAL C 25 12.29 -13.49 -3.46
C VAL C 25 11.33 -12.32 -3.29
N VAL C 26 10.08 -12.64 -2.98
CA VAL C 26 9.03 -11.64 -2.80
C VAL C 26 8.45 -11.77 -1.38
N VAL C 27 8.36 -10.66 -0.67
CA VAL C 27 7.69 -10.58 0.63
C VAL C 27 6.35 -9.91 0.42
N VAL C 28 5.29 -10.50 0.97
CA VAL C 28 3.94 -9.95 0.87
C VAL C 28 3.40 -9.82 2.29
N THR C 29 3.26 -8.60 2.80
CA THR C 29 2.72 -8.47 4.12
C THR C 29 1.20 -8.61 4.11
N GLY C 30 0.65 -9.10 5.22
CA GLY C 30 -0.78 -9.30 5.34
C GLY C 30 -1.41 -10.16 4.28
N ALA C 31 -0.91 -11.38 4.10
CA ALA C 31 -1.45 -12.30 3.11
C ALA C 31 -2.01 -13.54 3.79
N SER C 32 -2.54 -13.35 5.00
CA SER C 32 -3.02 -14.48 5.80
C SER C 32 -4.48 -14.81 5.53
N GLY C 33 -5.21 -13.96 4.83
CA GLY C 33 -6.61 -14.22 4.56
C GLY C 33 -6.80 -15.10 3.36
N PRO C 34 -8.03 -15.61 3.20
CA PRO C 34 -8.31 -16.55 2.12
C PRO C 34 -8.52 -15.92 0.75
N LYS C 35 -8.87 -14.63 0.66
CA LYS C 35 -9.11 -14.03 -0.65
C LYS C 35 -8.76 -12.55 -0.65
N GLY C 36 -7.66 -12.19 0.01
CA GLY C 36 -7.23 -10.80 0.06
C GLY C 36 -6.25 -10.49 -1.07
N MET C 37 -5.93 -9.20 -1.19
CA MET C 37 -4.92 -8.77 -2.15
C MET C 37 -3.61 -9.49 -1.91
N GLY C 38 -3.29 -9.74 -0.63
CA GLY C 38 -2.01 -10.35 -0.30
C GLY C 38 -1.83 -11.74 -0.88
N ILE C 39 -2.79 -12.63 -0.63
CA ILE C 39 -2.61 -13.99 -1.12
C ILE C 39 -2.70 -14.03 -2.65
N GLU C 40 -3.44 -13.11 -3.27
CA GLU C 40 -3.45 -13.17 -4.73
C GLU C 40 -2.17 -12.61 -5.31
N ALA C 41 -1.63 -11.55 -4.72
CA ALA C 41 -0.30 -11.10 -5.12
C ALA C 41 0.73 -12.21 -4.94
N ALA C 42 0.65 -12.94 -3.81
CA ALA C 42 1.57 -14.04 -3.54
C ALA C 42 1.41 -15.18 -4.56
N ARG C 43 0.17 -15.49 -4.94
CA ARG C 43 -0.05 -16.52 -5.97
C ARG C 43 0.48 -16.06 -7.32
N GLY C 44 0.24 -14.81 -7.70
CA GLY C 44 0.77 -14.31 -8.94
C GLY C 44 2.29 -14.40 -9.00
N CYS C 45 2.96 -13.96 -7.94
CA CYS C 45 4.41 -14.05 -7.91
C CYS C 45 4.90 -15.50 -7.87
N ALA C 46 4.23 -16.38 -7.11
CA ALA C 46 4.61 -17.79 -7.08
C ALA C 46 4.49 -18.40 -8.47
N GLU C 47 3.45 -18.01 -9.21
CA GLU C 47 3.22 -18.55 -10.55
C GLU C 47 4.36 -18.20 -11.49
N MET C 48 4.96 -17.02 -11.31
CA MET C 48 6.10 -16.58 -12.13
C MET C 48 7.43 -17.15 -11.63
N GLY C 49 7.41 -17.99 -10.59
CA GLY C 49 8.60 -18.68 -10.11
C GLY C 49 9.26 -18.10 -8.87
N ALA C 50 8.63 -17.13 -8.20
CA ALA C 50 9.24 -16.52 -7.02
C ALA C 50 9.18 -17.45 -5.81
N ALA C 51 10.22 -17.40 -4.98
CA ALA C 51 10.08 -17.76 -3.57
C ALA C 51 9.35 -16.64 -2.85
N VAL C 52 8.44 -17.00 -1.94
CA VAL C 52 7.47 -16.04 -1.39
C VAL C 52 7.45 -16.16 0.13
N ALA C 53 7.67 -15.03 0.81
CA ALA C 53 7.45 -14.92 2.25
C ALA C 53 6.18 -14.10 2.49
N ILE C 54 5.25 -14.63 3.28
CA ILE C 54 4.02 -13.91 3.59
C ILE C 54 3.95 -13.68 5.09
N THR C 55 3.26 -12.61 5.49
CA THR C 55 3.14 -12.32 6.92
C THR C 55 1.69 -12.40 7.37
N TYR C 56 1.53 -12.60 8.68
CA TYR C 56 0.25 -12.60 9.35
C TYR C 56 0.39 -11.81 10.64
N ALA C 57 -0.75 -11.37 11.18
CA ALA C 57 -0.80 -10.77 12.51
C ALA C 57 -1.64 -11.65 13.43
N SER C 58 -2.96 -11.71 13.24
CA SER C 58 -3.81 -12.54 14.07
C SER C 58 -4.07 -13.91 13.48
N ARG C 59 -3.95 -14.08 12.17
CA ARG C 59 -4.37 -15.33 11.55
C ARG C 59 -3.15 -16.19 11.19
N ALA C 60 -2.54 -16.76 12.23
CA ALA C 60 -1.41 -17.67 12.05
C ALA C 60 -1.80 -18.90 11.24
N GLN C 61 -2.93 -19.52 11.58
CA GLN C 61 -3.32 -20.75 10.89
C GLN C 61 -3.69 -20.48 9.43
N GLY C 62 -4.38 -19.37 9.18
CA GLY C 62 -4.70 -19.01 7.81
C GLY C 62 -3.45 -18.80 6.96
N ALA C 63 -2.41 -18.19 7.53
CA ALA C 63 -1.17 -18.01 6.77
C ALA C 63 -0.50 -19.35 6.48
N GLU C 64 -0.48 -20.26 7.47
CA GLU C 64 0.17 -21.55 7.26
C GLU C 64 -0.53 -22.35 6.16
N GLU C 65 -1.86 -22.36 6.16
CA GLU C 65 -2.58 -22.99 5.06
C GLU C 65 -2.22 -22.35 3.73
N ASN C 66 -2.15 -21.02 3.68
CA ASN C 66 -1.78 -20.34 2.44
C ASN C 66 -0.40 -20.79 1.96
N VAL C 67 0.55 -20.90 2.88
CA VAL C 67 1.90 -21.35 2.51
C VAL C 67 1.86 -22.77 1.96
N LYS C 68 1.08 -23.65 2.58
CA LYS C 68 0.99 -25.02 2.07
C LYS C 68 0.37 -25.06 0.68
N GLU C 69 -0.64 -24.22 0.44
CA GLU C 69 -1.24 -24.12 -0.89
C GLU C 69 -0.25 -23.59 -1.92
N LEU C 70 0.48 -22.53 -1.58
CA LEU C 70 1.44 -21.95 -2.51
C LEU C 70 2.46 -22.98 -2.96
N GLU C 71 3.01 -23.74 -2.01
CA GLU C 71 4.04 -24.73 -2.31
C GLU C 71 3.48 -25.89 -3.11
N LYS C 72 2.27 -26.34 -2.76
CA LYS C 72 1.63 -27.42 -3.50
C LYS C 72 1.28 -27.01 -4.92
N THR C 73 0.63 -25.85 -5.07
CA THR C 73 0.13 -25.45 -6.39
C THR C 73 1.28 -25.10 -7.35
N TYR C 74 2.31 -24.41 -6.86
CA TYR C 74 3.32 -23.81 -7.71
C TYR C 74 4.71 -24.39 -7.56
N GLY C 75 4.93 -25.28 -6.60
CA GLY C 75 6.22 -25.91 -6.42
C GLY C 75 7.33 -24.96 -6.02
N ILE C 76 7.02 -23.89 -5.30
CA ILE C 76 8.00 -22.90 -4.89
C ILE C 76 8.22 -23.04 -3.39
N LYS C 77 9.28 -22.41 -2.90
CA LYS C 77 9.49 -22.28 -1.47
C LYS C 77 8.67 -21.10 -0.95
N ALA C 78 7.95 -21.33 0.16
CA ALA C 78 7.14 -20.30 0.78
C ALA C 78 7.26 -20.44 2.29
N LYS C 79 7.06 -19.33 3.01
CA LYS C 79 7.15 -19.35 4.46
C LYS C 79 6.32 -18.21 5.04
N ALA C 80 5.73 -18.46 6.20
CA ALA C 80 4.91 -17.46 6.88
C ALA C 80 5.69 -16.86 8.05
N TYR C 81 5.49 -15.57 8.29
CA TYR C 81 6.11 -14.87 9.41
C TYR C 81 5.08 -14.03 10.16
N LYS C 82 5.19 -14.00 11.47
CA LYS C 82 4.39 -13.04 12.22
C LYS C 82 5.02 -11.66 12.08
N CYS C 83 4.21 -10.66 11.77
CA CYS C 83 4.69 -9.28 11.71
C CYS C 83 3.57 -8.33 12.09
N GLN C 84 3.87 -7.44 13.02
CA GLN C 84 3.00 -6.32 13.39
C GLN C 84 3.60 -5.07 12.76
N VAL C 85 3.00 -4.58 11.67
CA VAL C 85 3.67 -3.51 10.94
C VAL C 85 3.68 -2.21 11.72
N ASP C 86 2.80 -2.08 12.71
CA ASP C 86 2.78 -0.90 13.58
C ASP C 86 4.02 -0.80 14.47
N SER C 87 4.84 -1.86 14.55
CA SER C 87 6.07 -1.89 15.33
C SER C 87 7.27 -1.94 14.38
N TYR C 88 8.11 -0.90 14.42
CA TYR C 88 9.32 -0.94 13.59
C TYR C 88 10.15 -2.18 13.89
N GLU C 89 10.31 -2.54 15.16
CA GLU C 89 11.15 -3.69 15.52
C GLU C 89 10.70 -4.96 14.80
N SER C 90 9.38 -5.14 14.69
CA SER C 90 8.84 -6.31 14.01
C SER C 90 9.18 -6.29 12.50
N CYS C 91 9.09 -5.12 11.87
CA CYS C 91 9.39 -5.03 10.44
C CYS C 91 10.87 -5.25 10.19
N GLU C 92 11.72 -4.68 11.05
CA GLU C 92 13.15 -4.91 10.94
C GLU C 92 13.48 -6.39 11.13
N LYS C 93 12.84 -7.05 12.09
CA LYS C 93 13.07 -8.47 12.29
C LYS C 93 12.56 -9.31 11.12
N LEU C 94 11.46 -8.87 10.49
CA LEU C 94 10.94 -9.55 9.31
C LEU C 94 11.98 -9.57 8.18
N VAL C 95 12.54 -8.40 7.87
CA VAL C 95 13.54 -8.33 6.80
C VAL C 95 14.77 -9.16 7.16
N LYS C 96 15.24 -9.05 8.39
CA LYS C 96 16.38 -9.86 8.82
C LYS C 96 16.09 -11.36 8.68
N ASP C 97 14.91 -11.79 9.12
CA ASP C 97 14.58 -13.22 9.05
C ASP C 97 14.44 -13.70 7.61
N VAL C 98 13.79 -12.92 6.74
CA VAL C 98 13.62 -13.36 5.35
C VAL C 98 14.97 -13.40 4.64
N VAL C 99 15.79 -12.36 4.83
CA VAL C 99 17.12 -12.36 4.23
C VAL C 99 17.93 -13.58 4.71
N ALA C 100 17.87 -13.89 6.01
CA ALA C 100 18.58 -15.07 6.52
C ALA C 100 18.01 -16.36 5.93
N ASP C 101 16.68 -16.47 5.86
CA ASP C 101 16.06 -17.72 5.43
C ASP C 101 16.13 -17.90 3.92
N PHE C 102 15.88 -16.84 3.15
CA PHE C 102 15.82 -16.94 1.70
C PHE C 102 17.06 -16.38 1.01
N GLY C 103 17.88 -15.59 1.69
CA GLY C 103 19.11 -15.08 1.10
C GLY C 103 19.04 -13.62 0.68
N GLN C 104 17.86 -13.11 0.38
CA GLN C 104 17.72 -11.76 -0.17
C GLN C 104 16.23 -11.48 -0.27
N ILE C 105 15.90 -10.21 -0.51
CA ILE C 105 14.55 -9.78 -0.86
C ILE C 105 14.67 -8.96 -2.13
N ASP C 106 13.99 -9.40 -3.20
CA ASP C 106 14.00 -8.63 -4.45
C ASP C 106 12.82 -7.68 -4.58
N ALA C 107 11.64 -8.09 -4.14
CA ALA C 107 10.46 -7.24 -4.20
C ALA C 107 9.72 -7.35 -2.88
N PHE C 108 9.16 -6.23 -2.43
CA PHE C 108 8.45 -6.16 -1.16
C PHE C 108 7.10 -5.54 -1.43
N ILE C 109 6.04 -6.25 -1.06
CA ILE C 109 4.68 -5.79 -1.28
C ILE C 109 4.13 -5.40 0.09
N ALA C 110 4.06 -4.09 0.34
CA ALA C 110 3.59 -3.58 1.64
C ALA C 110 2.08 -3.47 1.55
N ASN C 111 1.40 -4.49 2.07
CA ASN C 111 -0.02 -4.66 1.81
C ASN C 111 -0.87 -4.69 3.07
N ALA C 112 -0.28 -4.93 4.24
CA ALA C 112 -1.06 -5.01 5.47
C ALA C 112 -1.70 -3.67 5.80
N GLY C 113 -2.92 -3.71 6.32
CA GLY C 113 -3.64 -2.50 6.68
C GLY C 113 -4.92 -2.84 7.42
N ALA C 114 -5.49 -1.81 8.06
CA ALA C 114 -6.73 -1.94 8.81
C ALA C 114 -7.63 -0.75 8.50
N THR C 115 -8.94 -0.94 8.67
CA THR C 115 -9.94 0.06 8.31
C THR C 115 -10.22 1.02 9.47
N ALA C 116 -10.93 2.11 9.17
CA ALA C 116 -11.47 3.04 10.14
C ALA C 116 -12.99 2.92 10.17
N ASP C 117 -13.60 3.41 11.26
CA ASP C 117 -15.05 3.23 11.42
C ASP C 117 -15.77 4.52 11.81
N SER C 118 -15.16 5.69 11.63
CA SER C 118 -15.85 6.95 11.93
C SER C 118 -15.07 8.10 11.34
N GLY C 119 -15.71 9.26 11.30
CA GLY C 119 -15.02 10.50 11.02
C GLY C 119 -14.31 11.02 12.26
N ILE C 120 -13.67 12.18 12.11
CA ILE C 120 -12.75 12.64 13.15
C ILE C 120 -13.50 13.25 14.34
N LEU C 121 -14.72 13.73 14.16
CA LEU C 121 -15.44 14.29 15.30
C LEU C 121 -16.06 13.19 16.14
N ASP C 122 -16.66 12.18 15.50
CA ASP C 122 -17.20 11.04 16.23
C ASP C 122 -16.11 10.15 16.81
N GLY C 123 -14.94 10.09 16.16
CA GLY C 123 -13.87 9.26 16.66
C GLY C 123 -13.03 9.97 17.71
N SER C 124 -12.38 9.18 18.54
CA SER C 124 -11.46 9.73 19.52
C SER C 124 -10.11 9.99 18.86
N VAL C 125 -9.23 10.68 19.60
CA VAL C 125 -7.85 10.85 19.15
C VAL C 125 -7.15 9.48 19.08
N GLU C 126 -7.39 8.61 20.07
CA GLU C 126 -6.86 7.25 20.01
C GLU C 126 -7.22 6.55 18.72
N ALA C 127 -8.50 6.64 18.31
CA ALA C 127 -8.95 5.95 17.11
C ALA C 127 -8.26 6.49 15.87
N TRP C 128 -7.96 7.78 15.84
CA TRP C 128 -7.17 8.34 14.75
C TRP C 128 -5.74 7.83 14.79
N ASN C 129 -5.12 7.87 15.98
CA ASN C 129 -3.72 7.45 16.07
C ASN C 129 -3.57 5.98 15.69
N HIS C 130 -4.55 5.16 16.02
CA HIS C 130 -4.43 3.74 15.71
C HIS C 130 -4.39 3.51 14.20
N VAL C 131 -5.29 4.17 13.46
CA VAL C 131 -5.35 3.97 12.02
C VAL C 131 -4.09 4.50 11.34
N VAL C 132 -3.64 5.68 11.74
CA VAL C 132 -2.43 6.23 11.16
C VAL C 132 -1.23 5.35 11.51
N GLN C 133 -1.18 4.84 12.74
CA GLN C 133 -0.06 3.99 13.14
C GLN C 133 0.03 2.74 12.27
N VAL C 134 -1.11 2.09 12.02
CA VAL C 134 -1.09 0.88 11.22
C VAL C 134 -0.88 1.21 9.76
N ASP C 135 -1.66 2.16 9.22
CA ASP C 135 -1.82 2.32 7.80
C ASP C 135 -0.82 3.25 7.16
N LEU C 136 -0.33 4.24 7.90
CA LEU C 136 0.70 5.11 7.37
C LEU C 136 2.08 4.72 7.90
N ASN C 137 2.22 4.64 9.22
CA ASN C 137 3.52 4.32 9.82
C ASN C 137 3.90 2.87 9.62
N GLY C 138 2.91 1.96 9.57
CA GLY C 138 3.22 0.58 9.23
C GLY C 138 3.84 0.46 7.85
N THR C 139 3.34 1.24 6.90
CA THR C 139 3.94 1.23 5.57
C THR C 139 5.32 1.85 5.59
N PHE C 140 5.49 2.99 6.26
CA PHE C 140 6.82 3.56 6.45
C PHE C 140 7.77 2.56 7.11
N HIS C 141 7.31 1.85 8.15
CA HIS C 141 8.21 0.91 8.83
C HIS C 141 8.75 -0.14 7.87
N CYS C 142 7.88 -0.68 7.02
CA CYS C 142 8.31 -1.68 6.05
C CYS C 142 9.24 -1.07 5.01
N ALA C 143 8.91 0.13 4.51
CA ALA C 143 9.76 0.79 3.53
C ALA C 143 11.16 1.00 4.08
N LYS C 144 11.25 1.50 5.31
CA LYS C 144 12.55 1.77 5.89
C LYS C 144 13.31 0.46 6.09
N ALA C 145 12.64 -0.56 6.64
CA ALA C 145 13.30 -1.82 6.93
C ALA C 145 13.85 -2.46 5.66
N VAL C 146 13.06 -2.52 4.60
CA VAL C 146 13.54 -3.19 3.39
C VAL C 146 14.46 -2.29 2.58
N GLY C 147 14.22 -0.98 2.59
CA GLY C 147 15.06 -0.07 1.83
C GLY C 147 16.51 -0.11 2.26
N HIS C 148 16.77 -0.34 3.55
CA HIS C 148 18.15 -0.55 3.98
C HIS C 148 18.75 -1.75 3.26
N HIS C 149 17.95 -2.79 3.04
CA HIS C 149 18.43 -3.96 2.32
C HIS C 149 18.58 -3.68 0.82
N PHE C 150 17.57 -3.05 0.21
CA PHE C 150 17.65 -2.68 -1.20
C PHE C 150 18.89 -1.83 -1.46
N LYS C 151 19.17 -0.88 -0.57
CA LYS C 151 20.32 -0.01 -0.79
C LYS C 151 21.61 -0.82 -0.81
N GLU C 152 21.71 -1.81 0.08
CA GLU C 152 22.89 -2.66 0.14
C GLU C 152 23.09 -3.45 -1.15
N ARG C 153 22.00 -4.02 -1.68
CA ARG C 153 22.09 -4.81 -2.90
C ARG C 153 22.12 -3.96 -4.17
N GLY C 154 21.62 -2.73 -4.15
CA GLY C 154 21.59 -1.93 -5.36
C GLY C 154 20.43 -2.20 -6.28
N THR C 155 19.47 -3.05 -5.87
CA THR C 155 18.30 -3.36 -6.67
C THR C 155 17.13 -3.59 -5.74
N GLY C 156 15.92 -3.47 -6.27
CA GLY C 156 14.72 -3.74 -5.51
C GLY C 156 13.50 -3.05 -6.07
N SER C 157 12.34 -3.59 -5.72
CA SER C 157 11.05 -3.03 -6.10
C SER C 157 10.13 -3.07 -4.88
N LEU C 158 9.58 -1.91 -4.50
CA LEU C 158 8.63 -1.80 -3.40
C LEU C 158 7.25 -1.45 -3.97
N VAL C 159 6.25 -2.26 -3.66
CA VAL C 159 4.87 -2.09 -4.11
C VAL C 159 4.01 -1.85 -2.89
N ILE C 160 3.29 -0.74 -2.88
CA ILE C 160 2.50 -0.34 -1.73
C ILE C 160 1.02 -0.48 -2.09
N THR C 161 0.28 -1.21 -1.26
CA THR C 161 -1.16 -1.26 -1.43
C THR C 161 -1.76 -0.03 -0.76
N ALA C 162 -2.13 0.95 -1.57
CA ALA C 162 -2.77 2.15 -1.06
C ALA C 162 -4.27 1.94 -1.10
N SER C 163 -5.02 2.85 -1.75
CA SER C 163 -6.47 2.76 -1.83
C SER C 163 -7.03 3.95 -2.60
N MET C 164 -8.17 3.77 -3.27
CA MET C 164 -8.79 4.93 -3.89
C MET C 164 -9.25 5.93 -2.82
N SER C 165 -9.39 5.47 -1.56
CA SER C 165 -9.60 6.39 -0.44
C SER C 165 -8.45 7.37 -0.28
N GLY C 166 -7.28 7.06 -0.87
CA GLY C 166 -6.17 8.01 -0.94
C GLY C 166 -6.38 9.10 -1.96
N HIS C 167 -7.35 8.93 -2.87
CA HIS C 167 -7.70 9.92 -3.89
C HIS C 167 -9.02 10.61 -3.62
N ILE C 168 -10.00 9.93 -3.06
CA ILE C 168 -11.31 10.52 -2.84
C ILE C 168 -11.78 10.22 -1.42
N ALA C 169 -12.90 10.84 -1.05
CA ALA C 169 -13.54 10.59 0.24
C ALA C 169 -14.73 9.67 0.00
N ASN C 170 -14.71 8.50 0.64
CA ASN C 170 -15.77 7.52 0.49
C ASN C 170 -17.09 8.06 1.02
N PHE C 171 -18.19 7.59 0.42
CA PHE C 171 -19.53 8.02 0.77
C PHE C 171 -20.41 6.77 0.74
N PRO C 172 -21.34 6.61 1.69
CA PRO C 172 -21.71 7.51 2.79
C PRO C 172 -20.93 7.29 4.08
N GLN C 173 -20.08 6.27 4.13
CA GLN C 173 -19.35 5.98 5.37
C GLN C 173 -18.21 6.97 5.58
N GLU C 174 -18.08 7.46 6.81
CA GLU C 174 -17.05 8.44 7.14
C GLU C 174 -15.80 7.74 7.66
N GLN C 175 -14.65 8.05 7.07
CA GLN C 175 -13.43 7.33 7.40
C GLN C 175 -12.18 8.16 7.13
N THR C 176 -12.22 9.42 7.53
CA THR C 176 -11.17 10.37 7.15
C THR C 176 -9.78 9.90 7.58
N SER C 177 -9.65 9.27 8.75
CA SER C 177 -8.32 8.83 9.20
C SER C 177 -7.71 7.86 8.21
N TYR C 178 -8.48 6.89 7.75
CA TYR C 178 -8.02 5.93 6.75
C TYR C 178 -7.70 6.62 5.43
N ASN C 179 -8.61 7.46 4.95
CA ASN C 179 -8.37 8.20 3.72
C ASN C 179 -7.07 8.96 3.79
N VAL C 180 -6.86 9.71 4.87
CA VAL C 180 -5.63 10.48 5.03
C VAL C 180 -4.42 9.56 5.02
N ALA C 181 -4.48 8.46 5.78
CA ALA C 181 -3.34 7.54 5.83
C ALA C 181 -3.00 7.00 4.45
N LYS C 182 -4.03 6.65 3.67
CA LYS C 182 -3.77 6.08 2.35
C LYS C 182 -3.22 7.15 1.39
N ALA C 183 -3.66 8.40 1.52
CA ALA C 183 -3.05 9.47 0.74
C ALA C 183 -1.58 9.64 1.09
N GLY C 184 -1.21 9.43 2.36
CA GLY C 184 0.20 9.46 2.71
C GLY C 184 0.98 8.35 2.02
N CYS C 185 0.39 7.15 1.94
CA CYS C 185 1.05 6.03 1.29
C CYS C 185 1.29 6.30 -0.19
N ILE C 186 0.31 6.88 -0.87
CA ILE C 186 0.44 7.20 -2.29
C ILE C 186 1.61 8.16 -2.51
N HIS C 187 1.68 9.23 -1.73
CA HIS C 187 2.76 10.17 -1.95
C HIS C 187 4.08 9.63 -1.42
N MET C 188 4.02 8.76 -0.40
CA MET C 188 5.24 8.10 0.06
C MET C 188 5.91 7.34 -1.07
N ALA C 189 5.11 6.68 -1.92
CA ALA C 189 5.68 5.96 -3.05
C ALA C 189 6.40 6.91 -4.02
N ARG C 190 5.78 8.06 -4.34
CA ARG C 190 6.42 9.02 -5.23
C ARG C 190 7.70 9.56 -4.61
N SER C 191 7.64 9.92 -3.34
CA SER C 191 8.77 10.54 -2.66
C SER C 191 9.94 9.55 -2.50
N LEU C 192 9.63 8.29 -2.18
CA LEU C 192 10.70 7.27 -2.11
C LEU C 192 11.18 6.86 -3.49
N ALA C 193 10.30 6.88 -4.50
CA ALA C 193 10.80 6.66 -5.86
C ALA C 193 11.97 7.59 -6.17
N ASN C 194 11.88 8.84 -5.71
CA ASN C 194 12.95 9.80 -5.94
C ASN C 194 14.10 9.61 -4.93
N GLU C 195 13.80 9.42 -3.64
CA GLU C 195 14.87 9.18 -2.67
C GLU C 195 15.71 7.96 -3.05
N TRP C 196 15.06 6.89 -3.51
CA TRP C 196 15.77 5.64 -3.80
C TRP C 196 16.16 5.50 -5.28
N ARG C 197 16.27 6.62 -6.01
CA ARG C 197 16.42 6.61 -7.47
C ARG C 197 17.66 5.85 -7.95
N ASP C 198 18.69 5.74 -7.11
CA ASP C 198 19.89 5.00 -7.49
C ASP C 198 19.79 3.50 -7.28
N PHE C 199 18.74 2.98 -6.64
CA PHE C 199 18.79 1.54 -6.37
C PHE C 199 17.46 0.79 -6.33
N ALA C 200 16.31 1.47 -6.36
CA ALA C 200 15.08 0.70 -6.25
C ALA C 200 13.90 1.49 -6.80
N ARG C 201 12.92 0.77 -7.33
CA ARG C 201 11.67 1.37 -7.77
C ARG C 201 10.63 1.27 -6.67
N VAL C 202 9.73 2.25 -6.62
CA VAL C 202 8.62 2.27 -5.67
C VAL C 202 7.36 2.70 -6.42
N ASN C 203 6.28 1.96 -6.23
CA ASN C 203 5.02 2.22 -6.92
C ASN C 203 3.88 1.85 -5.99
N SER C 204 2.68 2.36 -6.29
CA SER C 204 1.51 2.02 -5.49
C SER C 204 0.37 1.52 -6.36
N ILE C 205 -0.47 0.69 -5.75
CA ILE C 205 -1.73 0.24 -6.33
C ILE C 205 -2.85 0.75 -5.42
N SER C 206 -3.89 1.35 -6.01
CA SER C 206 -5.01 1.91 -5.24
C SER C 206 -6.29 1.18 -5.61
N PRO C 207 -6.62 0.08 -4.93
CA PRO C 207 -7.86 -0.63 -5.25
C PRO C 207 -9.09 0.18 -4.87
N GLY C 208 -10.17 -0.06 -5.62
CA GLY C 208 -11.49 0.37 -5.21
C GLY C 208 -12.11 -0.64 -4.26
N TYR C 209 -13.41 -0.90 -4.37
CA TYR C 209 -14.08 -1.84 -3.48
C TYR C 209 -13.81 -3.25 -3.97
N ILE C 210 -13.03 -4.02 -3.21
CA ILE C 210 -12.68 -5.40 -3.54
C ILE C 210 -13.35 -6.32 -2.53
N ASP C 211 -13.97 -7.39 -3.03
CA ASP C 211 -14.66 -8.36 -2.17
C ASP C 211 -13.63 -9.32 -1.57
N THR C 212 -12.98 -8.88 -0.50
CA THR C 212 -11.96 -9.66 0.21
C THR C 212 -12.43 -10.15 1.56
N GLY C 213 -13.55 -9.64 2.07
CA GLY C 213 -13.97 -9.85 3.43
C GLY C 213 -13.70 -8.68 4.34
N LEU C 214 -12.81 -7.77 3.94
CA LEU C 214 -12.45 -6.65 4.79
C LEU C 214 -13.64 -5.72 5.04
N SER C 215 -14.61 -5.67 4.12
CA SER C 215 -15.79 -4.85 4.28
C SER C 215 -17.01 -5.64 4.78
N ASP C 216 -16.79 -6.82 5.38
CA ASP C 216 -17.92 -7.63 5.82
C ASP C 216 -18.70 -6.98 6.96
N PHE C 217 -18.07 -6.06 7.72
CA PHE C 217 -18.73 -5.33 8.78
C PHE C 217 -19.64 -4.21 8.28
N VAL C 218 -19.63 -3.90 6.99
CA VAL C 218 -20.44 -2.81 6.47
C VAL C 218 -21.86 -3.32 6.22
N PRO C 219 -22.89 -2.59 6.63
CA PRO C 219 -24.27 -3.02 6.35
C PRO C 219 -24.46 -3.31 4.88
N LYS C 220 -25.24 -4.35 4.59
CA LYS C 220 -25.35 -4.79 3.21
C LYS C 220 -25.97 -3.72 2.30
N GLU C 221 -26.95 -2.98 2.81
CA GLU C 221 -27.64 -1.97 2.01
C GLU C 221 -26.77 -0.75 1.69
N THR C 222 -25.77 -0.47 2.52
CA THR C 222 -24.73 0.49 2.18
C THR C 222 -23.86 -0.01 1.04
N GLN C 223 -23.64 -1.33 0.97
CA GLN C 223 -22.77 -1.89 -0.06
C GLN C 223 -23.41 -1.80 -1.44
N GLN C 224 -24.73 -1.86 -1.53
CA GLN C 224 -25.37 -1.76 -2.83
C GLN C 224 -25.51 -0.32 -3.30
N LEU C 225 -25.46 0.66 -2.39
CA LEU C 225 -25.28 2.04 -2.83
C LEU C 225 -23.90 2.24 -3.46
N TRP C 226 -22.88 1.58 -2.91
CA TRP C 226 -21.55 1.61 -3.51
C TRP C 226 -21.61 1.18 -4.96
N HIS C 227 -22.31 0.07 -5.23
CA HIS C 227 -22.35 -0.47 -6.59
C HIS C 227 -22.95 0.50 -7.58
N SER C 228 -23.89 1.35 -7.13
CA SER C 228 -24.46 2.33 -8.04
C SER C 228 -23.46 3.42 -8.40
N MET C 229 -22.40 3.58 -7.62
CA MET C 229 -21.38 4.58 -7.87
C MET C 229 -20.17 4.03 -8.61
N ILE C 230 -20.13 2.73 -8.84
CA ILE C 230 -19.05 2.08 -9.59
C ILE C 230 -19.54 1.92 -11.03
N PRO C 231 -18.90 2.54 -12.02
CA PRO C 231 -19.34 2.34 -13.42
C PRO C 231 -19.43 0.87 -13.80
N MET C 232 -18.48 0.04 -13.35
CA MET C 232 -18.62 -1.39 -13.64
C MET C 232 -19.77 -2.06 -12.89
N GLY C 233 -20.31 -1.40 -11.86
CA GLY C 233 -21.49 -1.91 -11.18
C GLY C 233 -21.29 -3.12 -10.30
N ARG C 234 -20.07 -3.38 -9.82
CA ARG C 234 -19.81 -4.56 -9.01
C ARG C 234 -18.55 -4.30 -8.20
N ASP C 235 -18.41 -5.08 -7.11
CA ASP C 235 -17.14 -5.18 -6.39
C ASP C 235 -16.09 -5.80 -7.31
N GLY C 236 -14.83 -5.46 -7.06
CA GLY C 236 -13.74 -6.22 -7.65
C GLY C 236 -13.45 -7.52 -6.88
N LEU C 237 -12.61 -8.37 -7.49
CA LEU C 237 -12.09 -9.56 -6.85
C LEU C 237 -10.57 -9.43 -6.77
N ALA C 238 -9.99 -9.99 -5.69
CA ALA C 238 -8.55 -9.85 -5.50
C ALA C 238 -7.77 -10.50 -6.65
N LYS C 239 -8.33 -11.52 -7.29
CA LYS C 239 -7.63 -12.14 -8.41
C LYS C 239 -7.51 -11.21 -9.62
N GLU C 240 -8.32 -10.15 -9.69
CA GLU C 240 -8.20 -9.16 -10.75
C GLU C 240 -7.09 -8.16 -10.49
N LEU C 241 -6.41 -8.25 -9.36
CA LEU C 241 -5.31 -7.34 -9.03
C LEU C 241 -3.94 -7.99 -9.12
N LYS C 242 -3.86 -9.33 -9.19
CA LYS C 242 -2.57 -10.00 -9.16
C LYS C 242 -1.69 -9.61 -10.35
N GLY C 243 -2.29 -9.34 -11.51
CA GLY C 243 -1.50 -8.85 -12.64
C GLY C 243 -0.72 -7.58 -12.31
N ALA C 244 -1.36 -6.65 -11.58
CA ALA C 244 -0.70 -5.38 -11.29
C ALA C 244 0.45 -5.56 -10.30
N TYR C 245 0.27 -6.40 -9.28
CA TYR C 245 1.37 -6.66 -8.33
C TYR C 245 2.58 -7.28 -9.04
N VAL C 246 2.34 -8.30 -9.88
CA VAL C 246 3.43 -8.93 -10.60
C VAL C 246 4.09 -7.95 -11.57
N TYR C 247 3.29 -7.10 -12.22
CA TYR C 247 3.84 -6.08 -13.09
C TYR C 247 4.88 -5.23 -12.35
N PHE C 248 4.52 -4.70 -11.19
CA PHE C 248 5.45 -3.81 -10.48
C PHE C 248 6.61 -4.59 -9.86
N ALA C 249 6.34 -5.81 -9.38
CA ALA C 249 7.39 -6.57 -8.71
C ALA C 249 8.47 -7.09 -9.66
N SER C 250 8.16 -7.24 -10.95
CA SER C 250 9.03 -7.95 -11.87
C SER C 250 9.77 -6.96 -12.77
N ASP C 251 10.54 -7.52 -13.72
CA ASP C 251 11.28 -6.73 -14.71
C ASP C 251 10.42 -6.24 -15.88
N ALA C 252 9.12 -6.47 -15.84
CA ALA C 252 8.24 -5.87 -16.83
C ALA C 252 8.03 -4.37 -16.59
N SER C 253 8.60 -3.80 -15.53
CA SER C 253 8.33 -2.39 -15.21
C SER C 253 9.61 -1.64 -14.84
N THR C 254 10.71 -1.88 -15.56
CA THR C 254 11.97 -1.31 -15.12
C THR C 254 12.13 0.17 -15.44
N TYR C 255 11.18 0.80 -16.14
CA TYR C 255 11.16 2.25 -16.24
C TYR C 255 10.02 2.88 -15.44
N THR C 256 9.29 2.07 -14.66
CA THR C 256 8.11 2.53 -13.95
C THR C 256 8.45 2.74 -12.48
N THR C 257 8.46 4.00 -12.04
CA THR C 257 8.73 4.27 -10.64
C THR C 257 8.06 5.57 -10.22
N GLY C 258 7.49 5.57 -9.01
CA GLY C 258 6.69 6.68 -8.56
C GLY C 258 5.32 6.72 -9.15
N ALA C 259 4.84 5.62 -9.74
CA ALA C 259 3.54 5.59 -10.35
C ALA C 259 2.51 5.03 -9.39
N ASP C 260 1.25 5.40 -9.60
CA ASP C 260 0.11 4.85 -8.89
C ASP C 260 -0.87 4.26 -9.90
N LEU C 261 -1.40 3.07 -9.61
CA LEU C 261 -2.36 2.42 -10.51
C LEU C 261 -3.69 2.23 -9.79
N LEU C 262 -4.73 2.91 -10.27
CA LEU C 262 -6.07 2.77 -9.71
C LEU C 262 -6.74 1.53 -10.32
N ILE C 263 -7.23 0.64 -9.46
CA ILE C 263 -7.97 -0.56 -9.90
C ILE C 263 -9.30 -0.53 -9.17
N ASP C 264 -10.29 0.17 -9.73
CA ASP C 264 -11.47 0.54 -8.96
C ASP C 264 -12.78 0.45 -9.73
N GLY C 265 -12.81 -0.29 -10.85
CA GLY C 265 -14.04 -0.38 -11.64
C GLY C 265 -14.50 0.94 -12.23
N GLY C 266 -13.64 1.95 -12.25
CA GLY C 266 -13.98 3.26 -12.77
C GLY C 266 -14.48 4.26 -11.74
N TYR C 267 -14.43 3.92 -10.44
CA TYR C 267 -15.10 4.72 -9.42
C TYR C 267 -14.60 6.17 -9.40
N THR C 268 -13.29 6.37 -9.50
CA THR C 268 -12.74 7.71 -9.45
C THR C 268 -12.90 8.48 -10.76
N THR C 269 -13.40 7.87 -11.85
CA THR C 269 -13.63 8.66 -13.05
C THR C 269 -14.77 9.65 -12.84
N ARG C 270 -15.72 9.34 -11.95
CA ARG C 270 -16.85 10.24 -11.66
C ARG C 270 -16.53 11.20 -10.52
N PRO D 5 -28.58 21.07 6.20
CA PRO D 5 -28.43 20.06 5.13
C PRO D 5 -27.63 20.59 3.91
N GLY D 6 -26.29 20.50 3.97
CA GLY D 6 -25.43 21.31 3.12
C GLY D 6 -25.26 22.69 3.70
N GLN D 7 -24.67 23.59 2.91
CA GLN D 7 -24.45 24.97 3.34
C GLN D 7 -24.93 25.95 2.28
N GLN D 8 -25.19 27.19 2.69
CA GLN D 8 -25.84 28.18 1.83
C GLN D 8 -24.85 29.16 1.20
N ALA D 9 -25.25 29.73 0.08
CA ALA D 9 -24.49 30.77 -0.60
C ALA D 9 -24.49 32.06 0.22
N THR D 10 -23.45 32.87 0.00
CA THR D 10 -23.34 34.14 0.68
C THR D 10 -24.54 35.02 0.39
N LYS D 11 -24.93 35.83 1.37
CA LYS D 11 -26.02 36.80 1.22
C LYS D 11 -25.58 38.02 0.43
N HIS D 12 -24.28 38.30 0.41
CA HIS D 12 -23.75 39.51 -0.19
C HIS D 12 -23.58 39.35 -1.69
N GLU D 13 -23.75 40.47 -2.39
CA GLU D 13 -23.55 40.57 -3.83
C GLU D 13 -22.19 41.18 -4.18
N SER D 14 -21.83 42.29 -3.54
CA SER D 14 -20.57 42.95 -3.84
C SER D 14 -19.40 42.16 -3.28
N LEU D 15 -18.27 42.21 -3.99
CA LEU D 15 -17.10 41.43 -3.56
C LEU D 15 -16.52 41.97 -2.25
N LEU D 16 -16.48 43.30 -2.08
CA LEU D 16 -15.95 43.85 -0.83
C LEU D 16 -16.80 43.46 0.38
N ASP D 17 -18.11 43.27 0.21
CA ASP D 17 -18.92 42.76 1.32
C ASP D 17 -18.63 41.29 1.57
N GLN D 18 -18.45 40.51 0.51
CA GLN D 18 -18.14 39.09 0.68
C GLN D 18 -16.81 38.91 1.40
N LEU D 19 -15.84 39.75 1.08
CA LEU D 19 -14.50 39.63 1.65
C LEU D 19 -14.43 40.14 3.10
N SER D 20 -15.40 40.93 3.53
CA SER D 20 -15.32 41.56 4.85
C SER D 20 -15.36 40.51 5.95
N LEU D 21 -14.47 40.65 6.94
CA LEU D 21 -14.51 39.84 8.13
C LEU D 21 -14.90 40.65 9.37
N LYS D 22 -15.50 41.82 9.17
CA LYS D 22 -16.11 42.56 10.26
C LYS D 22 -17.07 41.67 11.03
N GLY D 23 -16.92 41.67 12.36
CA GLY D 23 -17.78 40.90 13.22
C GLY D 23 -17.43 39.43 13.32
N LYS D 24 -16.36 38.99 12.67
CA LYS D 24 -15.94 37.61 12.70
C LYS D 24 -14.60 37.49 13.43
N VAL D 25 -14.25 36.25 13.77
CA VAL D 25 -13.07 35.92 14.55
C VAL D 25 -12.26 34.87 13.78
N VAL D 26 -10.97 35.13 13.60
CA VAL D 26 -10.07 34.24 12.88
C VAL D 26 -8.94 33.81 13.80
N VAL D 27 -8.68 32.50 13.86
CA VAL D 27 -7.53 31.95 14.55
C VAL D 27 -6.49 31.57 13.51
N VAL D 28 -5.24 31.98 13.71
CA VAL D 28 -4.10 31.59 12.88
C VAL D 28 -3.08 30.93 13.80
N THR D 29 -2.86 29.63 13.61
CA THR D 29 -1.79 28.99 14.36
C THR D 29 -0.43 29.30 13.73
N GLY D 30 0.59 29.38 14.59
CA GLY D 30 1.95 29.60 14.10
C GLY D 30 2.15 30.90 13.37
N ALA D 31 1.75 32.01 13.98
CA ALA D 31 1.91 33.36 13.43
C ALA D 31 2.85 34.19 14.29
N SER D 32 3.81 33.55 14.93
CA SER D 32 4.74 34.21 15.84
C SER D 32 5.96 34.79 15.15
N GLY D 33 6.28 34.37 13.93
CA GLY D 33 7.42 34.89 13.22
C GLY D 33 7.12 36.20 12.51
N PRO D 34 8.18 36.93 12.15
CA PRO D 34 7.99 38.29 11.59
C PRO D 34 7.56 38.33 10.13
N LYS D 35 7.71 37.25 9.37
CA LYS D 35 7.38 37.32 7.95
C LYS D 35 6.87 36.00 7.41
N GLY D 36 6.22 35.18 8.26
CA GLY D 36 5.72 33.89 7.83
C GLY D 36 4.34 33.99 7.20
N MET D 37 3.87 32.86 6.66
CA MET D 37 2.51 32.81 6.16
C MET D 37 1.51 33.23 7.23
N GLY D 38 1.82 32.92 8.48
CA GLY D 38 0.84 33.12 9.54
C GLY D 38 0.57 34.58 9.81
N ILE D 39 1.62 35.37 10.02
CA ILE D 39 1.37 36.78 10.33
C ILE D 39 0.76 37.48 9.11
N GLU D 40 1.11 37.06 7.89
CA GLU D 40 0.55 37.72 6.72
C GLU D 40 -0.92 37.36 6.54
N ALA D 41 -1.30 36.12 6.86
CA ALA D 41 -2.72 35.78 6.94
C ALA D 41 -3.43 36.62 7.99
N ALA D 42 -2.82 36.80 9.18
CA ALA D 42 -3.48 37.57 10.23
C ALA D 42 -3.65 39.03 9.82
N ARG D 43 -2.66 39.58 9.10
CA ARG D 43 -2.75 40.96 8.61
C ARG D 43 -3.85 41.10 7.57
N GLY D 44 -3.94 40.15 6.63
CA GLY D 44 -5.02 40.20 5.66
C GLY D 44 -6.39 40.14 6.31
N CYS D 45 -6.57 39.21 7.25
CA CYS D 45 -7.86 39.11 7.93
C CYS D 45 -8.14 40.36 8.77
N ALA D 46 -7.13 40.87 9.47
CA ALA D 46 -7.31 42.09 10.25
C ALA D 46 -7.65 43.27 9.35
N GLU D 47 -7.02 43.35 8.19
CA GLU D 47 -7.34 44.40 7.24
C GLU D 47 -8.82 44.37 6.84
N MET D 48 -9.38 43.16 6.70
CA MET D 48 -10.79 42.98 6.38
C MET D 48 -11.71 43.14 7.60
N GLY D 49 -11.17 43.46 8.77
CA GLY D 49 -11.98 43.76 9.93
C GLY D 49 -12.14 42.65 10.94
N ALA D 50 -11.42 41.54 10.80
CA ALA D 50 -11.56 40.44 11.75
C ALA D 50 -10.86 40.75 13.07
N ALA D 51 -11.40 40.21 14.14
CA ALA D 51 -10.63 40.00 15.36
C ALA D 51 -9.81 38.73 15.19
N VAL D 52 -8.57 38.75 15.67
CA VAL D 52 -7.60 37.72 15.28
C VAL D 52 -6.91 37.18 16.52
N ALA D 53 -6.94 35.87 16.68
CA ALA D 53 -6.12 35.18 17.66
C ALA D 53 -5.01 34.45 16.91
N ILE D 54 -3.77 34.61 17.38
CA ILE D 54 -2.62 33.95 16.79
C ILE D 54 -1.96 33.09 17.87
N THR D 55 -1.25 32.05 17.43
CA THR D 55 -0.57 31.19 18.39
C THR D 55 0.93 31.18 18.17
N TYR D 56 1.64 30.76 19.21
CA TYR D 56 3.08 30.56 19.20
C TYR D 56 3.39 29.29 19.99
N ALA D 57 4.58 28.75 19.74
CA ALA D 57 5.13 27.67 20.57
C ALA D 57 6.37 28.16 21.31
N SER D 58 7.44 28.49 20.60
CA SER D 58 8.68 28.95 21.21
C SER D 58 8.88 30.46 21.14
N ARG D 59 8.10 31.18 20.33
CA ARG D 59 8.35 32.62 20.12
C ARG D 59 7.22 33.45 20.72
N ALA D 60 7.11 33.41 22.06
CA ALA D 60 6.11 34.20 22.76
C ALA D 60 6.30 35.70 22.55
N GLN D 61 7.55 36.14 22.49
CA GLN D 61 7.83 37.56 22.33
C GLN D 61 7.40 38.04 20.94
N GLY D 62 7.82 37.33 19.90
CA GLY D 62 7.44 37.71 18.55
C GLY D 62 5.94 37.71 18.34
N ALA D 63 5.25 36.74 18.94
CA ALA D 63 3.78 36.75 18.89
C ALA D 63 3.23 37.99 19.56
N GLU D 64 3.82 38.41 20.70
CA GLU D 64 3.34 39.60 21.38
C GLU D 64 3.57 40.85 20.54
N GLU D 65 4.75 40.96 19.93
CA GLU D 65 5.02 42.06 18.99
C GLU D 65 3.98 42.11 17.89
N ASN D 66 3.58 40.94 17.39
CA ASN D 66 2.65 40.88 16.26
C ASN D 66 1.26 41.32 16.67
N VAL D 67 0.79 40.88 17.84
CA VAL D 67 -0.49 41.33 18.39
C VAL D 67 -0.52 42.85 18.48
N LYS D 68 0.57 43.44 18.96
CA LYS D 68 0.60 44.90 19.11
C LYS D 68 0.60 45.59 17.74
N GLU D 69 1.34 45.06 16.76
CA GLU D 69 1.28 45.64 15.42
C GLU D 69 -0.11 45.50 14.82
N LEU D 70 -0.71 44.31 14.96
CA LEU D 70 -2.05 44.08 14.42
C LEU D 70 -3.05 45.08 15.00
N GLU D 71 -3.01 45.31 16.31
CA GLU D 71 -3.98 46.21 16.93
C GLU D 71 -3.73 47.65 16.52
N LYS D 72 -2.47 48.09 16.53
CA LYS D 72 -2.17 49.47 16.14
C LYS D 72 -2.48 49.72 14.67
N THR D 73 -2.04 48.82 13.79
CA THR D 73 -2.19 49.05 12.35
C THR D 73 -3.64 48.97 11.91
N TYR D 74 -4.42 48.05 12.48
CA TYR D 74 -5.75 47.79 11.96
C TYR D 74 -6.88 48.11 12.92
N GLY D 75 -6.59 48.45 14.17
CA GLY D 75 -7.64 48.83 15.11
C GLY D 75 -8.58 47.71 15.50
N ILE D 76 -8.11 46.46 15.47
CA ILE D 76 -8.92 45.29 15.80
C ILE D 76 -8.47 44.72 17.14
N LYS D 77 -9.32 43.87 17.70
CA LYS D 77 -8.96 43.06 18.86
C LYS D 77 -8.10 41.87 18.42
N ALA D 78 -6.92 41.74 19.03
CA ALA D 78 -6.01 40.65 18.75
C ALA D 78 -5.42 40.13 20.05
N LYS D 79 -5.02 38.85 20.05
CA LYS D 79 -4.48 38.22 21.24
C LYS D 79 -3.65 36.99 20.85
N ALA D 80 -2.59 36.74 21.62
CA ALA D 80 -1.68 35.63 21.35
C ALA D 80 -1.88 34.52 22.37
N TYR D 81 -1.81 33.27 21.88
CA TYR D 81 -1.96 32.09 22.73
C TYR D 81 -0.83 31.11 22.50
N LYS D 82 -0.37 30.47 23.59
CA LYS D 82 0.55 29.36 23.47
C LYS D 82 -0.21 28.12 23.03
N CYS D 83 0.33 27.42 22.04
CA CYS D 83 -0.28 26.19 21.56
C CYS D 83 0.79 25.29 20.97
N GLN D 84 0.80 24.04 21.41
CA GLN D 84 1.62 22.95 20.89
C GLN D 84 0.66 22.06 20.11
N VAL D 85 0.65 22.21 18.78
CA VAL D 85 -0.38 21.51 18.01
C VAL D 85 -0.16 20.01 18.06
N ASP D 86 1.05 19.57 18.44
CA ASP D 86 1.29 18.15 18.58
C ASP D 86 0.59 17.55 19.80
N SER D 87 -0.06 18.35 20.63
CA SER D 87 -0.81 17.90 21.80
C SER D 87 -2.28 18.24 21.60
N TYR D 88 -3.14 17.22 21.56
CA TYR D 88 -4.55 17.52 21.38
C TYR D 88 -5.08 18.36 22.53
N GLU D 89 -4.64 18.08 23.75
CA GLU D 89 -5.13 18.85 24.89
C GLU D 89 -4.87 20.34 24.68
N SER D 90 -3.72 20.69 24.11
CA SER D 90 -3.37 22.08 23.89
C SER D 90 -4.22 22.73 22.80
N CYS D 91 -4.61 21.97 21.77
CA CYS D 91 -5.51 22.49 20.75
C CYS D 91 -6.92 22.65 21.29
N GLU D 92 -7.39 21.67 22.06
CA GLU D 92 -8.68 21.78 22.72
C GLU D 92 -8.72 23.01 23.63
N LYS D 93 -7.63 23.25 24.36
CA LYS D 93 -7.56 24.42 25.23
C LYS D 93 -7.54 25.72 24.43
N LEU D 94 -6.83 25.73 23.29
CA LEU D 94 -6.83 26.91 22.43
C LEU D 94 -8.24 27.29 22.03
N VAL D 95 -8.98 26.34 21.45
CA VAL D 95 -10.33 26.65 20.98
C VAL D 95 -11.20 27.12 22.15
N LYS D 96 -11.05 26.47 23.31
CA LYS D 96 -11.82 26.86 24.50
C LYS D 96 -11.48 28.27 24.95
N ASP D 97 -10.20 28.62 24.98
CA ASP D 97 -9.79 29.96 25.41
C ASP D 97 -10.22 31.04 24.41
N VAL D 98 -10.08 30.77 23.10
CA VAL D 98 -10.45 31.79 22.12
C VAL D 98 -11.95 32.02 22.14
N VAL D 99 -12.74 30.95 22.21
CA VAL D 99 -14.19 31.11 22.27
C VAL D 99 -14.61 31.87 23.52
N ALA D 100 -13.91 31.63 24.64
CA ALA D 100 -14.22 32.39 25.85
C ALA D 100 -13.87 33.87 25.70
N ASP D 101 -12.75 34.16 25.05
CA ASP D 101 -12.24 35.53 25.00
C ASP D 101 -12.84 36.35 23.87
N PHE D 102 -13.13 35.72 22.74
CA PHE D 102 -13.64 36.40 21.56
C PHE D 102 -15.09 36.12 21.29
N GLY D 103 -15.68 35.10 21.94
CA GLY D 103 -17.07 34.78 21.74
C GLY D 103 -17.34 33.63 20.78
N GLN D 104 -16.43 33.36 19.85
CA GLN D 104 -16.68 32.41 18.76
C GLN D 104 -15.44 32.34 17.89
N ILE D 105 -15.41 31.35 17.00
CA ILE D 105 -14.40 31.25 15.95
C ILE D 105 -15.13 31.03 14.64
N ASP D 106 -14.93 31.93 13.68
CA ASP D 106 -15.54 31.81 12.36
C ASP D 106 -14.63 31.15 11.34
N ALA D 107 -13.34 31.44 11.38
CA ALA D 107 -12.37 30.85 10.47
C ALA D 107 -11.14 30.41 11.25
N PHE D 108 -10.63 29.23 10.92
CA PHE D 108 -9.44 28.67 11.56
C PHE D 108 -8.39 28.38 10.50
N ILE D 109 -7.21 28.96 10.66
CA ILE D 109 -6.09 28.77 9.72
C ILE D 109 -5.06 27.88 10.41
N ALA D 110 -5.03 26.60 10.04
CA ALA D 110 -4.12 25.61 10.59
C ALA D 110 -2.79 25.71 9.84
N ASN D 111 -1.86 26.46 10.39
CA ASN D 111 -0.67 26.89 9.68
C ASN D 111 0.65 26.46 10.35
N ALA D 112 0.62 26.10 11.63
CA ALA D 112 1.84 25.71 12.33
C ALA D 112 2.46 24.45 11.72
N GLY D 113 3.79 24.40 11.67
CA GLY D 113 4.45 23.30 11.00
C GLY D 113 5.96 23.40 11.14
N ALA D 114 6.62 22.24 10.95
CA ALA D 114 8.06 22.13 11.11
C ALA D 114 8.63 21.26 9.98
N THR D 115 9.91 21.46 9.69
CA THR D 115 10.54 20.81 8.56
C THR D 115 11.19 19.48 8.96
N ALA D 116 11.60 18.72 7.95
CA ALA D 116 12.42 17.53 8.09
C ALA D 116 13.78 17.81 7.47
N ASP D 117 14.78 16.98 7.81
CA ASP D 117 16.09 17.24 7.22
C ASP D 117 16.80 15.97 6.77
N SER D 118 16.06 14.96 6.32
CA SER D 118 16.66 13.75 5.76
C SER D 118 15.56 12.90 5.12
N GLY D 119 15.98 11.94 4.31
CA GLY D 119 15.10 10.88 3.88
C GLY D 119 14.90 9.84 4.98
N ILE D 120 14.16 8.78 4.64
CA ILE D 120 13.76 7.84 5.69
C ILE D 120 14.88 6.87 6.08
N LEU D 121 15.84 6.59 5.18
CA LEU D 121 16.92 5.67 5.52
C LEU D 121 17.98 6.33 6.40
N ASP D 122 18.34 7.58 6.07
CA ASP D 122 19.26 8.33 6.93
C ASP D 122 18.58 8.75 8.22
N GLY D 123 17.26 8.93 8.21
CA GLY D 123 16.55 9.38 9.40
C GLY D 123 16.18 8.22 10.32
N SER D 124 16.05 8.55 11.59
CA SER D 124 15.61 7.58 12.57
C SER D 124 14.08 7.48 12.54
N VAL D 125 13.56 6.42 13.19
CA VAL D 125 12.12 6.31 13.36
C VAL D 125 11.58 7.47 14.18
N GLU D 126 12.33 7.88 15.22
CA GLU D 126 11.92 9.04 16.02
C GLU D 126 11.80 10.27 15.15
N ALA D 127 12.69 10.43 14.17
CA ALA D 127 12.66 11.61 13.32
C ALA D 127 11.40 11.63 12.47
N TRP D 128 11.07 10.49 11.85
CA TRP D 128 9.79 10.34 11.16
C TRP D 128 8.61 10.71 12.05
N ASN D 129 8.53 10.09 13.24
CA ASN D 129 7.39 10.29 14.11
C ASN D 129 7.23 11.75 14.48
N HIS D 130 8.33 12.45 14.76
CA HIS D 130 8.23 13.84 15.16
C HIS D 130 7.61 14.69 14.05
N VAL D 131 8.05 14.49 12.80
CA VAL D 131 7.55 15.29 11.69
C VAL D 131 6.08 14.98 11.45
N VAL D 132 5.71 13.69 11.45
CA VAL D 132 4.32 13.31 11.30
C VAL D 132 3.47 13.86 12.46
N GLN D 133 4.00 13.80 13.68
CA GLN D 133 3.23 14.23 14.84
C GLN D 133 2.90 15.72 14.78
N VAL D 134 3.88 16.53 14.38
CA VAL D 134 3.64 17.96 14.29
C VAL D 134 2.80 18.30 13.06
N ASP D 135 3.25 17.84 11.89
CA ASP D 135 2.69 18.35 10.64
C ASP D 135 1.37 17.68 10.30
N LEU D 136 1.25 16.39 10.54
CA LEU D 136 0.01 15.70 10.17
C LEU D 136 -0.96 15.65 11.34
N ASN D 137 -0.53 15.08 12.47
CA ASN D 137 -1.44 14.93 13.60
C ASN D 137 -1.76 16.28 14.24
N GLY D 138 -0.82 17.24 14.17
CA GLY D 138 -1.13 18.58 14.68
C GLY D 138 -2.21 19.27 13.86
N THR D 139 -2.20 19.06 12.55
CA THR D 139 -3.29 19.60 11.75
C THR D 139 -4.60 18.90 12.11
N PHE D 140 -4.55 17.57 12.31
CA PHE D 140 -5.74 16.84 12.73
C PHE D 140 -6.26 17.34 14.08
N HIS D 141 -5.36 17.62 15.03
CA HIS D 141 -5.79 18.06 16.35
C HIS D 141 -6.58 19.36 16.26
N CYS D 142 -6.04 20.34 15.54
CA CYS D 142 -6.75 21.59 15.33
C CYS D 142 -8.09 21.37 14.64
N ALA D 143 -8.09 20.58 13.57
CA ALA D 143 -9.33 20.32 12.84
C ALA D 143 -10.39 19.72 13.75
N LYS D 144 -10.02 18.69 14.51
CA LYS D 144 -10.98 18.11 15.44
C LYS D 144 -11.41 19.13 16.49
N ALA D 145 -10.44 19.77 17.15
CA ALA D 145 -10.74 20.75 18.19
C ALA D 145 -11.73 21.82 17.70
N VAL D 146 -11.43 22.48 16.59
CA VAL D 146 -12.32 23.54 16.09
C VAL D 146 -13.56 22.96 15.42
N GLY D 147 -13.47 21.76 14.85
CA GLY D 147 -14.65 21.19 14.18
C GLY D 147 -15.81 20.94 15.13
N HIS D 148 -15.52 20.59 16.38
CA HIS D 148 -16.59 20.48 17.38
C HIS D 148 -17.28 21.81 17.59
N HIS D 149 -16.53 22.92 17.51
CA HIS D 149 -17.12 24.26 17.63
C HIS D 149 -17.91 24.64 16.37
N PHE D 150 -17.35 24.38 15.18
CA PHE D 150 -18.08 24.65 13.95
C PHE D 150 -19.38 23.85 13.89
N LYS D 151 -19.35 22.59 14.32
CA LYS D 151 -20.55 21.77 14.29
C LYS D 151 -21.62 22.35 15.21
N GLU D 152 -21.23 22.87 16.36
CA GLU D 152 -22.19 23.49 17.26
C GLU D 152 -22.77 24.76 16.66
N ARG D 153 -21.94 25.59 16.03
CA ARG D 153 -22.42 26.85 15.50
C ARG D 153 -23.13 26.71 14.15
N GLY D 154 -22.91 25.60 13.44
CA GLY D 154 -23.53 25.43 12.13
C GLY D 154 -22.84 26.16 10.99
N THR D 155 -21.67 26.74 11.23
CA THR D 155 -20.96 27.49 10.19
C THR D 155 -19.47 27.43 10.49
N GLY D 156 -18.64 27.69 9.48
CA GLY D 156 -17.21 27.82 9.70
C GLY D 156 -16.41 27.58 8.44
N SER D 157 -15.13 27.94 8.52
CA SER D 157 -14.19 27.73 7.43
C SER D 157 -12.84 27.35 8.01
N LEU D 158 -12.32 26.19 7.63
CA LEU D 158 -10.99 25.74 8.01
C LEU D 158 -10.07 25.82 6.79
N VAL D 159 -8.94 26.51 6.94
CA VAL D 159 -7.94 26.72 5.90
C VAL D 159 -6.64 26.08 6.40
N ILE D 160 -6.15 25.07 5.68
CA ILE D 160 -4.96 24.33 6.07
C ILE D 160 -3.79 24.78 5.21
N THR D 161 -2.65 25.09 5.84
CA THR D 161 -1.42 25.35 5.12
C THR D 161 -0.75 24.02 4.84
N ALA D 162 -0.79 23.57 3.60
CA ALA D 162 -0.13 22.34 3.18
C ALA D 162 1.24 22.71 2.59
N SER D 163 1.60 22.27 1.40
CA SER D 163 2.85 22.62 0.75
C SER D 163 2.85 21.93 -0.60
N MET D 164 3.63 22.49 -1.54
CA MET D 164 3.81 21.76 -2.79
C MET D 164 4.53 20.45 -2.56
N SER D 165 5.24 20.32 -1.43
CA SER D 165 5.83 19.04 -1.04
C SER D 165 4.78 17.94 -0.85
N GLY D 166 3.51 18.31 -0.69
CA GLY D 166 2.42 17.35 -0.72
C GLY D 166 2.02 16.86 -2.11
N HIS D 167 2.52 17.51 -3.15
CA HIS D 167 2.28 17.14 -4.53
C HIS D 167 3.49 16.51 -5.20
N ILE D 168 4.69 17.00 -4.91
CA ILE D 168 5.91 16.53 -5.54
C ILE D 168 6.93 16.23 -4.46
N ALA D 169 8.05 15.63 -4.86
CA ALA D 169 9.17 15.37 -3.98
C ALA D 169 10.26 16.41 -4.23
N ASN D 170 10.59 17.18 -3.20
CA ASN D 170 11.61 18.23 -3.32
C ASN D 170 12.96 17.64 -3.71
N PHE D 171 13.75 18.46 -4.42
CA PHE D 171 15.04 18.07 -4.94
C PHE D 171 15.95 19.29 -4.83
N PRO D 172 17.22 19.12 -4.41
CA PRO D 172 17.92 17.88 -4.09
C PRO D 172 17.84 17.43 -2.62
N GLN D 173 17.24 18.22 -1.74
CA GLN D 173 17.15 17.79 -0.34
C GLN D 173 16.12 16.68 -0.20
N GLU D 174 16.43 15.70 0.66
CA GLU D 174 15.52 14.59 0.95
C GLU D 174 14.69 14.92 2.19
N GLN D 175 13.37 14.75 2.10
CA GLN D 175 12.51 15.11 3.22
C GLN D 175 11.17 14.38 3.16
N THR D 176 11.22 13.06 2.97
CA THR D 176 10.02 12.30 2.64
C THR D 176 8.97 12.38 3.75
N SER D 177 9.41 12.39 5.02
CA SER D 177 8.44 12.48 6.13
C SER D 177 7.61 13.75 6.01
N TYR D 178 8.25 14.87 5.68
CA TYR D 178 7.51 16.12 5.51
C TYR D 178 6.62 16.07 4.27
N ASN D 179 7.12 15.51 3.17
CA ASN D 179 6.29 15.36 1.98
C ASN D 179 5.02 14.56 2.30
N VAL D 180 5.18 13.42 2.97
CA VAL D 180 4.05 12.54 3.27
C VAL D 180 3.05 13.24 4.19
N ALA D 181 3.56 13.90 5.24
CA ALA D 181 2.65 14.60 6.15
C ALA D 181 1.84 15.66 5.42
N LYS D 182 2.48 16.39 4.51
CA LYS D 182 1.78 17.44 3.79
C LYS D 182 0.79 16.84 2.81
N ALA D 183 1.11 15.68 2.20
CA ALA D 183 0.14 15.06 1.31
C ALA D 183 -1.09 14.64 2.10
N GLY D 184 -0.89 14.18 3.34
CA GLY D 184 -2.01 13.85 4.21
C GLY D 184 -2.84 15.07 4.55
N CYS D 185 -2.19 16.21 4.79
CA CYS D 185 -2.94 17.45 5.05
C CYS D 185 -3.84 17.81 3.87
N ILE D 186 -3.33 17.70 2.64
CA ILE D 186 -4.11 18.03 1.46
C ILE D 186 -5.35 17.16 1.37
N HIS D 187 -5.18 15.85 1.58
CA HIS D 187 -6.34 14.99 1.46
C HIS D 187 -7.22 15.07 2.69
N MET D 188 -6.65 15.43 3.84
CA MET D 188 -7.50 15.74 4.99
C MET D 188 -8.49 16.84 4.65
N ALA D 189 -8.07 17.85 3.87
CA ALA D 189 -8.99 18.93 3.54
C ALA D 189 -10.13 18.45 2.65
N ARG D 190 -9.82 17.64 1.62
CA ARG D 190 -10.89 17.06 0.79
C ARG D 190 -11.83 16.21 1.63
N SER D 191 -11.27 15.34 2.47
CA SER D 191 -12.06 14.39 3.24
C SER D 191 -12.92 15.09 4.29
N LEU D 192 -12.37 16.08 4.99
CA LEU D 192 -13.19 16.85 5.95
C LEU D 192 -14.22 17.72 5.25
N ALA D 193 -13.91 18.21 4.05
CA ALA D 193 -14.91 18.98 3.31
C ALA D 193 -16.17 18.14 3.12
N ASN D 194 -15.99 16.86 2.81
CA ASN D 194 -17.13 15.98 2.68
C ASN D 194 -17.73 15.64 4.05
N GLU D 195 -16.89 15.34 5.05
CA GLU D 195 -17.40 14.99 6.37
C GLU D 195 -18.19 16.15 6.99
N TRP D 196 -17.71 17.38 6.83
CA TRP D 196 -18.36 18.55 7.44
C TRP D 196 -19.30 19.26 6.48
N ARG D 197 -19.80 18.56 5.46
CA ARG D 197 -20.55 19.21 4.38
C ARG D 197 -21.78 19.96 4.85
N ASP D 198 -22.32 19.65 6.02
CA ASP D 198 -23.52 20.35 6.48
C ASP D 198 -23.23 21.58 7.32
N PHE D 199 -21.95 21.90 7.61
CA PHE D 199 -21.73 23.02 8.52
C PHE D 199 -20.43 23.79 8.34
N ALA D 200 -19.50 23.32 7.49
CA ALA D 200 -18.27 24.09 7.37
C ALA D 200 -17.54 23.72 6.09
N ARG D 201 -16.75 24.66 5.61
CA ARG D 201 -15.90 24.49 4.44
C ARG D 201 -14.47 24.24 4.90
N VAL D 202 -13.75 23.40 4.14
CA VAL D 202 -12.35 23.09 4.41
C VAL D 202 -11.60 23.15 3.09
N ASN D 203 -10.45 23.82 3.08
CA ASN D 203 -9.63 23.97 1.88
C ASN D 203 -8.17 24.03 2.32
N SER D 204 -7.26 23.82 1.35
CA SER D 204 -5.83 23.87 1.64
C SER D 204 -5.14 24.85 0.69
N ILE D 205 -4.04 25.41 1.17
CA ILE D 205 -3.13 26.22 0.38
C ILE D 205 -1.78 25.53 0.41
N SER D 206 -1.17 25.34 -0.77
CA SER D 206 0.09 24.60 -0.92
C SER D 206 1.16 25.56 -1.43
N PRO D 207 1.83 26.28 -0.55
CA PRO D 207 2.87 27.20 -1.01
C PRO D 207 4.08 26.46 -1.57
N GLY D 208 4.78 27.12 -2.50
CA GLY D 208 6.09 26.70 -2.93
C GLY D 208 7.18 27.23 -2.02
N TYR D 209 8.35 27.57 -2.56
CA TYR D 209 9.43 28.12 -1.74
C TYR D 209 9.12 29.57 -1.39
N ILE D 210 8.81 29.83 -0.13
CA ILE D 210 8.47 31.17 0.38
C ILE D 210 9.59 31.63 1.30
N ASP D 211 10.08 32.84 1.07
CA ASP D 211 11.16 33.42 1.87
C ASP D 211 10.56 33.91 3.19
N THR D 212 10.37 32.97 4.12
CA THR D 212 9.84 33.27 5.45
C THR D 212 10.89 33.17 6.55
N GLY D 213 12.05 32.57 6.27
CA GLY D 213 13.03 32.21 7.29
C GLY D 213 13.03 30.74 7.66
N LEU D 214 12.04 29.97 7.22
CA LEU D 214 11.94 28.56 7.60
C LEU D 214 13.05 27.72 6.96
N SER D 215 13.49 28.07 5.76
CA SER D 215 14.56 27.35 5.07
C SER D 215 15.92 28.02 5.25
N ASP D 216 16.09 28.82 6.31
CA ASP D 216 17.38 29.46 6.54
C ASP D 216 18.47 28.46 6.90
N PHE D 217 18.08 27.23 7.29
CA PHE D 217 19.02 26.16 7.56
C PHE D 217 19.52 25.47 6.30
N VAL D 218 19.02 25.85 5.13
CA VAL D 218 19.42 25.24 3.86
C VAL D 218 20.55 26.07 3.26
N PRO D 219 21.64 25.42 2.78
CA PRO D 219 22.76 26.17 2.18
C PRO D 219 22.35 27.01 0.98
N LYS D 220 23.31 27.74 0.42
CA LYS D 220 23.00 28.76 -0.59
C LYS D 220 23.02 28.17 -2.00
N GLU D 221 24.03 27.37 -2.32
CA GLU D 221 24.07 26.62 -3.57
C GLU D 221 22.77 25.86 -3.81
N THR D 222 22.19 25.29 -2.75
CA THR D 222 20.92 24.56 -2.87
C THR D 222 19.78 25.50 -3.22
N GLN D 223 19.72 26.68 -2.59
CA GLN D 223 18.63 27.61 -2.85
C GLN D 223 18.72 28.22 -4.25
N GLN D 224 19.94 28.37 -4.79
CA GLN D 224 20.08 28.88 -6.15
C GLN D 224 19.66 27.84 -7.18
N LEU D 225 19.85 26.54 -6.86
CA LEU D 225 19.34 25.50 -7.74
C LEU D 225 17.81 25.49 -7.75
N TRP D 226 17.18 25.80 -6.62
CA TRP D 226 15.72 25.88 -6.57
C TRP D 226 15.20 26.93 -7.54
N HIS D 227 15.85 28.09 -7.59
CA HIS D 227 15.36 29.18 -8.42
C HIS D 227 15.34 28.80 -9.90
N SER D 228 16.31 28.01 -10.34
CA SER D 228 16.34 27.58 -11.73
C SER D 228 15.18 26.63 -12.03
N MET D 229 14.62 26.01 -11.00
CA MET D 229 13.49 25.11 -11.15
C MET D 229 12.15 25.83 -11.00
N ILE D 230 12.14 27.06 -10.52
CA ILE D 230 10.92 27.85 -10.38
C ILE D 230 10.76 28.68 -11.65
N PRO D 231 9.69 28.49 -12.43
CA PRO D 231 9.50 29.33 -13.63
C PRO D 231 9.55 30.83 -13.37
N MET D 232 8.94 31.31 -12.29
CA MET D 232 9.04 32.73 -11.98
C MET D 232 10.44 33.15 -11.57
N GLY D 233 11.30 32.20 -11.20
CA GLY D 233 12.71 32.49 -10.99
C GLY D 233 13.10 33.05 -9.64
N ARG D 234 12.23 32.97 -8.63
CA ARG D 234 12.47 33.65 -7.37
C ARG D 234 11.66 32.97 -6.28
N ASP D 235 12.09 33.19 -5.04
CA ASP D 235 11.28 32.81 -3.89
C ASP D 235 9.99 33.62 -3.85
N GLY D 236 8.93 33.01 -3.32
CA GLY D 236 7.75 33.77 -3.02
C GLY D 236 7.93 34.59 -1.76
N LEU D 237 6.98 35.50 -1.52
CA LEU D 237 6.92 36.30 -0.31
C LEU D 237 5.60 36.02 0.41
N ALA D 238 5.63 35.98 1.74
CA ALA D 238 4.41 35.67 2.48
C ALA D 238 3.29 36.67 2.18
N LYS D 239 3.62 37.93 1.89
CA LYS D 239 2.58 38.90 1.56
C LYS D 239 1.86 38.59 0.25
N GLU D 240 2.46 37.76 -0.61
CA GLU D 240 1.78 37.28 -1.79
C GLU D 240 0.82 36.14 -1.50
N LEU D 241 0.71 35.71 -0.25
CA LEU D 241 -0.20 34.63 0.07
C LEU D 241 -1.40 35.08 0.89
N LYS D 242 -1.37 36.31 1.43
CA LYS D 242 -2.46 36.78 2.27
C LYS D 242 -3.80 36.80 1.52
N GLY D 243 -3.78 37.05 0.21
CA GLY D 243 -5.03 37.10 -0.52
C GLY D 243 -5.73 35.75 -0.54
N ALA D 244 -4.96 34.66 -0.63
CA ALA D 244 -5.56 33.33 -0.66
C ALA D 244 -6.16 32.96 0.68
N TYR D 245 -5.47 33.26 1.79
CA TYR D 245 -6.01 32.95 3.10
C TYR D 245 -7.34 33.66 3.32
N VAL D 246 -7.40 34.96 3.00
CA VAL D 246 -8.61 35.75 3.17
C VAL D 246 -9.73 35.22 2.27
N TYR D 247 -9.39 34.86 1.04
CA TYR D 247 -10.38 34.31 0.12
C TYR D 247 -11.13 33.13 0.74
N PHE D 248 -10.37 32.17 1.26
CA PHE D 248 -10.94 30.95 1.85
C PHE D 248 -11.61 31.20 3.20
N ALA D 249 -11.08 32.12 3.99
CA ALA D 249 -11.66 32.40 5.30
C ALA D 249 -12.95 33.22 5.20
N SER D 250 -13.15 33.98 4.13
CA SER D 250 -14.27 34.89 4.03
C SER D 250 -15.42 34.26 3.25
N ASP D 251 -16.49 35.02 3.13
CA ASP D 251 -17.64 34.69 2.31
C ASP D 251 -17.41 34.94 0.82
N ALA D 252 -16.15 35.17 0.40
CA ALA D 252 -15.84 35.20 -1.01
C ALA D 252 -15.78 33.81 -1.63
N SER D 253 -15.81 32.77 -0.81
CA SER D 253 -15.66 31.41 -1.30
C SER D 253 -16.76 30.49 -0.79
N THR D 254 -18.03 30.93 -0.79
CA THR D 254 -19.04 30.09 -0.14
C THR D 254 -19.42 28.84 -0.96
N TYR D 255 -18.92 28.66 -2.20
CA TYR D 255 -19.09 27.39 -2.91
C TYR D 255 -17.78 26.63 -3.03
N THR D 256 -16.72 27.09 -2.38
CA THR D 256 -15.39 26.49 -2.50
C THR D 256 -15.12 25.64 -1.27
N THR D 257 -15.10 24.32 -1.45
CA THR D 257 -14.74 23.44 -0.34
C THR D 257 -14.11 22.16 -0.89
N GLY D 258 -13.08 21.69 -0.19
CA GLY D 258 -12.33 20.54 -0.67
C GLY D 258 -11.33 20.88 -1.76
N ALA D 259 -10.99 22.16 -1.93
CA ALA D 259 -10.06 22.62 -2.94
C ALA D 259 -8.67 22.85 -2.35
N ASP D 260 -7.66 22.75 -3.21
CA ASP D 260 -6.28 23.07 -2.89
C ASP D 260 -5.78 24.11 -3.89
N LEU D 261 -5.04 25.10 -3.40
CA LEU D 261 -4.53 26.18 -4.22
C LEU D 261 -3.01 26.16 -4.16
N LEU D 262 -2.36 25.80 -5.28
CA LEU D 262 -0.91 25.84 -5.33
C LEU D 262 -0.45 27.28 -5.57
N ILE D 263 0.45 27.78 -4.73
CA ILE D 263 1.02 29.11 -4.86
C ILE D 263 2.54 28.93 -4.84
N ASP D 264 3.09 28.63 -6.02
CA ASP D 264 4.45 28.10 -6.09
C ASP D 264 5.29 28.69 -7.21
N GLY D 265 4.89 29.85 -7.75
CA GLY D 265 5.64 30.46 -8.83
C GLY D 265 5.74 29.60 -10.07
N GLY D 266 4.85 28.62 -10.21
CA GLY D 266 4.86 27.71 -11.32
C GLY D 266 5.64 26.42 -11.12
N TYR D 267 6.24 26.20 -9.95
CA TYR D 267 7.16 25.06 -9.77
C TYR D 267 6.53 23.73 -10.18
N THR D 268 5.28 23.49 -9.85
CA THR D 268 4.70 22.19 -10.16
C THR D 268 4.18 22.08 -11.58
N THR D 269 4.34 23.11 -12.42
CA THR D 269 3.91 22.96 -13.81
C THR D 269 4.88 22.09 -14.60
N ARG D 270 6.15 22.05 -14.19
CA ARG D 270 7.17 21.22 -14.84
C ARG D 270 7.24 19.81 -14.25
N GLY E 6 -45.36 -12.97 -21.64
CA GLY E 6 -44.63 -13.70 -22.65
C GLY E 6 -43.12 -13.45 -22.62
N GLN E 7 -42.45 -13.77 -23.73
CA GLN E 7 -41.01 -13.63 -23.86
C GLN E 7 -40.67 -12.94 -25.17
N GLN E 8 -39.47 -12.36 -25.24
CA GLN E 8 -39.07 -11.49 -26.34
C GLN E 8 -38.21 -12.23 -27.37
N ALA E 9 -38.24 -11.69 -28.58
CA ALA E 9 -37.36 -12.18 -29.63
C ALA E 9 -35.91 -11.81 -29.31
N THR E 10 -34.98 -12.59 -29.86
CA THR E 10 -33.57 -12.25 -29.78
C THR E 10 -33.33 -10.86 -30.37
N LYS E 11 -32.36 -10.14 -29.80
CA LYS E 11 -31.95 -8.86 -30.36
C LYS E 11 -30.97 -9.03 -31.52
N HIS E 12 -30.30 -10.17 -31.60
CA HIS E 12 -29.30 -10.42 -32.64
C HIS E 12 -29.95 -10.70 -33.98
N GLU E 13 -29.31 -10.22 -35.05
CA GLU E 13 -29.71 -10.51 -36.42
C GLU E 13 -28.91 -11.65 -37.03
N SER E 14 -27.62 -11.70 -36.74
CA SER E 14 -26.76 -12.75 -37.26
C SER E 14 -27.01 -14.08 -36.55
N LEU E 15 -27.06 -15.16 -37.35
CA LEU E 15 -27.31 -16.48 -36.80
C LEU E 15 -26.17 -16.92 -35.89
N LEU E 16 -24.93 -16.59 -36.26
CA LEU E 16 -23.80 -16.94 -35.40
C LEU E 16 -23.86 -16.21 -34.06
N ASP E 17 -24.43 -14.99 -34.03
CA ASP E 17 -24.65 -14.32 -32.75
C ASP E 17 -25.78 -14.99 -31.99
N GLN E 18 -26.84 -15.38 -32.70
CA GLN E 18 -27.96 -16.04 -32.06
C GLN E 18 -27.55 -17.36 -31.41
N LEU E 19 -26.64 -18.08 -32.06
CA LEU E 19 -26.18 -19.36 -31.56
C LEU E 19 -25.15 -19.22 -30.44
N SER E 20 -24.57 -18.03 -30.26
CA SER E 20 -23.49 -17.89 -29.30
C SER E 20 -24.00 -18.11 -27.87
N LEU E 21 -23.23 -18.88 -27.09
CA LEU E 21 -23.53 -19.09 -25.69
C LEU E 21 -22.49 -18.44 -24.79
N LYS E 22 -21.77 -17.44 -25.29
CA LYS E 22 -20.83 -16.69 -24.47
C LYS E 22 -21.58 -15.98 -23.36
N GLY E 23 -21.01 -16.00 -22.16
CA GLY E 23 -21.66 -15.41 -21.01
C GLY E 23 -22.83 -16.20 -20.45
N LYS E 24 -23.07 -17.40 -20.96
CA LYS E 24 -24.20 -18.21 -20.56
C LYS E 24 -23.73 -19.51 -19.90
N VAL E 25 -24.61 -20.11 -19.11
CA VAL E 25 -24.31 -21.34 -18.37
C VAL E 25 -25.33 -22.40 -18.78
N VAL E 26 -24.84 -23.57 -19.17
CA VAL E 26 -25.67 -24.70 -19.56
C VAL E 26 -25.39 -25.86 -18.61
N VAL E 27 -26.46 -26.48 -18.12
CA VAL E 27 -26.38 -27.70 -17.32
C VAL E 27 -26.79 -28.87 -18.21
N VAL E 28 -26.01 -29.95 -18.21
CA VAL E 28 -26.37 -31.17 -18.93
C VAL E 28 -26.34 -32.32 -17.94
N THR E 29 -27.51 -32.94 -17.67
CA THR E 29 -27.51 -34.13 -16.83
C THR E 29 -27.19 -35.37 -17.65
N GLY E 30 -26.63 -36.38 -16.99
CA GLY E 30 -26.31 -37.63 -17.65
C GLY E 30 -25.30 -37.50 -18.78
N ALA E 31 -24.18 -36.84 -18.53
CA ALA E 31 -23.13 -36.65 -19.53
C ALA E 31 -21.81 -37.22 -19.07
N SER E 32 -21.85 -38.41 -18.47
CA SER E 32 -20.66 -39.07 -17.95
C SER E 32 -20.11 -40.15 -18.89
N GLY E 33 -20.88 -40.55 -19.89
CA GLY E 33 -20.41 -41.52 -20.87
C GLY E 33 -19.51 -40.89 -21.90
N PRO E 34 -18.80 -41.74 -22.65
CA PRO E 34 -17.82 -41.23 -23.62
C PRO E 34 -18.45 -40.73 -24.92
N LYS E 35 -19.57 -41.33 -25.34
CA LYS E 35 -20.18 -41.01 -26.63
C LYS E 35 -21.69 -40.90 -26.52
N GLY E 36 -22.19 -40.43 -25.36
CA GLY E 36 -23.61 -40.25 -25.16
C GLY E 36 -24.12 -38.92 -25.69
N MET E 37 -25.44 -38.79 -25.69
CA MET E 37 -26.06 -37.52 -26.08
C MET E 37 -25.59 -36.39 -25.18
N GLY E 38 -25.35 -36.69 -23.90
CA GLY E 38 -25.03 -35.65 -22.94
C GLY E 38 -23.71 -34.95 -23.24
N ILE E 39 -22.67 -35.73 -23.55
CA ILE E 39 -21.35 -35.15 -23.76
C ILE E 39 -21.31 -34.37 -25.08
N GLU E 40 -22.01 -34.85 -26.10
CA GLU E 40 -22.05 -34.11 -27.37
C GLU E 40 -22.85 -32.83 -27.25
N ALA E 41 -23.88 -32.82 -26.41
CA ALA E 41 -24.61 -31.59 -26.12
C ALA E 41 -23.72 -30.60 -25.37
N ALA E 42 -22.99 -31.10 -24.36
CA ALA E 42 -22.03 -30.25 -23.66
C ALA E 42 -20.93 -29.77 -24.59
N ARG E 43 -20.45 -30.65 -25.48
CA ARG E 43 -19.40 -30.25 -26.44
C ARG E 43 -19.91 -29.17 -27.38
N GLY E 44 -21.10 -29.35 -27.94
CA GLY E 44 -21.67 -28.33 -28.79
C GLY E 44 -21.83 -27.01 -28.04
N CYS E 45 -22.35 -27.07 -26.81
CA CYS E 45 -22.53 -25.85 -26.04
C CYS E 45 -21.20 -25.19 -25.70
N ALA E 46 -20.19 -25.99 -25.35
CA ALA E 46 -18.86 -25.44 -25.10
C ALA E 46 -18.29 -24.77 -26.35
N GLU E 47 -18.49 -25.39 -27.52
CA GLU E 47 -17.98 -24.81 -28.75
C GLU E 47 -18.55 -23.42 -28.99
N MET E 48 -19.79 -23.18 -28.54
CA MET E 48 -20.45 -21.90 -28.68
C MET E 48 -20.11 -20.96 -27.53
N GLY E 49 -19.22 -21.35 -26.63
CA GLY E 49 -18.76 -20.46 -25.57
C GLY E 49 -19.46 -20.59 -24.24
N ALA E 50 -20.29 -21.61 -24.03
CA ALA E 50 -20.94 -21.74 -22.74
C ALA E 50 -19.97 -22.24 -21.69
N ALA E 51 -20.20 -21.82 -20.44
CA ALA E 51 -19.71 -22.58 -19.31
C ALA E 51 -20.67 -23.74 -19.07
N VAL E 52 -20.13 -24.90 -18.73
CA VAL E 52 -20.91 -26.14 -18.79
C VAL E 52 -20.78 -26.88 -17.46
N ALA E 53 -21.92 -27.29 -16.91
CA ALA E 53 -21.97 -28.23 -15.79
C ALA E 53 -22.56 -29.53 -16.28
N ILE E 54 -21.90 -30.64 -15.96
CA ILE E 54 -22.41 -31.96 -16.31
C ILE E 54 -22.63 -32.75 -15.02
N THR E 55 -23.48 -33.78 -15.12
CA THR E 55 -23.76 -34.62 -13.96
C THR E 55 -23.51 -36.08 -14.29
N TYR E 56 -23.28 -36.85 -13.24
CA TYR E 56 -23.05 -38.29 -13.33
C TYR E 56 -23.85 -38.96 -12.24
N ALA E 57 -24.05 -40.27 -12.39
CA ALA E 57 -24.62 -41.10 -11.32
C ALA E 57 -23.59 -42.13 -10.84
N SER E 58 -23.23 -43.11 -11.67
CA SER E 58 -22.30 -44.15 -11.28
C SER E 58 -20.92 -44.00 -11.92
N ARG E 59 -20.73 -43.03 -12.82
CA ARG E 59 -19.46 -42.87 -13.54
C ARG E 59 -18.85 -41.51 -13.22
N ALA E 60 -18.30 -41.37 -12.00
CA ALA E 60 -17.63 -40.14 -11.59
C ALA E 60 -16.35 -39.89 -12.38
N GLN E 61 -15.57 -40.95 -12.65
CA GLN E 61 -14.30 -40.74 -13.34
C GLN E 61 -14.53 -40.43 -14.82
N GLY E 62 -15.50 -41.09 -15.45
CA GLY E 62 -15.84 -40.75 -16.82
C GLY E 62 -16.34 -39.33 -16.95
N ALA E 63 -17.07 -38.85 -15.94
CA ALA E 63 -17.51 -37.45 -15.96
C ALA E 63 -16.35 -36.50 -15.75
N GLU E 64 -15.42 -36.84 -14.84
CA GLU E 64 -14.32 -35.94 -14.56
C GLU E 64 -13.35 -35.85 -15.73
N GLU E 65 -13.20 -36.93 -16.50
CA GLU E 65 -12.38 -36.87 -17.72
C GLU E 65 -13.08 -36.07 -18.82
N ASN E 66 -14.41 -36.15 -18.89
CA ASN E 66 -15.17 -35.31 -19.80
C ASN E 66 -14.95 -33.84 -19.50
N VAL E 67 -14.96 -33.47 -18.22
CA VAL E 67 -14.75 -32.08 -17.82
C VAL E 67 -13.40 -31.57 -18.31
N LYS E 68 -12.35 -32.36 -18.07
CA LYS E 68 -11.01 -31.94 -18.47
C LYS E 68 -10.90 -31.81 -19.98
N GLU E 69 -11.42 -32.78 -20.73
CA GLU E 69 -11.45 -32.67 -22.18
C GLU E 69 -12.17 -31.39 -22.62
N LEU E 70 -13.35 -31.12 -22.04
CA LEU E 70 -14.11 -29.94 -22.39
C LEU E 70 -13.31 -28.66 -22.14
N GLU E 71 -12.69 -28.57 -20.96
CA GLU E 71 -11.88 -27.39 -20.65
C GLU E 71 -10.68 -27.30 -21.58
N LYS E 72 -10.01 -28.43 -21.82
CA LYS E 72 -8.83 -28.44 -22.70
C LYS E 72 -9.21 -28.01 -24.11
N THR E 73 -10.28 -28.58 -24.65
CA THR E 73 -10.62 -28.40 -26.06
C THR E 73 -11.21 -27.02 -26.35
N TYR E 74 -12.03 -26.48 -25.44
CA TYR E 74 -12.83 -25.31 -25.76
C TYR E 74 -12.52 -24.08 -24.91
N GLY E 75 -11.62 -24.20 -23.94
CA GLY E 75 -11.20 -23.05 -23.16
C GLY E 75 -12.22 -22.50 -22.20
N ILE E 76 -13.25 -23.27 -21.87
CA ILE E 76 -14.35 -22.78 -21.04
C ILE E 76 -14.23 -23.39 -19.66
N LYS E 77 -15.04 -22.86 -18.73
CA LYS E 77 -15.12 -23.39 -17.38
C LYS E 77 -16.17 -24.50 -17.36
N ALA E 78 -15.80 -25.65 -16.81
CA ALA E 78 -16.70 -26.78 -16.68
C ALA E 78 -16.52 -27.40 -15.30
N LYS E 79 -17.56 -28.07 -14.82
CA LYS E 79 -17.52 -28.76 -13.54
C LYS E 79 -18.47 -29.95 -13.59
N ALA E 80 -18.10 -31.04 -12.92
CA ALA E 80 -18.94 -32.22 -12.82
C ALA E 80 -19.63 -32.26 -11.46
N TYR E 81 -20.88 -32.72 -11.43
CA TYR E 81 -21.66 -32.82 -10.20
C TYR E 81 -22.32 -34.19 -10.11
N LYS E 82 -22.37 -34.72 -8.90
CA LYS E 82 -23.19 -35.90 -8.64
C LYS E 82 -24.66 -35.52 -8.62
N CYS E 83 -25.49 -36.29 -9.30
CA CYS E 83 -26.93 -36.06 -9.24
C CYS E 83 -27.66 -37.37 -9.50
N GLN E 84 -28.63 -37.69 -8.64
CA GLN E 84 -29.58 -38.77 -8.85
C GLN E 84 -30.90 -38.10 -9.18
N VAL E 85 -31.28 -38.10 -10.46
CA VAL E 85 -32.48 -37.35 -10.84
C VAL E 85 -33.74 -37.94 -10.20
N ASP E 86 -33.70 -39.21 -9.78
CA ASP E 86 -34.85 -39.82 -9.13
C ASP E 86 -35.10 -39.26 -7.72
N SER E 87 -34.23 -38.41 -7.21
CA SER E 87 -34.42 -37.78 -5.90
C SER E 87 -34.56 -36.28 -6.12
N TYR E 88 -35.69 -35.71 -5.68
CA TYR E 88 -35.86 -34.28 -5.87
C TYR E 88 -34.81 -33.51 -5.08
N GLU E 89 -34.44 -34.03 -3.91
CA GLU E 89 -33.40 -33.43 -3.08
C GLU E 89 -32.11 -33.25 -3.86
N SER E 90 -31.73 -34.27 -4.64
CA SER E 90 -30.49 -34.19 -5.40
C SER E 90 -30.60 -33.16 -6.52
N CYS E 91 -31.79 -33.02 -7.13
CA CYS E 91 -31.94 -32.05 -8.21
C CYS E 91 -31.98 -30.62 -7.68
N GLU E 92 -32.70 -30.42 -6.58
CA GLU E 92 -32.69 -29.12 -5.91
C GLU E 92 -31.27 -28.71 -5.53
N LYS E 93 -30.47 -29.67 -5.07
CA LYS E 93 -29.09 -29.40 -4.69
C LYS E 93 -28.21 -29.11 -5.91
N LEU E 94 -28.46 -29.82 -7.01
CA LEU E 94 -27.69 -29.57 -8.23
C LEU E 94 -27.84 -28.11 -8.66
N VAL E 95 -29.07 -27.60 -8.67
CA VAL E 95 -29.31 -26.24 -9.13
C VAL E 95 -28.68 -25.23 -8.17
N LYS E 96 -28.87 -25.45 -6.87
CA LYS E 96 -28.28 -24.56 -5.87
C LYS E 96 -26.76 -24.48 -6.03
N ASP E 97 -26.11 -25.64 -6.19
CA ASP E 97 -24.65 -25.65 -6.31
C ASP E 97 -24.19 -25.04 -7.64
N VAL E 98 -24.89 -25.34 -8.74
CA VAL E 98 -24.47 -24.76 -10.02
C VAL E 98 -24.65 -23.25 -9.98
N VAL E 99 -25.78 -22.78 -9.46
CA VAL E 99 -25.99 -21.34 -9.37
C VAL E 99 -24.96 -20.72 -8.43
N ALA E 100 -24.54 -21.46 -7.40
CA ALA E 100 -23.45 -20.98 -6.55
C ALA E 100 -22.12 -20.95 -7.30
N ASP E 101 -21.84 -21.96 -8.12
CA ASP E 101 -20.51 -22.07 -8.73
C ASP E 101 -20.38 -21.21 -9.98
N PHE E 102 -21.45 -21.09 -10.76
CA PHE E 102 -21.41 -20.38 -12.03
C PHE E 102 -22.19 -19.08 -12.01
N GLY E 103 -22.99 -18.83 -10.98
CA GLY E 103 -23.75 -17.60 -10.87
C GLY E 103 -25.16 -17.66 -11.40
N GLN E 104 -25.47 -18.58 -12.30
CA GLN E 104 -26.79 -18.65 -12.92
C GLN E 104 -26.84 -19.92 -13.75
N ILE E 105 -28.04 -20.23 -14.24
CA ILE E 105 -28.28 -21.27 -15.23
C ILE E 105 -29.15 -20.67 -16.32
N ASP E 106 -28.61 -20.57 -17.55
CA ASP E 106 -29.36 -20.05 -18.67
C ASP E 106 -30.13 -21.14 -19.42
N ALA E 107 -29.56 -22.34 -19.51
CA ALA E 107 -30.21 -23.43 -20.20
C ALA E 107 -29.93 -24.73 -19.47
N PHE E 108 -30.94 -25.58 -19.40
CA PHE E 108 -30.85 -26.86 -18.71
C PHE E 108 -31.25 -27.95 -19.69
N ILE E 109 -30.41 -28.96 -19.82
CA ILE E 109 -30.66 -30.08 -20.72
C ILE E 109 -30.90 -31.31 -19.83
N ALA E 110 -32.19 -31.65 -19.64
CA ALA E 110 -32.57 -32.81 -18.84
C ALA E 110 -32.44 -34.05 -19.72
N ASN E 111 -31.36 -34.81 -19.52
CA ASN E 111 -30.98 -35.87 -20.44
C ASN E 111 -30.77 -37.23 -19.77
N ALA E 112 -30.61 -37.29 -18.45
CA ALA E 112 -30.40 -38.55 -17.76
C ALA E 112 -31.59 -39.50 -17.96
N GLY E 113 -31.31 -40.79 -18.06
CA GLY E 113 -32.36 -41.77 -18.28
C GLY E 113 -31.85 -43.19 -18.18
N ALA E 114 -32.79 -44.12 -18.02
CA ALA E 114 -32.49 -45.54 -17.92
C ALA E 114 -33.44 -46.33 -18.82
N THR E 115 -33.03 -47.54 -19.19
CA THR E 115 -33.81 -48.36 -20.12
C THR E 115 -34.65 -49.41 -19.40
N ALA E 116 -35.67 -49.88 -20.10
CA ALA E 116 -36.50 -51.00 -19.66
C ALA E 116 -36.06 -52.27 -20.38
N ASP E 117 -36.35 -53.43 -19.77
CA ASP E 117 -35.95 -54.68 -20.40
C ASP E 117 -37.08 -55.70 -20.47
N SER E 118 -38.34 -55.27 -20.42
CA SER E 118 -39.47 -56.18 -20.63
C SER E 118 -40.75 -55.36 -20.72
N GLY E 119 -41.79 -55.98 -21.26
CA GLY E 119 -43.13 -55.43 -21.18
C GLY E 119 -43.68 -55.53 -19.75
N ILE E 120 -44.95 -55.17 -19.61
CA ILE E 120 -45.51 -55.07 -18.26
C ILE E 120 -45.94 -56.42 -17.68
N LEU E 121 -46.27 -57.42 -18.52
CA LEU E 121 -46.70 -58.69 -17.94
C LEU E 121 -45.50 -59.49 -17.43
N ASP E 122 -44.39 -59.46 -18.15
CA ASP E 122 -43.19 -60.16 -17.71
C ASP E 122 -42.45 -59.38 -16.64
N GLY E 123 -42.58 -58.08 -16.60
CA GLY E 123 -41.90 -57.30 -15.59
C GLY E 123 -42.74 -57.15 -14.33
N SER E 124 -42.06 -56.80 -13.24
CA SER E 124 -42.75 -56.61 -11.98
C SER E 124 -43.20 -55.16 -11.83
N VAL E 125 -43.98 -54.91 -10.78
CA VAL E 125 -44.40 -53.54 -10.48
C VAL E 125 -43.20 -52.69 -10.12
N GLU E 126 -42.22 -53.27 -9.42
CA GLU E 126 -41.03 -52.52 -9.07
C GLU E 126 -40.23 -52.15 -10.30
N ALA E 127 -40.16 -53.04 -11.30
CA ALA E 127 -39.46 -52.69 -12.53
C ALA E 127 -40.14 -51.54 -13.26
N TRP E 128 -41.48 -51.56 -13.33
CA TRP E 128 -42.20 -50.42 -13.90
C TRP E 128 -41.89 -49.15 -13.11
N ASN E 129 -42.01 -49.23 -11.79
CA ASN E 129 -41.80 -48.06 -10.92
C ASN E 129 -40.40 -47.49 -11.11
N HIS E 130 -39.39 -48.35 -11.24
CA HIS E 130 -38.03 -47.84 -11.37
C HIS E 130 -37.85 -47.05 -12.66
N VAL E 131 -38.43 -47.54 -13.77
CA VAL E 131 -38.29 -46.84 -15.04
C VAL E 131 -39.02 -45.50 -15.00
N VAL E 132 -40.24 -45.48 -14.43
CA VAL E 132 -41.00 -44.25 -14.38
C VAL E 132 -40.34 -43.24 -13.45
N GLN E 133 -39.78 -43.72 -12.34
CA GLN E 133 -39.18 -42.80 -11.37
C GLN E 133 -37.96 -42.09 -11.94
N VAL E 134 -37.13 -42.78 -12.72
CA VAL E 134 -35.97 -42.12 -13.31
C VAL E 134 -36.37 -41.27 -14.50
N ASP E 135 -37.02 -41.88 -15.49
CA ASP E 135 -37.20 -41.23 -16.77
C ASP E 135 -38.29 -40.16 -16.74
N LEU E 136 -39.39 -40.39 -16.02
CA LEU E 136 -40.48 -39.41 -15.98
C LEU E 136 -40.36 -38.49 -14.77
N ASN E 137 -40.39 -39.07 -13.57
CA ASN E 137 -40.30 -38.25 -12.37
C ASN E 137 -38.95 -37.55 -12.27
N GLY E 138 -37.87 -38.18 -12.74
CA GLY E 138 -36.57 -37.53 -12.71
C GLY E 138 -36.51 -36.30 -13.60
N THR E 139 -37.15 -36.36 -14.76
CA THR E 139 -37.22 -35.18 -15.62
C THR E 139 -38.06 -34.10 -14.95
N PHE E 140 -39.18 -34.49 -14.31
CA PHE E 140 -40.00 -33.53 -13.57
C PHE E 140 -39.21 -32.88 -12.44
N HIS E 141 -38.45 -33.68 -11.68
CA HIS E 141 -37.59 -33.14 -10.61
C HIS E 141 -36.66 -32.07 -11.15
N CYS E 142 -35.96 -32.37 -12.24
CA CYS E 142 -35.08 -31.40 -12.88
C CYS E 142 -35.85 -30.18 -13.34
N ALA E 143 -36.99 -30.39 -14.00
CA ALA E 143 -37.81 -29.27 -14.47
C ALA E 143 -38.23 -28.37 -13.31
N LYS E 144 -38.75 -28.96 -12.23
CA LYS E 144 -39.22 -28.14 -11.12
C LYS E 144 -38.05 -27.39 -10.48
N ALA E 145 -36.95 -28.09 -10.18
CA ALA E 145 -35.81 -27.45 -9.54
C ALA E 145 -35.27 -26.27 -10.34
N VAL E 146 -34.97 -26.47 -11.63
CA VAL E 146 -34.43 -25.37 -12.42
C VAL E 146 -35.52 -24.35 -12.77
N GLY E 147 -36.78 -24.80 -12.87
CA GLY E 147 -37.86 -23.88 -13.22
C GLY E 147 -38.05 -22.77 -12.20
N HIS E 148 -37.86 -23.10 -10.91
CA HIS E 148 -37.87 -22.05 -9.89
C HIS E 148 -36.80 -20.99 -10.16
N HIS E 149 -35.62 -21.42 -10.63
CA HIS E 149 -34.55 -20.47 -10.94
C HIS E 149 -34.86 -19.66 -12.19
N PHE E 150 -35.42 -20.30 -13.22
CA PHE E 150 -35.80 -19.56 -14.43
C PHE E 150 -36.83 -18.48 -14.13
N LYS E 151 -37.80 -18.80 -13.27
CA LYS E 151 -38.87 -17.86 -12.93
C LYS E 151 -38.32 -16.64 -12.20
N GLU E 152 -37.35 -16.85 -11.30
CA GLU E 152 -36.68 -15.74 -10.63
C GLU E 152 -35.97 -14.83 -11.63
N ARG E 153 -35.20 -15.42 -12.55
CA ARG E 153 -34.42 -14.65 -13.52
C ARG E 153 -35.27 -14.10 -14.66
N GLY E 154 -36.43 -14.69 -14.93
CA GLY E 154 -37.24 -14.24 -16.04
C GLY E 154 -36.81 -14.68 -17.42
N THR E 155 -35.81 -15.55 -17.52
CA THR E 155 -35.39 -16.16 -18.79
C THR E 155 -34.96 -17.59 -18.55
N GLY E 156 -34.90 -18.35 -19.63
CA GLY E 156 -34.31 -19.68 -19.58
C GLY E 156 -34.83 -20.55 -20.69
N SER E 157 -34.16 -21.69 -20.86
CA SER E 157 -34.54 -22.67 -21.87
C SER E 157 -34.33 -24.07 -21.30
N LEU E 158 -35.35 -24.91 -21.36
CA LEU E 158 -35.30 -26.29 -20.88
C LEU E 158 -35.39 -27.23 -22.07
N VAL E 159 -34.40 -28.09 -22.24
CA VAL E 159 -34.36 -29.05 -23.34
C VAL E 159 -34.43 -30.45 -22.74
N ILE E 160 -35.43 -31.22 -23.16
CA ILE E 160 -35.69 -32.54 -22.59
C ILE E 160 -35.33 -33.59 -23.64
N THR E 161 -34.51 -34.56 -23.24
CA THR E 161 -34.19 -35.70 -24.09
C THR E 161 -35.29 -36.73 -23.93
N ALA E 162 -36.25 -36.72 -24.85
CA ALA E 162 -37.28 -37.76 -24.84
C ALA E 162 -36.77 -38.98 -25.60
N SER E 163 -37.56 -39.44 -26.58
CA SER E 163 -37.18 -40.59 -27.39
C SER E 163 -38.25 -40.82 -28.43
N MET E 164 -37.88 -41.41 -29.58
CA MET E 164 -38.94 -41.82 -30.50
C MET E 164 -39.83 -42.89 -29.88
N SER E 165 -39.35 -43.57 -28.84
CA SER E 165 -40.20 -44.47 -28.08
C SER E 165 -41.39 -43.76 -27.45
N GLY E 166 -41.35 -42.43 -27.34
CA GLY E 166 -42.50 -41.68 -26.87
C GLY E 166 -43.58 -41.47 -27.92
N HIS E 167 -43.28 -41.76 -29.18
CA HIS E 167 -44.21 -41.68 -30.30
C HIS E 167 -44.72 -43.04 -30.79
N ILE E 168 -43.86 -44.06 -30.77
CA ILE E 168 -44.15 -45.37 -31.31
C ILE E 168 -43.74 -46.42 -30.28
N ALA E 169 -44.09 -47.66 -30.57
CA ALA E 169 -43.77 -48.80 -29.72
C ALA E 169 -42.66 -49.58 -30.39
N ASN E 170 -41.51 -49.68 -29.72
CA ASN E 170 -40.36 -50.36 -30.30
C ASN E 170 -40.67 -51.83 -30.53
N PHE E 171 -40.01 -52.40 -31.56
CA PHE E 171 -40.21 -53.78 -31.97
C PHE E 171 -38.88 -54.33 -32.46
N PRO E 172 -38.52 -55.57 -32.10
CA PRO E 172 -39.34 -56.54 -31.37
C PRO E 172 -39.14 -56.58 -29.84
N GLN E 173 -38.31 -55.69 -29.30
CA GLN E 173 -38.13 -55.68 -27.85
C GLN E 173 -39.33 -55.03 -27.18
N GLU E 174 -39.75 -55.57 -26.04
CA GLU E 174 -40.88 -55.04 -25.30
C GLU E 174 -40.37 -54.12 -24.19
N GLN E 175 -40.88 -52.90 -24.14
CA GLN E 175 -40.36 -51.92 -23.17
C GLN E 175 -41.40 -50.85 -22.86
N THR E 176 -42.61 -51.26 -22.49
CA THR E 176 -43.72 -50.32 -22.39
C THR E 176 -43.48 -49.26 -21.32
N SER E 177 -42.91 -49.64 -20.18
CA SER E 177 -42.64 -48.65 -19.14
C SER E 177 -41.81 -47.49 -19.68
N TYR E 178 -40.77 -47.81 -20.46
CA TYR E 178 -39.92 -46.77 -21.02
C TYR E 178 -40.65 -45.95 -22.07
N ASN E 179 -41.42 -46.60 -22.96
CA ASN E 179 -42.18 -45.84 -23.96
C ASN E 179 -43.17 -44.89 -23.29
N VAL E 180 -43.85 -45.37 -22.26
CA VAL E 180 -44.83 -44.55 -21.55
C VAL E 180 -44.14 -43.39 -20.85
N ALA E 181 -42.98 -43.63 -20.23
CA ALA E 181 -42.29 -42.57 -19.52
C ALA E 181 -41.83 -41.48 -20.48
N LYS E 182 -41.34 -41.87 -21.66
CA LYS E 182 -40.87 -40.88 -22.63
C LYS E 182 -42.02 -40.10 -23.24
N ALA E 183 -43.18 -40.73 -23.42
CA ALA E 183 -44.36 -40.01 -23.90
C ALA E 183 -44.79 -38.93 -22.91
N GLY E 184 -44.71 -39.26 -21.61
CA GLY E 184 -44.95 -38.25 -20.59
C GLY E 184 -43.96 -37.10 -20.67
N CYS E 185 -42.69 -37.41 -20.96
CA CYS E 185 -41.67 -36.38 -21.10
C CYS E 185 -41.99 -35.44 -22.27
N ILE E 186 -42.44 -35.99 -23.41
CA ILE E 186 -42.76 -35.18 -24.58
C ILE E 186 -43.89 -34.20 -24.24
N HIS E 187 -44.97 -34.69 -23.64
CA HIS E 187 -46.07 -33.79 -23.31
C HIS E 187 -45.70 -32.86 -22.16
N MET E 188 -44.79 -33.29 -21.28
CA MET E 188 -44.32 -32.38 -20.24
C MET E 188 -43.71 -31.13 -20.85
N ALA E 189 -42.96 -31.29 -21.94
CA ALA E 189 -42.38 -30.12 -22.61
C ALA E 189 -43.48 -29.21 -23.15
N ARG E 190 -44.50 -29.79 -23.81
CA ARG E 190 -45.62 -29.00 -24.31
C ARG E 190 -46.31 -28.26 -23.17
N SER E 191 -46.63 -28.99 -22.10
CA SER E 191 -47.43 -28.46 -21.01
C SER E 191 -46.68 -27.40 -20.23
N LEU E 192 -45.37 -27.60 -20.00
CA LEU E 192 -44.57 -26.60 -19.28
C LEU E 192 -44.26 -25.39 -20.16
N ALA E 193 -44.18 -25.56 -21.49
CA ALA E 193 -44.04 -24.41 -22.37
C ALA E 193 -45.19 -23.43 -22.17
N ASN E 194 -46.39 -23.95 -21.91
CA ASN E 194 -47.51 -23.06 -21.61
C ASN E 194 -47.44 -22.55 -20.17
N GLU E 195 -47.20 -23.44 -19.20
CA GLU E 195 -47.06 -23.03 -17.80
C GLU E 195 -46.03 -21.92 -17.66
N TRP E 196 -44.88 -22.05 -18.33
CA TRP E 196 -43.76 -21.14 -18.14
C TRP E 196 -43.70 -20.05 -19.19
N ARG E 197 -44.82 -19.79 -19.87
CA ARG E 197 -44.85 -18.92 -21.06
C ARG E 197 -44.37 -17.50 -20.78
N ASP E 198 -44.35 -17.07 -19.52
CA ASP E 198 -43.92 -15.72 -19.21
C ASP E 198 -42.41 -15.61 -18.97
N PHE E 199 -41.68 -16.72 -18.88
CA PHE E 199 -40.27 -16.58 -18.52
C PHE E 199 -39.32 -17.64 -19.07
N ALA E 200 -39.79 -18.70 -19.73
CA ALA E 200 -38.83 -19.68 -20.23
C ALA E 200 -39.44 -20.53 -21.33
N ARG E 201 -38.57 -21.05 -22.20
CA ARG E 201 -38.94 -21.96 -23.27
C ARG E 201 -38.67 -23.39 -22.86
N VAL E 202 -39.50 -24.31 -23.34
CA VAL E 202 -39.34 -25.74 -23.07
C VAL E 202 -39.57 -26.50 -24.36
N ASN E 203 -38.64 -27.39 -24.69
CA ASN E 203 -38.73 -28.19 -25.91
C ASN E 203 -38.15 -29.56 -25.63
N SER E 204 -38.41 -30.50 -26.53
CA SER E 204 -37.86 -31.84 -26.42
C SER E 204 -37.25 -32.29 -27.74
N ILE E 205 -36.28 -33.20 -27.61
CA ILE E 205 -35.66 -33.89 -28.74
C ILE E 205 -35.95 -35.38 -28.56
N SER E 206 -36.36 -36.04 -29.64
CA SER E 206 -36.77 -37.45 -29.59
C SER E 206 -35.86 -38.26 -30.50
N PRO E 207 -34.74 -38.79 -29.98
CA PRO E 207 -33.83 -39.57 -30.82
C PRO E 207 -34.38 -40.95 -31.14
N GLY E 208 -33.94 -41.47 -32.29
CA GLY E 208 -34.10 -42.87 -32.63
C GLY E 208 -32.96 -43.68 -32.06
N TYR E 209 -32.58 -44.75 -32.76
CA TYR E 209 -31.47 -45.58 -32.32
C TYR E 209 -30.17 -44.81 -32.51
N ILE E 210 -29.51 -44.50 -31.40
CA ILE E 210 -28.23 -43.78 -31.40
C ILE E 210 -27.18 -44.70 -30.80
N ASP E 211 -26.09 -44.91 -31.53
CA ASP E 211 -25.01 -45.77 -31.06
C ASP E 211 -24.22 -45.03 -29.99
N THR E 212 -24.73 -45.09 -28.75
CA THR E 212 -24.09 -44.49 -27.59
C THR E 212 -23.52 -45.53 -26.63
N GLY E 213 -23.80 -46.81 -26.86
CA GLY E 213 -23.50 -47.85 -25.89
C GLY E 213 -24.63 -48.17 -24.93
N LEU E 214 -25.76 -47.48 -25.03
CA LEU E 214 -26.88 -47.68 -24.11
C LEU E 214 -27.70 -48.92 -24.46
N SER E 215 -27.74 -49.31 -25.74
CA SER E 215 -28.40 -50.52 -26.19
C SER E 215 -27.46 -51.71 -26.28
N ASP E 216 -26.29 -51.64 -25.62
CA ASP E 216 -25.30 -52.72 -25.71
C ASP E 216 -25.83 -54.03 -25.12
N PHE E 217 -26.82 -53.98 -24.24
CA PHE E 217 -27.41 -55.20 -23.70
C PHE E 217 -28.28 -55.96 -24.70
N VAL E 218 -28.47 -55.41 -25.90
CA VAL E 218 -29.35 -55.98 -26.93
C VAL E 218 -28.54 -56.84 -27.88
N PRO E 219 -29.03 -58.03 -28.27
CA PRO E 219 -28.28 -58.90 -29.18
C PRO E 219 -28.03 -58.26 -30.53
N LYS E 220 -27.16 -58.91 -31.31
CA LYS E 220 -26.54 -58.26 -32.47
C LYS E 220 -27.53 -58.15 -33.64
N GLU E 221 -28.23 -59.23 -33.97
CA GLU E 221 -29.10 -59.20 -35.14
C GLU E 221 -30.53 -58.80 -34.82
N THR E 222 -30.87 -58.60 -33.55
CA THR E 222 -32.00 -57.74 -33.22
C THR E 222 -31.73 -56.32 -33.71
N GLN E 223 -30.46 -55.90 -33.65
CA GLN E 223 -30.07 -54.57 -34.09
C GLN E 223 -29.96 -54.49 -35.61
N GLN E 224 -29.61 -55.58 -36.27
CA GLN E 224 -29.67 -55.58 -37.72
C GLN E 224 -31.10 -55.59 -38.26
N LEU E 225 -32.06 -56.09 -37.50
CA LEU E 225 -33.46 -55.91 -37.87
C LEU E 225 -33.91 -54.47 -37.64
N TRP E 226 -33.38 -53.82 -36.60
CA TRP E 226 -33.63 -52.39 -36.40
C TRP E 226 -33.25 -51.59 -37.64
N HIS E 227 -32.07 -51.89 -38.21
CA HIS E 227 -31.58 -51.13 -39.35
C HIS E 227 -32.46 -51.31 -40.57
N SER E 228 -33.06 -52.49 -40.74
CA SER E 228 -33.99 -52.70 -41.84
C SER E 228 -35.25 -51.85 -41.69
N MET E 229 -35.53 -51.38 -40.48
CA MET E 229 -36.69 -50.53 -40.22
C MET E 229 -36.37 -49.05 -40.24
N ILE E 230 -35.08 -48.68 -40.26
CA ILE E 230 -34.68 -47.28 -40.32
C ILE E 230 -34.48 -46.91 -41.79
N PRO E 231 -35.21 -45.93 -42.34
CA PRO E 231 -34.99 -45.55 -43.75
C PRO E 231 -33.53 -45.27 -44.07
N MET E 232 -32.81 -44.57 -43.21
CA MET E 232 -31.40 -44.33 -43.45
C MET E 232 -30.54 -45.59 -43.33
N GLY E 233 -31.06 -46.67 -42.77
CA GLY E 233 -30.34 -47.93 -42.75
C GLY E 233 -29.20 -48.04 -41.76
N ARG E 234 -29.13 -47.15 -40.78
CA ARG E 234 -28.02 -47.17 -39.83
C ARG E 234 -28.47 -46.54 -38.51
N ASP E 235 -27.73 -46.86 -37.44
CA ASP E 235 -27.83 -46.12 -36.19
C ASP E 235 -27.35 -44.69 -36.38
N GLY E 236 -27.89 -43.79 -35.57
CA GLY E 236 -27.32 -42.46 -35.49
C GLY E 236 -26.08 -42.41 -34.61
N LEU E 237 -25.39 -41.28 -34.69
CA LEU E 237 -24.27 -40.95 -33.83
C LEU E 237 -24.66 -39.75 -32.97
N ALA E 238 -24.16 -39.72 -31.74
CA ALA E 238 -24.55 -38.62 -30.86
C ALA E 238 -24.05 -37.27 -31.36
N LYS E 239 -22.94 -37.24 -32.11
CA LYS E 239 -22.50 -35.96 -32.68
C LYS E 239 -23.49 -35.42 -33.71
N GLU E 240 -24.35 -36.27 -34.25
CA GLU E 240 -25.40 -35.83 -35.16
C GLU E 240 -26.56 -35.16 -34.45
N LEU E 241 -26.50 -35.05 -33.12
CA LEU E 241 -27.55 -34.43 -32.34
C LEU E 241 -27.13 -33.11 -31.70
N LYS E 242 -25.85 -32.76 -31.71
CA LYS E 242 -25.43 -31.58 -30.97
C LYS E 242 -26.05 -30.30 -31.55
N GLY E 243 -26.32 -30.27 -32.85
CA GLY E 243 -26.93 -29.07 -33.42
C GLY E 243 -28.31 -28.80 -32.85
N ALA E 244 -29.09 -29.86 -32.63
CA ALA E 244 -30.43 -29.69 -32.07
C ALA E 244 -30.35 -29.16 -30.64
N TYR E 245 -29.49 -29.75 -29.79
CA TYR E 245 -29.38 -29.26 -28.41
C TYR E 245 -28.97 -27.79 -28.38
N VAL E 246 -27.98 -27.40 -29.19
CA VAL E 246 -27.57 -25.99 -29.18
C VAL E 246 -28.67 -25.12 -29.77
N TYR E 247 -29.39 -25.62 -30.78
CA TYR E 247 -30.47 -24.82 -31.36
C TYR E 247 -31.48 -24.41 -30.30
N PHE E 248 -31.93 -25.37 -29.47
CA PHE E 248 -32.94 -25.08 -28.45
C PHE E 248 -32.35 -24.32 -27.26
N ALA E 249 -31.09 -24.57 -26.92
CA ALA E 249 -30.52 -23.93 -25.75
C ALA E 249 -30.18 -22.46 -25.99
N SER E 250 -29.95 -22.08 -27.25
CA SER E 250 -29.41 -20.78 -27.61
C SER E 250 -30.54 -19.85 -28.06
N ASP E 251 -30.16 -18.62 -28.41
CA ASP E 251 -31.06 -17.60 -28.93
C ASP E 251 -31.43 -17.79 -30.40
N ALA E 252 -31.04 -18.90 -31.01
CA ALA E 252 -31.49 -19.18 -32.37
C ALA E 252 -32.93 -19.68 -32.44
N SER E 253 -33.60 -19.80 -31.30
CA SER E 253 -34.92 -20.42 -31.24
C SER E 253 -35.86 -19.65 -30.31
N THR E 254 -35.79 -18.31 -30.32
CA THR E 254 -36.52 -17.53 -29.33
C THR E 254 -38.03 -17.46 -29.59
N TYR E 255 -38.51 -18.01 -30.70
CA TYR E 255 -39.94 -18.21 -30.92
C TYR E 255 -40.34 -19.68 -30.87
N THR E 256 -39.40 -20.59 -30.55
CA THR E 256 -39.65 -22.03 -30.54
C THR E 256 -39.87 -22.50 -29.10
N THR E 257 -41.12 -22.89 -28.80
CA THR E 257 -41.43 -23.40 -27.47
C THR E 257 -42.57 -24.42 -27.57
N GLY E 258 -42.45 -25.50 -26.80
CA GLY E 258 -43.40 -26.58 -26.85
C GLY E 258 -43.25 -27.49 -28.04
N ALA E 259 -42.12 -27.42 -28.73
CA ALA E 259 -41.85 -28.22 -29.91
C ALA E 259 -41.13 -29.52 -29.57
N ASP E 260 -41.37 -30.55 -30.38
CA ASP E 260 -40.61 -31.79 -30.36
C ASP E 260 -39.93 -31.99 -31.71
N LEU E 261 -38.67 -32.41 -31.68
CA LEU E 261 -37.89 -32.63 -32.89
C LEU E 261 -37.46 -34.09 -32.92
N LEU E 262 -37.96 -34.84 -33.90
CA LEU E 262 -37.56 -36.24 -34.06
C LEU E 262 -36.24 -36.33 -34.81
N ILE E 263 -35.30 -37.10 -34.26
CA ILE E 263 -34.01 -37.30 -34.90
C ILE E 263 -33.76 -38.81 -34.94
N ASP E 264 -34.33 -39.47 -35.95
CA ASP E 264 -34.48 -40.92 -35.91
C ASP E 264 -34.15 -41.60 -37.22
N GLY E 265 -33.45 -40.93 -38.13
CA GLY E 265 -33.18 -41.49 -39.45
C GLY E 265 -34.42 -41.82 -40.25
N GLY E 266 -35.57 -41.23 -39.92
CA GLY E 266 -36.81 -41.52 -40.62
C GLY E 266 -37.63 -42.65 -40.04
N TYR E 267 -37.21 -43.24 -38.92
CA TYR E 267 -37.89 -44.41 -38.37
C TYR E 267 -39.40 -44.17 -38.24
N THR E 268 -39.80 -42.99 -37.77
CA THR E 268 -41.22 -42.78 -37.52
C THR E 268 -42.03 -42.40 -38.76
N THR E 269 -41.39 -42.17 -39.92
CA THR E 269 -42.18 -41.89 -41.11
C THR E 269 -42.95 -43.11 -41.60
N ARG E 270 -42.46 -44.31 -41.28
CA ARG E 270 -43.06 -45.58 -41.66
C ARG E 270 -44.11 -46.02 -40.65
N GLY F 1 -21.84 12.12 45.13
CA GLY F 1 -20.55 12.45 45.71
C GLY F 1 -20.56 12.36 47.21
N SER F 2 -19.42 12.03 47.81
CA SER F 2 -19.31 11.99 49.26
C SER F 2 -19.39 13.41 49.81
N HIS F 3 -20.33 13.64 50.72
CA HIS F 3 -20.48 14.96 51.30
C HIS F 3 -19.69 15.11 52.59
N MET F 4 -18.88 14.11 52.94
CA MET F 4 -18.11 14.16 54.16
C MET F 4 -16.66 13.78 53.89
N PRO F 5 -15.70 14.51 54.45
CA PRO F 5 -14.31 14.07 54.40
C PRO F 5 -14.15 12.73 55.10
N GLY F 6 -13.11 12.00 54.70
CA GLY F 6 -12.84 10.69 55.25
C GLY F 6 -13.92 9.70 54.83
N GLN F 7 -13.79 8.48 55.37
CA GLN F 7 -14.70 7.38 55.09
C GLN F 7 -15.13 6.74 56.40
N GLN F 8 -16.33 6.17 56.41
CA GLN F 8 -16.91 5.62 57.64
C GLN F 8 -16.58 4.13 57.78
N ALA F 9 -16.63 3.65 59.03
CA ALA F 9 -16.50 2.24 59.31
C ALA F 9 -17.72 1.46 58.81
N THR F 10 -17.52 0.17 58.54
CA THR F 10 -18.66 -0.70 58.26
C THR F 10 -19.66 -0.63 59.41
N LYS F 11 -20.94 -0.66 59.07
CA LYS F 11 -22.00 -0.76 60.06
C LYS F 11 -22.19 -2.19 60.55
N HIS F 12 -21.61 -3.17 59.87
CA HIS F 12 -21.80 -4.57 60.20
C HIS F 12 -20.85 -5.01 61.31
N GLU F 13 -21.39 -5.81 62.24
CA GLU F 13 -20.62 -6.39 63.33
C GLU F 13 -20.09 -7.77 62.98
N SER F 14 -20.93 -8.63 62.40
CA SER F 14 -20.47 -9.97 62.12
C SER F 14 -19.54 -9.98 60.90
N LEU F 15 -18.56 -10.88 60.93
CA LEU F 15 -17.61 -10.96 59.84
C LEU F 15 -18.28 -11.45 58.56
N LEU F 16 -19.23 -12.38 58.69
CA LEU F 16 -19.93 -12.83 57.49
C LEU F 16 -20.76 -11.72 56.86
N ASP F 17 -21.32 -10.81 57.67
CA ASP F 17 -22.01 -9.64 57.12
C ASP F 17 -21.02 -8.69 56.46
N GLN F 18 -19.84 -8.49 57.07
CA GLN F 18 -18.81 -7.65 56.50
C GLN F 18 -18.33 -8.18 55.15
N LEU F 19 -18.19 -9.51 55.04
CA LEU F 19 -17.71 -10.15 53.83
C LEU F 19 -18.75 -10.24 52.74
N SER F 20 -20.03 -10.11 53.07
CA SER F 20 -21.07 -10.28 52.06
C SER F 20 -20.94 -9.23 50.97
N LEU F 21 -21.07 -9.68 49.72
CA LEU F 21 -21.14 -8.77 48.57
C LEU F 21 -22.52 -8.78 47.93
N LYS F 22 -23.53 -9.25 48.66
CA LYS F 22 -24.91 -9.15 48.20
C LYS F 22 -25.29 -7.71 47.94
N GLY F 23 -25.99 -7.47 46.83
CA GLY F 23 -26.35 -6.13 46.43
C GLY F 23 -25.23 -5.33 45.81
N LYS F 24 -24.06 -5.93 45.59
CA LYS F 24 -22.90 -5.18 45.13
C LYS F 24 -22.40 -5.71 43.80
N VAL F 25 -21.60 -4.89 43.10
CA VAL F 25 -21.08 -5.20 41.77
C VAL F 25 -19.56 -5.13 41.80
N VAL F 26 -18.90 -6.18 41.31
CA VAL F 26 -17.44 -6.26 41.26
C VAL F 26 -17.00 -6.42 39.81
N VAL F 27 -15.98 -5.66 39.41
CA VAL F 27 -15.35 -5.80 38.10
C VAL F 27 -13.97 -6.40 38.32
N VAL F 28 -13.63 -7.43 37.52
CA VAL F 28 -12.31 -8.07 37.56
C VAL F 28 -11.75 -8.03 36.14
N THR F 29 -10.68 -7.26 35.93
CA THR F 29 -10.03 -7.26 34.64
C THR F 29 -9.10 -8.47 34.50
N GLY F 30 -9.01 -8.99 33.26
CA GLY F 30 -8.13 -10.09 32.96
C GLY F 30 -8.49 -11.35 33.72
N ALA F 31 -9.74 -11.79 33.57
CA ALA F 31 -10.22 -13.01 34.21
C ALA F 31 -10.72 -14.00 33.17
N SER F 32 -10.04 -14.04 32.02
CA SER F 32 -10.41 -14.90 30.91
C SER F 32 -9.76 -16.27 30.95
N GLY F 33 -8.64 -16.40 31.68
CA GLY F 33 -7.94 -17.65 31.77
C GLY F 33 -8.62 -18.63 32.72
N PRO F 34 -8.26 -19.91 32.60
CA PRO F 34 -8.97 -20.95 33.39
C PRO F 34 -8.59 -21.01 34.86
N LYS F 35 -7.42 -20.53 35.26
CA LYS F 35 -6.99 -20.69 36.65
C LYS F 35 -6.11 -19.53 37.09
N GLY F 36 -6.41 -18.34 36.63
CA GLY F 36 -5.64 -17.18 37.01
C GLY F 36 -6.18 -16.51 38.26
N MET F 37 -5.39 -15.53 38.75
CA MET F 37 -5.85 -14.71 39.86
C MET F 37 -7.24 -14.15 39.60
N GLY F 38 -7.50 -13.73 38.37
CA GLY F 38 -8.77 -13.09 38.03
C GLY F 38 -9.99 -13.95 38.25
N ILE F 39 -10.06 -15.12 37.60
CA ILE F 39 -11.24 -15.97 37.74
C ILE F 39 -11.43 -16.40 39.20
N GLU F 40 -10.34 -16.54 39.95
CA GLU F 40 -10.49 -16.96 41.33
C GLU F 40 -11.02 -15.81 42.20
N ALA F 41 -10.56 -14.58 41.94
CA ALA F 41 -11.15 -13.43 42.61
C ALA F 41 -12.63 -13.28 42.25
N ALA F 42 -12.95 -13.45 40.96
CA ALA F 42 -14.35 -13.47 40.53
C ALA F 42 -15.17 -14.50 41.30
N ARG F 43 -14.63 -15.71 41.44
CA ARG F 43 -15.33 -16.79 42.16
C ARG F 43 -15.54 -16.44 43.62
N GLY F 44 -14.49 -15.92 44.28
CA GLY F 44 -14.66 -15.50 45.66
C GLY F 44 -15.77 -14.47 45.81
N CYS F 45 -15.78 -13.45 44.94
CA CYS F 45 -16.77 -12.40 45.05
C CYS F 45 -18.18 -12.92 44.73
N ALA F 46 -18.30 -13.74 43.69
CA ALA F 46 -19.59 -14.38 43.41
C ALA F 46 -20.04 -15.23 44.58
N GLU F 47 -19.10 -15.87 45.27
CA GLU F 47 -19.46 -16.71 46.42
C GLU F 47 -20.06 -15.88 47.53
N MET F 48 -19.55 -14.66 47.73
CA MET F 48 -20.09 -13.73 48.72
C MET F 48 -21.32 -12.98 48.21
N GLY F 49 -21.83 -13.32 47.03
CA GLY F 49 -23.06 -12.76 46.50
C GLY F 49 -22.92 -11.59 45.53
N ALA F 50 -21.70 -11.25 45.10
CA ALA F 50 -21.56 -10.13 44.18
C ALA F 50 -22.08 -10.47 42.78
N ALA F 51 -22.59 -9.46 42.08
CA ALA F 51 -22.64 -9.52 40.62
C ALA F 51 -21.26 -9.16 40.07
N VAL F 52 -20.81 -9.91 39.07
CA VAL F 52 -19.41 -9.87 38.63
C VAL F 52 -19.34 -9.56 37.14
N ALA F 53 -18.55 -8.54 36.80
CA ALA F 53 -18.13 -8.30 35.42
C ALA F 53 -16.66 -8.69 35.31
N ILE F 54 -16.34 -9.50 34.30
CA ILE F 54 -14.96 -9.89 34.02
C ILE F 54 -14.58 -9.41 32.62
N THR F 55 -13.28 -9.19 32.40
CA THR F 55 -12.82 -8.74 31.11
C THR F 55 -11.84 -9.74 30.49
N TYR F 56 -11.75 -9.66 29.16
CA TYR F 56 -10.80 -10.45 28.38
C TYR F 56 -10.17 -9.54 27.35
N ALA F 57 -9.04 -10.00 26.80
CA ALA F 57 -8.40 -9.34 25.67
C ALA F 57 -8.37 -10.27 24.47
N SER F 58 -7.56 -11.34 24.52
CA SER F 58 -7.47 -12.30 23.44
C SER F 58 -8.33 -13.53 23.63
N ARG F 59 -8.81 -13.81 24.85
CA ARG F 59 -9.54 -15.04 25.12
C ARG F 59 -11.01 -14.72 25.38
N ALA F 60 -11.72 -14.40 24.29
CA ALA F 60 -13.16 -14.20 24.39
C ALA F 60 -13.87 -15.48 24.81
N GLN F 61 -13.48 -16.62 24.23
CA GLN F 61 -14.19 -17.85 24.52
C GLN F 61 -13.98 -18.28 25.97
N GLY F 62 -12.75 -18.14 26.49
CA GLY F 62 -12.50 -18.49 27.87
C GLY F 62 -13.32 -17.65 28.84
N ALA F 63 -13.48 -16.35 28.53
CA ALA F 63 -14.25 -15.48 29.42
C ALA F 63 -15.72 -15.87 29.41
N GLU F 64 -16.28 -16.15 28.23
CA GLU F 64 -17.66 -16.60 28.14
C GLU F 64 -17.89 -17.89 28.91
N GLU F 65 -16.95 -18.84 28.81
CA GLU F 65 -17.03 -20.07 29.60
C GLU F 65 -17.03 -19.74 31.09
N ASN F 66 -16.08 -18.91 31.53
CA ASN F 66 -16.02 -18.53 32.94
C ASN F 66 -17.33 -17.89 33.42
N VAL F 67 -17.91 -17.00 32.60
CA VAL F 67 -19.16 -16.36 32.99
C VAL F 67 -20.25 -17.40 33.22
N LYS F 68 -20.37 -18.36 32.31
CA LYS F 68 -21.41 -19.38 32.45
C LYS F 68 -21.20 -20.22 33.71
N GLU F 69 -19.94 -20.52 34.05
CA GLU F 69 -19.66 -21.30 35.26
C GLU F 69 -19.90 -20.47 36.51
N LEU F 70 -19.63 -19.16 36.46
CA LEU F 70 -19.94 -18.28 37.59
C LEU F 70 -21.43 -18.25 37.86
N GLU F 71 -22.23 -18.13 36.81
CA GLU F 71 -23.67 -18.06 36.99
C GLU F 71 -24.23 -19.41 37.42
N LYS F 72 -23.77 -20.49 36.81
CA LYS F 72 -24.25 -21.83 37.16
C LYS F 72 -23.88 -22.19 38.59
N THR F 73 -22.65 -21.90 39.01
CA THR F 73 -22.20 -22.32 40.33
C THR F 73 -22.78 -21.45 41.43
N TYR F 74 -22.82 -20.13 41.23
CA TYR F 74 -23.14 -19.23 42.33
C TYR F 74 -24.50 -18.55 42.20
N GLY F 75 -25.18 -18.71 41.06
CA GLY F 75 -26.49 -18.14 40.89
C GLY F 75 -26.54 -16.63 40.82
N ILE F 76 -25.43 -15.98 40.47
CA ILE F 76 -25.39 -14.53 40.41
C ILE F 76 -25.40 -14.09 38.95
N LYS F 77 -25.55 -12.78 38.74
CA LYS F 77 -25.44 -12.19 37.41
C LYS F 77 -23.98 -11.92 37.09
N ALA F 78 -23.53 -12.36 35.91
CA ALA F 78 -22.16 -12.16 35.45
C ALA F 78 -22.18 -11.83 33.95
N LYS F 79 -21.16 -11.11 33.49
CA LYS F 79 -21.05 -10.73 32.08
C LYS F 79 -19.59 -10.46 31.76
N ALA F 80 -19.18 -10.85 30.55
CA ALA F 80 -17.82 -10.64 30.08
C ALA F 80 -17.76 -9.42 29.17
N TYR F 81 -16.63 -8.71 29.22
CA TYR F 81 -16.43 -7.52 28.40
C TYR F 81 -15.03 -7.54 27.80
N LYS F 82 -14.92 -7.09 26.56
CA LYS F 82 -13.62 -6.92 25.93
C LYS F 82 -13.00 -5.63 26.45
N CYS F 83 -11.77 -5.73 26.94
CA CYS F 83 -11.07 -4.54 27.43
C CYS F 83 -9.58 -4.67 27.18
N GLN F 84 -9.00 -3.65 26.53
CA GLN F 84 -7.55 -3.52 26.39
C GLN F 84 -7.12 -2.43 27.37
N VAL F 85 -6.45 -2.82 28.47
CA VAL F 85 -6.18 -1.83 29.51
C VAL F 85 -5.19 -0.79 29.03
N ASP F 86 -4.39 -1.12 28.01
CA ASP F 86 -3.42 -0.20 27.44
C ASP F 86 -4.08 0.99 26.73
N SER F 87 -5.40 0.95 26.52
CA SER F 87 -6.15 2.01 25.86
C SER F 87 -7.09 2.67 26.86
N TYR F 88 -6.87 3.95 27.16
CA TYR F 88 -7.74 4.62 28.11
C TYR F 88 -9.21 4.58 27.66
N GLU F 89 -9.44 4.83 26.36
CA GLU F 89 -10.78 4.75 25.80
C GLU F 89 -11.47 3.42 26.12
N SER F 90 -10.71 2.33 26.06
CA SER F 90 -11.28 1.02 26.36
C SER F 90 -11.66 0.89 27.83
N CYS F 91 -10.81 1.39 28.74
CA CYS F 91 -11.15 1.32 30.16
C CYS F 91 -12.32 2.23 30.50
N GLU F 92 -12.37 3.40 29.86
CA GLU F 92 -13.49 4.31 30.07
C GLU F 92 -14.80 3.71 29.54
N LYS F 93 -14.73 2.99 28.40
CA LYS F 93 -15.90 2.29 27.88
C LYS F 93 -16.34 1.15 28.79
N LEU F 94 -15.39 0.47 29.44
CA LEU F 94 -15.73 -0.64 30.32
C LEU F 94 -16.54 -0.15 31.51
N VAL F 95 -16.10 0.93 32.14
CA VAL F 95 -16.83 1.45 33.29
C VAL F 95 -18.23 1.90 32.86
N LYS F 96 -18.31 2.60 31.74
CA LYS F 96 -19.60 3.02 31.19
C LYS F 96 -20.52 1.83 30.96
N ASP F 97 -20.02 0.80 30.26
CA ASP F 97 -20.87 -0.35 29.95
C ASP F 97 -21.30 -1.12 31.20
N VAL F 98 -20.39 -1.30 32.17
CA VAL F 98 -20.75 -2.06 33.37
C VAL F 98 -21.77 -1.30 34.21
N VAL F 99 -21.56 0.02 34.36
CA VAL F 99 -22.52 0.82 35.10
C VAL F 99 -23.87 0.82 34.38
N ALA F 100 -23.86 0.80 33.05
CA ALA F 100 -25.13 0.73 32.32
C ALA F 100 -25.79 -0.64 32.49
N ASP F 101 -25.00 -1.71 32.52
CA ASP F 101 -25.55 -3.06 32.60
C ASP F 101 -25.84 -3.51 34.03
N PHE F 102 -25.02 -3.10 35.00
CA PHE F 102 -25.19 -3.55 36.38
C PHE F 102 -25.70 -2.45 37.32
N GLY F 103 -25.70 -1.19 36.89
CA GLY F 103 -26.20 -0.10 37.69
C GLY F 103 -25.13 0.67 38.45
N GLN F 104 -24.03 0.02 38.84
CA GLN F 104 -23.00 0.66 39.65
C GLN F 104 -21.78 -0.24 39.65
N ILE F 105 -20.67 0.27 40.20
CA ILE F 105 -19.49 -0.56 40.50
C ILE F 105 -19.07 -0.24 41.93
N ASP F 106 -19.07 -1.27 42.80
CA ASP F 106 -18.66 -1.08 44.18
C ASP F 106 -17.19 -1.40 44.40
N ALA F 107 -16.68 -2.41 43.71
CA ALA F 107 -15.28 -2.77 43.80
C ALA F 107 -14.74 -3.07 42.41
N PHE F 108 -13.46 -2.78 42.22
CA PHE F 108 -12.81 -2.95 40.93
C PHE F 108 -11.47 -3.61 41.18
N ILE F 109 -11.24 -4.76 40.56
CA ILE F 109 -10.00 -5.50 40.75
C ILE F 109 -9.17 -5.36 39.48
N ALA F 110 -8.14 -4.52 39.55
CA ALA F 110 -7.28 -4.23 38.40
C ALA F 110 -6.19 -5.29 38.36
N ASN F 111 -6.38 -6.28 37.49
CA ASN F 111 -5.62 -7.52 37.52
C ASN F 111 -4.97 -7.88 36.20
N ALA F 112 -5.43 -7.33 35.08
CA ALA F 112 -4.83 -7.63 33.78
C ALA F 112 -3.37 -7.22 33.74
N GLY F 113 -2.54 -8.04 33.11
CA GLY F 113 -1.10 -7.78 33.04
C GLY F 113 -0.40 -8.75 32.11
N ALA F 114 0.79 -8.34 31.66
CA ALA F 114 1.65 -9.15 30.79
C ALA F 114 3.08 -9.13 31.30
N THR F 115 3.84 -10.13 30.90
CA THR F 115 5.20 -10.33 31.40
C THR F 115 6.21 -9.67 30.47
N ALA F 116 7.42 -9.46 31.00
CA ALA F 116 8.59 -9.15 30.20
C ALA F 116 9.44 -10.40 29.99
N ASP F 117 10.34 -10.33 29.01
CA ASP F 117 11.22 -11.48 28.76
C ASP F 117 12.67 -11.10 28.51
N SER F 118 13.14 -9.94 29.00
CA SER F 118 14.56 -9.61 28.94
C SER F 118 14.84 -8.43 29.88
N GLY F 119 16.12 -8.24 30.17
CA GLY F 119 16.58 -7.02 30.82
C GLY F 119 16.60 -5.87 29.82
N ILE F 120 17.02 -4.70 30.30
CA ILE F 120 16.85 -3.48 29.52
C ILE F 120 17.92 -3.31 28.46
N LEU F 121 19.09 -3.96 28.61
CA LEU F 121 20.11 -3.88 27.57
C LEU F 121 19.81 -4.85 26.43
N ASP F 122 19.36 -6.06 26.76
CA ASP F 122 18.96 -7.01 25.74
C ASP F 122 17.67 -6.58 25.04
N GLY F 123 16.78 -5.92 25.75
CA GLY F 123 15.51 -5.57 25.16
C GLY F 123 15.58 -4.26 24.41
N SER F 124 14.61 -4.07 23.53
CA SER F 124 14.48 -2.81 22.80
C SER F 124 13.72 -1.79 23.63
N VAL F 125 13.80 -0.53 23.20
CA VAL F 125 12.98 0.52 23.80
C VAL F 125 11.50 0.19 23.62
N GLU F 126 11.13 -0.30 22.43
CA GLU F 126 9.75 -0.73 22.19
C GLU F 126 9.30 -1.76 23.20
N ALA F 127 10.19 -2.69 23.56
CA ALA F 127 9.85 -3.73 24.53
C ALA F 127 9.59 -3.14 25.92
N TRP F 128 10.42 -2.20 26.35
CA TRP F 128 10.15 -1.49 27.60
C TRP F 128 8.78 -0.81 27.55
N ASN F 129 8.55 0.02 26.52
CA ASN F 129 7.29 0.76 26.41
C ASN F 129 6.08 -0.15 26.47
N HIS F 130 6.14 -1.29 25.77
CA HIS F 130 5.01 -2.20 25.75
C HIS F 130 4.66 -2.71 27.15
N VAL F 131 5.67 -3.10 27.94
CA VAL F 131 5.39 -3.62 29.28
C VAL F 131 4.88 -2.50 30.18
N VAL F 132 5.49 -1.32 30.10
CA VAL F 132 5.03 -0.20 30.93
C VAL F 132 3.63 0.24 30.53
N GLN F 133 3.35 0.29 29.22
CA GLN F 133 2.01 0.68 28.77
C GLN F 133 0.94 -0.25 29.30
N VAL F 134 1.20 -1.56 29.29
CA VAL F 134 0.20 -2.51 29.76
C VAL F 134 0.15 -2.53 31.29
N ASP F 135 1.29 -2.73 31.94
CA ASP F 135 1.28 -3.06 33.37
C ASP F 135 1.19 -1.82 34.24
N LEU F 136 1.81 -0.72 33.84
CA LEU F 136 1.71 0.48 34.64
C LEU F 136 0.53 1.34 34.17
N ASN F 137 0.59 1.83 32.92
CA ASN F 137 -0.44 2.74 32.43
C ASN F 137 -1.79 2.06 32.30
N GLY F 138 -1.82 0.76 32.05
CA GLY F 138 -3.08 0.04 32.05
C GLY F 138 -3.76 0.09 33.40
N THR F 139 -2.99 -0.06 34.49
CA THR F 139 -3.55 0.04 35.83
C THR F 139 -4.00 1.48 36.13
N PHE F 140 -3.20 2.46 35.71
CA PHE F 140 -3.61 3.87 35.82
C PHE F 140 -4.92 4.12 35.06
N HIS F 141 -5.00 3.66 33.80
CA HIS F 141 -6.23 3.85 33.01
C HIS F 141 -7.46 3.35 33.76
N CYS F 142 -7.35 2.14 34.33
CA CYS F 142 -8.46 1.56 35.08
C CYS F 142 -8.76 2.38 36.33
N ALA F 143 -7.71 2.77 37.05
CA ALA F 143 -7.90 3.55 38.27
C ALA F 143 -8.60 4.86 37.98
N LYS F 144 -8.15 5.58 36.94
CA LYS F 144 -8.78 6.84 36.58
C LYS F 144 -10.22 6.64 36.14
N ALA F 145 -10.47 5.65 35.26
CA ALA F 145 -11.81 5.45 34.75
C ALA F 145 -12.79 5.11 35.87
N VAL F 146 -12.42 4.17 36.76
CA VAL F 146 -13.35 3.81 37.81
C VAL F 146 -13.36 4.86 38.91
N GLY F 147 -12.23 5.54 39.14
CA GLY F 147 -12.19 6.57 40.17
C GLY F 147 -13.20 7.68 39.92
N HIS F 148 -13.39 8.05 38.66
CA HIS F 148 -14.44 9.02 38.34
C HIS F 148 -15.80 8.54 38.84
N HIS F 149 -16.10 7.26 38.65
CA HIS F 149 -17.36 6.72 39.14
C HIS F 149 -17.40 6.66 40.67
N PHE F 150 -16.32 6.16 41.30
CA PHE F 150 -16.26 6.12 42.75
C PHE F 150 -16.46 7.51 43.35
N LYS F 151 -15.86 8.53 42.72
CA LYS F 151 -16.01 9.89 43.21
C LYS F 151 -17.46 10.35 43.12
N GLU F 152 -18.15 9.97 42.05
CA GLU F 152 -19.56 10.32 41.93
C GLU F 152 -20.41 9.64 43.00
N ARG F 153 -20.14 8.36 43.28
CA ARG F 153 -20.98 7.62 44.23
C ARG F 153 -20.57 7.86 45.68
N GLY F 154 -19.32 8.20 45.94
CA GLY F 154 -18.87 8.45 47.30
C GLY F 154 -18.41 7.24 48.09
N THR F 155 -18.28 6.07 47.45
CA THR F 155 -17.79 4.84 48.05
C THR F 155 -17.07 4.04 46.96
N GLY F 156 -16.32 3.03 47.38
CA GLY F 156 -15.68 2.13 46.43
C GLY F 156 -14.40 1.54 46.97
N SER F 157 -13.98 0.43 46.35
CA SER F 157 -12.73 -0.24 46.68
C SER F 157 -12.03 -0.66 45.39
N LEU F 158 -10.78 -0.24 45.23
CA LEU F 158 -9.95 -0.63 44.09
C LEU F 158 -8.87 -1.54 44.62
N VAL F 159 -8.80 -2.75 44.05
CA VAL F 159 -7.76 -3.74 44.39
C VAL F 159 -6.84 -3.92 43.19
N ILE F 160 -5.55 -3.74 43.39
CA ILE F 160 -4.55 -3.80 42.33
C ILE F 160 -3.72 -5.07 42.52
N THR F 161 -3.69 -5.91 41.48
CA THR F 161 -2.75 -7.03 41.45
C THR F 161 -1.40 -6.47 41.04
N ALA F 162 -0.48 -6.34 41.98
CA ALA F 162 0.88 -5.97 41.61
C ALA F 162 1.69 -7.25 41.49
N SER F 163 2.80 -7.32 42.24
CA SER F 163 3.69 -8.46 42.15
C SER F 163 4.79 -8.32 43.18
N MET F 164 5.23 -9.45 43.71
CA MET F 164 6.51 -9.55 44.38
C MET F 164 7.63 -8.91 43.56
N SER F 165 7.56 -8.99 42.22
CA SER F 165 8.56 -8.33 41.38
C SER F 165 8.59 -6.82 41.59
N GLY F 166 7.54 -6.24 42.20
CA GLY F 166 7.58 -4.84 42.57
C GLY F 166 8.38 -4.54 43.82
N HIS F 167 8.78 -5.57 44.56
CA HIS F 167 9.58 -5.47 45.78
C HIS F 167 11.01 -5.93 45.59
N ILE F 168 11.24 -6.96 44.79
CA ILE F 168 12.56 -7.53 44.59
C ILE F 168 12.78 -7.72 43.10
N ALA F 169 14.02 -8.03 42.75
CA ALA F 169 14.42 -8.36 41.38
C ALA F 169 14.44 -9.88 41.23
N ASN F 170 13.64 -10.40 40.30
CA ASN F 170 13.58 -11.84 40.07
C ASN F 170 14.93 -12.38 39.57
N PHE F 171 15.19 -13.65 39.89
CA PHE F 171 16.43 -14.32 39.54
C PHE F 171 16.14 -15.77 39.18
N PRO F 172 16.77 -16.32 38.11
CA PRO F 172 17.77 -15.70 37.23
C PRO F 172 17.22 -14.96 36.00
N GLN F 173 15.92 -15.03 35.73
CA GLN F 173 15.38 -14.34 34.56
C GLN F 173 15.44 -12.83 34.78
N GLU F 174 15.84 -12.11 33.74
CA GLU F 174 15.90 -10.66 33.78
C GLU F 174 14.60 -10.08 33.24
N GLN F 175 14.00 -9.16 33.99
CA GLN F 175 12.71 -8.61 33.60
C GLN F 175 12.48 -7.24 34.24
N THR F 176 13.47 -6.35 34.14
CA THR F 176 13.42 -5.08 34.87
C THR F 176 12.18 -4.27 34.52
N SER F 177 11.78 -4.25 33.24
CA SER F 177 10.62 -3.45 32.85
C SER F 177 9.37 -3.86 33.62
N TYR F 178 9.16 -5.18 33.77
CA TYR F 178 8.05 -5.69 34.56
C TYR F 178 8.18 -5.32 36.04
N ASN F 179 9.37 -5.56 36.62
CA ASN F 179 9.59 -5.20 38.03
C ASN F 179 9.29 -3.73 38.27
N VAL F 180 9.75 -2.87 37.36
CA VAL F 180 9.55 -1.44 37.53
C VAL F 180 8.08 -1.07 37.41
N ALA F 181 7.38 -1.66 36.44
CA ALA F 181 5.96 -1.35 36.28
C ALA F 181 5.18 -1.75 37.53
N LYS F 182 5.51 -2.92 38.09
CA LYS F 182 4.81 -3.41 39.27
C LYS F 182 5.14 -2.58 40.50
N ALA F 183 6.41 -2.18 40.65
CA ALA F 183 6.74 -1.24 41.71
C ALA F 183 5.90 0.02 41.61
N GLY F 184 5.68 0.50 40.37
CA GLY F 184 4.80 1.64 40.17
C GLY F 184 3.37 1.38 40.59
N CYS F 185 2.83 0.20 40.25
CA CYS F 185 1.49 -0.15 40.68
C CYS F 185 1.36 -0.13 42.20
N ILE F 186 2.36 -0.67 42.91
CA ILE F 186 2.30 -0.73 44.36
C ILE F 186 2.19 0.67 44.95
N HIS F 187 3.01 1.60 44.47
CA HIS F 187 2.96 2.94 45.02
C HIS F 187 1.76 3.72 44.52
N MET F 188 1.20 3.34 43.38
CA MET F 188 -0.04 3.96 42.91
C MET F 188 -1.17 3.70 43.89
N ALA F 189 -1.20 2.51 44.48
CA ALA F 189 -2.20 2.19 45.50
C ALA F 189 -2.03 3.09 46.72
N ARG F 190 -0.80 3.26 47.20
CA ARG F 190 -0.58 4.14 48.34
C ARG F 190 -0.99 5.56 48.03
N SER F 191 -0.55 6.07 46.87
CA SER F 191 -0.77 7.46 46.51
C SER F 191 -2.26 7.72 46.24
N LEU F 192 -2.95 6.77 45.61
CA LEU F 192 -4.37 6.94 45.39
C LEU F 192 -5.18 6.74 46.66
N ALA F 193 -4.73 5.84 47.57
CA ALA F 193 -5.38 5.75 48.86
C ALA F 193 -5.47 7.12 49.51
N ASN F 194 -4.40 7.91 49.38
CA ASN F 194 -4.43 9.26 49.95
C ASN F 194 -5.21 10.22 49.06
N GLU F 195 -5.07 10.12 47.73
CA GLU F 195 -5.80 11.03 46.84
C GLU F 195 -7.31 10.84 46.98
N TRP F 196 -7.75 9.59 47.12
CA TRP F 196 -9.17 9.27 47.15
C TRP F 196 -9.71 9.12 48.56
N ARG F 197 -9.07 9.74 49.55
CA ARG F 197 -9.36 9.45 50.96
C ARG F 197 -10.79 9.76 51.37
N ASP F 198 -11.46 10.67 50.67
CA ASP F 198 -12.83 11.03 51.00
C ASP F 198 -13.88 10.10 50.37
N PHE F 199 -13.50 9.13 49.53
CA PHE F 199 -14.56 8.35 48.89
C PHE F 199 -14.21 6.91 48.50
N ALA F 200 -12.94 6.47 48.57
CA ALA F 200 -12.68 5.08 48.22
C ALA F 200 -11.38 4.60 48.83
N ARG F 201 -11.29 3.29 49.04
CA ARG F 201 -10.10 2.62 49.52
C ARG F 201 -9.35 2.01 48.33
N VAL F 202 -8.02 1.97 48.44
CA VAL F 202 -7.17 1.43 47.38
C VAL F 202 -6.08 0.59 48.02
N ASN F 203 -5.90 -0.64 47.55
CA ASN F 203 -4.93 -1.55 48.14
C ASN F 203 -4.32 -2.42 47.05
N SER F 204 -3.20 -3.05 47.37
CA SER F 204 -2.57 -3.93 46.39
C SER F 204 -2.30 -5.31 46.99
N ILE F 205 -2.37 -6.32 46.13
CA ILE F 205 -1.91 -7.67 46.42
C ILE F 205 -0.70 -7.95 45.55
N SER F 206 0.37 -8.48 46.16
CA SER F 206 1.64 -8.75 45.49
C SER F 206 1.93 -10.24 45.54
N PRO F 207 1.53 -11.01 44.54
CA PRO F 207 1.77 -12.45 44.58
C PRO F 207 3.22 -12.82 44.23
N GLY F 208 3.66 -13.96 44.76
CA GLY F 208 4.90 -14.59 44.32
C GLY F 208 4.67 -15.43 43.07
N TYR F 209 5.30 -16.59 42.97
CA TYR F 209 5.14 -17.46 41.80
C TYR F 209 3.85 -18.27 41.93
N ILE F 210 2.85 -17.94 41.11
CA ILE F 210 1.55 -18.61 41.13
C ILE F 210 1.40 -19.42 39.85
N ASP F 211 0.92 -20.66 39.99
CA ASP F 211 0.78 -21.56 38.85
C ASP F 211 -0.56 -21.29 38.16
N THR F 212 -0.56 -20.25 37.33
CA THR F 212 -1.73 -19.82 36.57
C THR F 212 -1.66 -20.19 35.09
N GLY F 213 -0.46 -20.56 34.61
CA GLY F 213 -0.18 -20.66 33.19
C GLY F 213 0.62 -19.49 32.64
N LEU F 214 0.80 -18.42 33.42
CA LEU F 214 1.46 -17.21 32.92
C LEU F 214 2.96 -17.44 32.70
N SER F 215 3.58 -18.31 33.50
CA SER F 215 5.00 -18.59 33.40
C SER F 215 5.29 -19.85 32.60
N ASP F 216 4.34 -20.30 31.78
CA ASP F 216 4.56 -21.52 31.01
C ASP F 216 5.52 -21.33 29.84
N PHE F 217 5.95 -20.09 29.56
CA PHE F 217 7.00 -19.86 28.58
C PHE F 217 8.40 -20.02 29.16
N VAL F 218 8.52 -20.15 30.48
CA VAL F 218 9.81 -20.27 31.15
C VAL F 218 10.23 -21.74 31.16
N PRO F 219 11.49 -22.04 30.85
CA PRO F 219 11.95 -23.44 30.86
C PRO F 219 11.71 -24.10 32.20
N LYS F 220 11.61 -25.43 32.17
CA LYS F 220 11.42 -26.17 33.41
C LYS F 220 12.63 -26.01 34.33
N GLU F 221 13.84 -26.06 33.78
CA GLU F 221 15.04 -26.01 34.61
C GLU F 221 15.13 -24.73 35.45
N THR F 222 14.44 -23.67 35.04
CA THR F 222 14.41 -22.44 35.83
C THR F 222 13.40 -22.53 36.97
N GLN F 223 12.24 -23.13 36.71
CA GLN F 223 11.17 -23.22 37.71
C GLN F 223 11.48 -24.21 38.83
N GLN F 224 12.64 -24.87 38.82
CA GLN F 224 13.07 -25.57 40.03
C GLN F 224 14.05 -24.74 40.85
N LEU F 225 14.87 -23.89 40.23
CA LEU F 225 15.65 -22.94 41.01
C LEU F 225 14.73 -21.99 41.77
N TRP F 226 13.60 -21.61 41.16
CA TRP F 226 12.61 -20.80 41.89
C TRP F 226 12.15 -21.52 43.15
N HIS F 227 11.82 -22.81 43.02
CA HIS F 227 11.27 -23.55 44.14
C HIS F 227 12.24 -23.63 45.30
N SER F 228 13.55 -23.66 45.02
CA SER F 228 14.54 -23.68 46.08
C SER F 228 14.62 -22.35 46.81
N MET F 229 14.15 -21.25 46.21
CA MET F 229 14.20 -19.96 46.86
C MET F 229 12.90 -19.58 47.56
N ILE F 230 11.82 -20.34 47.36
CA ILE F 230 10.56 -20.13 48.05
C ILE F 230 10.61 -20.96 49.35
N PRO F 231 10.56 -20.33 50.53
CA PRO F 231 10.54 -21.12 51.78
C PRO F 231 9.50 -22.23 51.78
N MET F 232 8.28 -21.98 51.28
CA MET F 232 7.32 -23.07 51.21
C MET F 232 7.68 -24.13 50.17
N GLY F 233 8.63 -23.87 49.28
CA GLY F 233 9.12 -24.89 48.38
C GLY F 233 8.19 -25.28 47.25
N ARG F 234 7.22 -24.44 46.91
CA ARG F 234 6.25 -24.79 45.88
C ARG F 234 5.69 -23.51 45.28
N ASP F 235 5.08 -23.66 44.10
CA ASP F 235 4.29 -22.58 43.54
C ASP F 235 3.00 -22.42 44.34
N GLY F 236 2.42 -21.23 44.27
CA GLY F 236 1.08 -21.03 44.78
C GLY F 236 0.03 -21.42 43.76
N LEU F 237 -1.20 -21.53 44.23
CA LEU F 237 -2.36 -21.71 43.36
C LEU F 237 -3.24 -20.48 43.48
N ALA F 238 -3.89 -20.13 42.36
CA ALA F 238 -4.71 -18.92 42.36
C ALA F 238 -5.80 -18.98 43.42
N LYS F 239 -6.30 -20.18 43.74
CA LYS F 239 -7.36 -20.30 44.75
C LYS F 239 -6.88 -19.94 46.15
N GLU F 240 -5.57 -19.86 46.39
CA GLU F 240 -5.04 -19.41 47.67
C GLU F 240 -5.02 -17.90 47.79
N LEU F 241 -5.33 -17.18 46.71
CA LEU F 241 -5.33 -15.74 46.73
C LEU F 241 -6.74 -15.15 46.78
N LYS F 242 -7.76 -15.96 46.53
CA LYS F 242 -9.13 -15.45 46.46
C LYS F 242 -9.56 -14.82 47.78
N GLY F 243 -9.09 -15.36 48.90
CA GLY F 243 -9.43 -14.78 50.19
C GLY F 243 -9.00 -13.32 50.32
N ALA F 244 -7.80 -12.99 49.81
CA ALA F 244 -7.33 -11.62 49.96
C ALA F 244 -8.07 -10.66 49.02
N TYR F 245 -8.45 -11.13 47.83
CA TYR F 245 -9.22 -10.28 46.93
C TYR F 245 -10.55 -9.89 47.57
N VAL F 246 -11.25 -10.87 48.15
CA VAL F 246 -12.54 -10.59 48.78
C VAL F 246 -12.36 -9.75 50.03
N TYR F 247 -11.30 -10.00 50.80
CA TYR F 247 -10.98 -9.16 51.95
C TYR F 247 -10.99 -7.68 51.59
N PHE F 248 -10.21 -7.31 50.55
CA PHE F 248 -10.07 -5.90 50.20
C PHE F 248 -11.33 -5.35 49.51
N ALA F 249 -12.03 -6.18 48.73
CA ALA F 249 -13.18 -5.68 47.99
C ALA F 249 -14.41 -5.50 48.88
N SER F 250 -14.47 -6.22 50.00
CA SER F 250 -15.65 -6.22 50.85
C SER F 250 -15.51 -5.20 51.98
N ASP F 251 -16.54 -5.16 52.82
CA ASP F 251 -16.60 -4.37 54.05
C ASP F 251 -15.80 -4.99 55.20
N ALA F 252 -15.09 -6.10 54.99
CA ALA F 252 -14.24 -6.62 56.06
C ALA F 252 -12.97 -5.80 56.24
N SER F 253 -12.73 -4.78 55.43
CA SER F 253 -11.47 -4.05 55.44
C SER F 253 -11.70 -2.55 55.38
N THR F 254 -12.67 -2.04 56.13
CA THR F 254 -13.07 -0.64 56.00
C THR F 254 -12.12 0.33 56.69
N TYR F 255 -11.10 -0.13 57.41
CA TYR F 255 -10.02 0.75 57.84
C TYR F 255 -8.70 0.43 57.13
N THR F 256 -8.73 -0.45 56.11
CA THR F 256 -7.53 -0.83 55.36
C THR F 256 -7.50 -0.05 54.04
N THR F 257 -6.57 0.90 53.92
CA THR F 257 -6.35 1.57 52.64
C THR F 257 -4.87 1.92 52.53
N GLY F 258 -4.33 1.77 51.32
CA GLY F 258 -2.92 1.99 51.07
C GLY F 258 -2.01 0.88 51.52
N ALA F 259 -2.56 -0.31 51.78
CA ALA F 259 -1.78 -1.46 52.19
C ALA F 259 -1.40 -2.32 50.99
N ASP F 260 -0.28 -3.04 51.11
CA ASP F 260 0.13 -4.08 50.19
C ASP F 260 0.23 -5.40 50.94
N LEU F 261 -0.25 -6.48 50.32
CA LEU F 261 -0.25 -7.79 50.92
C LEU F 261 0.55 -8.76 50.04
N LEU F 262 1.72 -9.19 50.52
CA LEU F 262 2.54 -10.15 49.79
C LEU F 262 1.99 -11.56 50.01
N ILE F 263 1.75 -12.28 48.91
CA ILE F 263 1.30 -13.65 48.97
C ILE F 263 2.25 -14.47 48.12
N ASP F 264 3.39 -14.84 48.72
CA ASP F 264 4.55 -15.28 47.95
C ASP F 264 5.24 -16.50 48.55
N GLY F 265 4.58 -17.25 49.44
CA GLY F 265 5.20 -18.42 50.03
C GLY F 265 6.45 -18.12 50.85
N GLY F 266 6.63 -16.88 51.29
CA GLY F 266 7.80 -16.50 52.04
C GLY F 266 8.96 -15.98 51.21
N TYR F 267 8.79 -15.87 49.87
CA TYR F 267 9.91 -15.52 49.00
C TYR F 267 10.62 -14.26 49.45
N THR F 268 9.87 -13.21 49.80
CA THR F 268 10.50 -11.94 50.16
C THR F 268 11.04 -11.89 51.60
N THR F 269 10.86 -12.95 52.41
CA THR F 269 11.48 -12.91 53.74
C THR F 269 12.99 -13.09 53.65
N ARG F 270 13.49 -13.80 52.63
CA ARG F 270 14.95 -13.98 52.45
C ARG F 270 15.60 -12.86 51.63
N GLN G 7 54.98 -38.94 -13.99
CA GLN G 7 54.12 -37.92 -13.41
C GLN G 7 54.53 -37.60 -11.98
N GLN G 8 55.00 -36.37 -11.78
CA GLN G 8 55.59 -35.92 -10.53
C GLN G 8 54.57 -35.15 -9.69
N ALA G 9 54.86 -35.10 -8.39
CA ALA G 9 54.10 -34.22 -7.51
C ALA G 9 54.40 -32.77 -7.87
N THR G 10 53.44 -31.89 -7.62
CA THR G 10 53.68 -30.46 -7.79
C THR G 10 54.87 -30.03 -6.96
N LYS G 11 55.66 -29.10 -7.52
CA LYS G 11 56.76 -28.50 -6.79
C LYS G 11 56.30 -27.45 -5.81
N HIS G 12 55.06 -26.98 -5.94
CA HIS G 12 54.57 -25.90 -5.09
C HIS G 12 54.08 -26.43 -3.75
N GLU G 13 54.43 -25.71 -2.68
CA GLU G 13 53.88 -26.02 -1.37
C GLU G 13 52.60 -25.27 -1.10
N SER G 14 52.56 -23.99 -1.46
CA SER G 14 51.37 -23.16 -1.26
C SER G 14 50.21 -23.66 -2.10
N LEU G 15 49.00 -23.65 -1.52
CA LEU G 15 47.82 -24.05 -2.26
C LEU G 15 47.47 -23.03 -3.35
N LEU G 16 47.68 -21.75 -3.08
CA LEU G 16 47.44 -20.76 -4.12
C LEU G 16 48.41 -20.91 -5.28
N ASP G 17 49.65 -21.34 -5.00
CA ASP G 17 50.59 -21.62 -6.08
C ASP G 17 50.15 -22.85 -6.88
N GLN G 18 49.71 -23.90 -6.18
CA GLN G 18 49.25 -25.11 -6.86
C GLN G 18 48.04 -24.82 -7.76
N LEU G 19 47.15 -23.94 -7.32
CA LEU G 19 45.95 -23.61 -8.12
C LEU G 19 46.25 -22.65 -9.26
N SER G 20 47.39 -21.97 -9.24
CA SER G 20 47.68 -20.96 -10.25
C SER G 20 47.77 -21.58 -11.64
N LEU G 21 47.14 -20.93 -12.61
CA LEU G 21 47.24 -21.33 -14.00
C LEU G 21 47.99 -20.32 -14.83
N LYS G 22 48.67 -19.37 -14.19
CA LYS G 22 49.52 -18.43 -14.92
C LYS G 22 50.54 -19.21 -15.74
N GLY G 23 50.72 -18.78 -16.99
CA GLY G 23 51.59 -19.46 -17.92
C GLY G 23 50.99 -20.69 -18.56
N LYS G 24 49.75 -21.04 -18.24
CA LYS G 24 49.14 -22.25 -18.77
C LYS G 24 47.99 -21.90 -19.70
N VAL G 25 47.59 -22.89 -20.49
CA VAL G 25 46.53 -22.79 -21.49
C VAL G 25 45.51 -23.89 -21.20
N VAL G 26 44.23 -23.51 -21.14
CA VAL G 26 43.13 -24.43 -20.91
C VAL G 26 42.18 -24.34 -22.09
N VAL G 27 41.75 -25.49 -22.60
CA VAL G 27 40.70 -25.58 -23.60
C VAL G 27 39.42 -26.06 -22.91
N VAL G 28 38.32 -25.36 -23.14
CA VAL G 28 37.01 -25.76 -22.62
C VAL G 28 36.08 -25.90 -23.82
N THR G 29 35.65 -27.12 -24.13
CA THR G 29 34.66 -27.30 -25.17
C THR G 29 33.26 -27.03 -24.63
N GLY G 30 32.37 -26.59 -25.52
CA GLY G 30 30.99 -26.33 -25.15
C GLY G 30 30.80 -25.25 -24.10
N ALA G 31 31.44 -24.09 -24.30
CA ALA G 31 31.36 -22.99 -23.36
C ALA G 31 30.77 -21.74 -24.02
N SER G 32 29.86 -21.94 -24.97
CA SER G 32 29.26 -20.83 -25.69
C SER G 32 28.01 -20.30 -25.02
N GLY G 33 27.39 -21.07 -24.13
CA GLY G 33 26.20 -20.62 -23.43
C GLY G 33 26.53 -19.62 -22.35
N PRO G 34 25.49 -18.94 -21.85
CA PRO G 34 25.70 -17.91 -20.83
C PRO G 34 25.75 -18.40 -19.39
N LYS G 35 25.37 -19.66 -19.14
CA LYS G 35 25.11 -20.13 -17.79
C LYS G 35 25.65 -21.53 -17.54
N GLY G 36 26.48 -22.07 -18.44
CA GLY G 36 26.80 -23.48 -18.43
C GLY G 36 28.04 -23.80 -17.63
N MET G 37 28.24 -25.10 -17.39
CA MET G 37 29.49 -25.56 -16.78
C MET G 37 30.67 -25.00 -17.55
N GLY G 38 30.56 -24.95 -18.88
CA GLY G 38 31.63 -24.49 -19.74
C GLY G 38 32.14 -23.10 -19.41
N ILE G 39 31.28 -22.09 -19.47
CA ILE G 39 31.75 -20.72 -19.22
C ILE G 39 32.20 -20.58 -17.77
N GLU G 40 31.58 -21.31 -16.83
CA GLU G 40 31.98 -21.14 -15.44
C GLU G 40 33.34 -21.78 -15.18
N ALA G 41 33.62 -22.94 -15.81
CA ALA G 41 34.96 -23.50 -15.78
C ALA G 41 35.96 -22.55 -16.43
N ALA G 42 35.62 -21.98 -17.58
CA ALA G 42 36.50 -21.00 -18.23
C ALA G 42 36.77 -19.80 -17.32
N ARG G 43 35.73 -19.33 -16.62
CA ARG G 43 35.92 -18.19 -15.72
C ARG G 43 36.85 -18.54 -14.56
N GLY G 44 36.71 -19.73 -13.99
CA GLY G 44 37.53 -20.10 -12.86
C GLY G 44 38.99 -20.24 -13.25
N CYS G 45 39.24 -20.89 -14.40
CA CYS G 45 40.60 -21.00 -14.93
C CYS G 45 41.19 -19.64 -15.25
N ALA G 46 40.43 -18.79 -15.95
CA ALA G 46 40.91 -17.43 -16.23
C ALA G 46 41.20 -16.67 -14.95
N GLU G 47 40.39 -16.88 -13.92
CA GLU G 47 40.62 -16.21 -12.63
C GLU G 47 41.97 -16.62 -12.05
N MET G 48 42.35 -17.90 -12.22
CA MET G 48 43.65 -18.38 -11.77
C MET G 48 44.80 -18.05 -12.72
N GLY G 49 44.53 -17.28 -13.78
CA GLY G 49 45.58 -16.76 -14.64
C GLY G 49 45.77 -17.47 -15.97
N ALA G 50 44.92 -18.43 -16.31
CA ALA G 50 45.06 -19.18 -17.53
C ALA G 50 44.66 -18.35 -18.76
N ALA G 51 45.33 -18.62 -19.87
CA ALA G 51 44.80 -18.31 -21.19
C ALA G 51 43.79 -19.40 -21.56
N VAL G 52 42.67 -19.02 -22.15
CA VAL G 52 41.54 -19.93 -22.28
C VAL G 52 41.08 -19.95 -23.74
N ALA G 53 40.96 -21.15 -24.30
CA ALA G 53 40.30 -21.38 -25.57
C ALA G 53 38.96 -22.05 -25.29
N ILE G 54 37.87 -21.47 -25.82
CA ILE G 54 36.55 -22.05 -25.68
C ILE G 54 36.01 -22.39 -27.06
N THR G 55 35.08 -23.33 -27.10
CA THR G 55 34.54 -23.76 -28.38
C THR G 55 33.03 -23.60 -28.38
N TYR G 56 32.48 -23.50 -29.59
CA TYR G 56 31.05 -23.42 -29.81
C TYR G 56 30.73 -24.34 -30.98
N ALA G 57 29.47 -24.72 -31.09
CA ALA G 57 29.01 -25.40 -32.28
C ALA G 57 28.01 -24.54 -33.02
N SER G 58 26.88 -24.22 -32.39
CA SER G 58 25.85 -23.41 -33.03
C SER G 58 25.80 -21.97 -32.53
N ARG G 59 26.45 -21.64 -31.40
CA ARG G 59 26.32 -20.32 -30.79
C ARG G 59 27.63 -19.54 -30.91
N ALA G 60 27.99 -19.20 -32.14
CA ALA G 60 29.20 -18.40 -32.39
C ALA G 60 29.14 -17.06 -31.66
N GLN G 61 27.99 -16.37 -31.74
CA GLN G 61 27.87 -15.06 -31.10
C GLN G 61 28.03 -15.16 -29.59
N GLY G 62 27.40 -16.16 -28.97
CA GLY G 62 27.57 -16.35 -27.54
C GLY G 62 29.02 -16.62 -27.15
N ALA G 63 29.71 -17.45 -27.94
CA ALA G 63 31.12 -17.72 -27.67
C ALA G 63 31.96 -16.45 -27.78
N GLU G 64 31.67 -15.61 -28.78
CA GLU G 64 32.40 -14.35 -28.92
C GLU G 64 32.10 -13.39 -27.78
N GLU G 65 30.83 -13.34 -27.32
CA GLU G 65 30.50 -12.51 -26.17
C GLU G 65 31.21 -12.99 -24.91
N ASN G 66 31.26 -14.31 -24.69
CA ASN G 66 31.99 -14.86 -23.55
C ASN G 66 33.46 -14.52 -23.60
N VAL G 67 34.07 -14.62 -24.79
CA VAL G 67 35.50 -14.33 -24.94
C VAL G 67 35.81 -12.88 -24.56
N LYS G 68 34.99 -11.94 -25.02
CA LYS G 68 35.18 -10.53 -24.65
C LYS G 68 35.14 -10.36 -23.13
N GLU G 69 34.15 -10.97 -22.47
CA GLU G 69 33.99 -10.77 -21.03
C GLU G 69 35.11 -11.44 -20.26
N LEU G 70 35.52 -12.64 -20.66
CA LEU G 70 36.71 -13.25 -20.07
C LEU G 70 37.91 -12.31 -20.12
N GLU G 71 38.20 -11.75 -21.30
CA GLU G 71 39.34 -10.85 -21.45
C GLU G 71 39.18 -9.59 -20.59
N LYS G 72 37.98 -8.99 -20.60
CA LYS G 72 37.77 -7.77 -19.84
C LYS G 72 37.78 -8.04 -18.32
N THR G 73 37.12 -9.10 -17.87
CA THR G 73 37.07 -9.34 -16.43
C THR G 73 38.44 -9.77 -15.88
N TYR G 74 39.15 -10.68 -16.56
CA TYR G 74 40.32 -11.33 -15.98
C TYR G 74 41.65 -10.92 -16.59
N GLY G 75 41.65 -10.11 -17.65
CA GLY G 75 42.89 -9.65 -18.25
C GLY G 75 43.74 -10.74 -18.87
N ILE G 76 43.12 -11.79 -19.39
CA ILE G 76 43.84 -12.92 -19.96
C ILE G 76 43.54 -12.99 -21.44
N LYS G 77 44.29 -13.84 -22.15
CA LYS G 77 44.04 -14.08 -23.56
C LYS G 77 43.00 -15.19 -23.69
N ALA G 78 41.91 -14.90 -24.40
CA ALA G 78 40.91 -15.90 -24.70
C ALA G 78 40.53 -15.84 -26.17
N LYS G 79 40.09 -16.98 -26.71
CA LYS G 79 39.75 -17.09 -28.13
C LYS G 79 38.70 -18.18 -28.29
N ALA G 80 37.74 -17.94 -29.18
CA ALA G 80 36.68 -18.91 -29.46
C ALA G 80 36.97 -19.64 -30.77
N TYR G 81 36.66 -20.93 -30.78
CA TYR G 81 36.90 -21.82 -31.93
C TYR G 81 35.65 -22.65 -32.20
N LYS G 82 35.34 -22.85 -33.48
CA LYS G 82 34.25 -23.76 -33.83
C LYS G 82 34.72 -25.20 -33.70
N CYS G 83 33.95 -26.03 -32.99
CA CYS G 83 34.28 -27.44 -32.92
C CYS G 83 33.01 -28.27 -32.90
N GLN G 84 32.95 -29.29 -33.77
CA GLN G 84 31.92 -30.32 -33.74
C GLN G 84 32.58 -31.58 -33.18
N VAL G 85 32.36 -31.85 -31.88
CA VAL G 85 33.07 -32.94 -31.24
C VAL G 85 32.68 -34.27 -31.84
N ASP G 86 31.52 -34.35 -32.48
CA ASP G 86 31.11 -35.57 -33.16
C ASP G 86 31.97 -35.90 -34.38
N SER G 87 32.79 -34.97 -34.87
CA SER G 87 33.70 -35.19 -35.98
C SER G 87 35.12 -35.23 -35.44
N TYR G 88 35.84 -36.32 -35.69
CA TYR G 88 37.21 -36.39 -35.19
C TYR G 88 38.09 -35.34 -35.84
N GLU G 89 37.89 -35.08 -37.14
CA GLU G 89 38.67 -34.06 -37.84
C GLU G 89 38.50 -32.68 -37.20
N SER G 90 37.32 -32.39 -36.65
CA SER G 90 37.09 -31.08 -36.02
C SER G 90 37.85 -30.95 -34.70
N CYS G 91 37.98 -32.06 -33.95
CA CYS G 91 38.77 -32.05 -32.72
C CYS G 91 40.27 -32.00 -33.03
N GLU G 92 40.70 -32.73 -34.05
CA GLU G 92 42.09 -32.65 -34.49
C GLU G 92 42.45 -31.24 -34.91
N LYS G 93 41.55 -30.56 -35.64
CA LYS G 93 41.80 -29.20 -36.07
C LYS G 93 41.80 -28.26 -34.89
N LEU G 94 40.92 -28.51 -33.91
CA LEU G 94 40.85 -27.65 -32.75
C LEU G 94 42.18 -27.66 -32.00
N VAL G 95 42.69 -28.85 -31.71
CA VAL G 95 43.98 -28.95 -31.01
C VAL G 95 45.07 -28.30 -31.84
N LYS G 96 45.05 -28.52 -33.16
CA LYS G 96 46.07 -27.92 -34.04
C LYS G 96 46.01 -26.40 -33.98
N ASP G 97 44.80 -25.81 -34.02
CA ASP G 97 44.66 -24.35 -34.07
C ASP G 97 45.00 -23.72 -32.72
N VAL G 98 44.61 -24.35 -31.60
CA VAL G 98 44.92 -23.78 -30.28
C VAL G 98 46.43 -23.81 -30.03
N VAL G 99 47.08 -24.93 -30.34
CA VAL G 99 48.53 -25.04 -30.17
C VAL G 99 49.26 -24.02 -31.04
N ALA G 100 48.73 -23.70 -32.22
CA ALA G 100 49.40 -22.70 -33.06
C ALA G 100 49.19 -21.30 -32.51
N ASP G 101 48.02 -21.03 -31.92
CA ASP G 101 47.69 -19.68 -31.45
C ASP G 101 48.20 -19.43 -30.04
N PHE G 102 48.17 -20.44 -29.17
CA PHE G 102 48.54 -20.28 -27.78
C PHE G 102 49.87 -20.91 -27.43
N GLY G 103 50.41 -21.77 -28.30
CA GLY G 103 51.69 -22.41 -28.06
C GLY G 103 51.60 -23.80 -27.47
N GLN G 104 50.50 -24.15 -26.81
CA GLN G 104 50.42 -25.41 -26.08
C GLN G 104 49.04 -25.55 -25.48
N ILE G 105 48.73 -26.75 -24.98
CA ILE G 105 47.55 -27.01 -24.16
C ILE G 105 48.00 -27.75 -22.92
N ASP G 106 47.77 -27.15 -21.75
CA ASP G 106 48.11 -27.77 -20.47
C ASP G 106 46.96 -28.57 -19.89
N ALA G 107 45.74 -28.08 -20.03
CA ALA G 107 44.56 -28.77 -19.53
C ALA G 107 43.44 -28.65 -20.54
N PHE G 108 42.65 -29.71 -20.67
CA PHE G 108 41.57 -29.80 -21.65
C PHE G 108 40.33 -30.23 -20.89
N ILE G 109 39.26 -29.45 -21.00
CA ILE G 109 38.00 -29.74 -20.33
C ILE G 109 37.00 -30.16 -21.40
N ALA G 110 36.78 -31.47 -21.53
CA ALA G 110 35.84 -32.04 -22.50
C ALA G 110 34.44 -31.98 -21.92
N ASN G 111 33.70 -30.96 -22.31
CA ASN G 111 32.46 -30.59 -21.66
C ASN G 111 31.27 -30.53 -22.61
N ALA G 112 31.50 -30.46 -23.92
CA ALA G 112 30.39 -30.41 -24.87
C ALA G 112 29.51 -31.63 -24.75
N GLY G 113 28.20 -31.44 -24.89
CA GLY G 113 27.28 -32.56 -24.81
C GLY G 113 25.87 -32.18 -25.21
N ALA G 114 25.08 -33.22 -25.49
CA ALA G 114 23.70 -33.08 -25.92
C ALA G 114 22.81 -34.07 -25.18
N THR G 115 21.53 -33.74 -25.07
CA THR G 115 20.58 -34.53 -24.29
C THR G 115 19.82 -35.52 -25.15
N ALA G 116 19.23 -36.50 -24.48
CA ALA G 116 18.28 -37.43 -25.06
C ALA G 116 16.88 -37.10 -24.56
N ASP G 117 15.87 -37.54 -25.33
CA ASP G 117 14.48 -37.20 -25.02
C ASP G 117 13.53 -38.41 -25.05
N SER G 118 14.05 -39.64 -24.98
CA SER G 118 13.18 -40.80 -24.90
C SER G 118 13.98 -42.01 -24.45
N GLY G 119 13.25 -43.07 -24.08
CA GLY G 119 13.85 -44.38 -23.89
C GLY G 119 14.17 -45.05 -25.22
N ILE G 120 14.62 -46.31 -25.13
CA ILE G 120 15.10 -46.94 -26.35
C ILE G 120 13.99 -47.57 -27.18
N LEU G 121 12.82 -47.86 -26.60
CA LEU G 121 11.74 -48.39 -27.42
C LEU G 121 11.04 -47.28 -28.20
N ASP G 122 10.79 -46.13 -27.56
CA ASP G 122 10.19 -45.01 -28.27
C ASP G 122 11.17 -44.37 -29.24
N GLY G 123 12.45 -44.29 -28.87
CA GLY G 123 13.43 -43.66 -29.73
C GLY G 123 13.80 -44.53 -30.92
N SER G 124 14.20 -43.86 -31.99
CA SER G 124 14.72 -44.53 -33.16
C SER G 124 16.15 -44.98 -32.90
N VAL G 125 16.64 -45.87 -33.77
CA VAL G 125 18.06 -46.22 -33.73
C VAL G 125 18.91 -44.99 -34.02
N GLU G 126 18.44 -44.10 -34.91
CA GLU G 126 19.20 -42.89 -35.21
C GLU G 126 19.27 -41.98 -34.00
N ALA G 127 18.19 -41.92 -33.21
CA ALA G 127 18.23 -41.12 -31.99
C ALA G 127 19.30 -41.63 -31.04
N TRP G 128 19.40 -42.96 -30.86
CA TRP G 128 20.46 -43.53 -30.06
C TRP G 128 21.84 -43.19 -30.62
N ASN G 129 22.03 -43.43 -31.93
CA ASN G 129 23.32 -43.16 -32.55
C ASN G 129 23.75 -41.71 -32.36
N HIS G 130 22.82 -40.77 -32.46
CA HIS G 130 23.20 -39.36 -32.35
C HIS G 130 23.72 -39.03 -30.96
N VAL G 131 23.04 -39.50 -29.92
CA VAL G 131 23.44 -39.20 -28.55
C VAL G 131 24.80 -39.82 -28.25
N VAL G 132 25.01 -41.07 -28.70
CA VAL G 132 26.26 -41.76 -28.44
C VAL G 132 27.40 -41.11 -29.22
N GLN G 133 27.14 -40.70 -30.47
CA GLN G 133 28.16 -40.05 -31.28
C GLN G 133 28.63 -38.74 -30.64
N VAL G 134 27.71 -37.96 -30.10
CA VAL G 134 28.10 -36.68 -29.53
C VAL G 134 28.70 -36.87 -28.15
N ASP G 135 27.97 -37.56 -27.26
CA ASP G 135 28.34 -37.61 -25.85
C ASP G 135 29.46 -38.60 -25.58
N LEU G 136 29.47 -39.74 -26.27
CA LEU G 136 30.52 -40.71 -25.99
C LEU G 136 31.67 -40.57 -26.99
N ASN G 137 31.37 -40.66 -28.28
CA ASN G 137 32.42 -40.58 -29.30
C ASN G 137 33.01 -39.18 -29.38
N GLY G 138 32.21 -38.14 -29.13
CA GLY G 138 32.75 -36.79 -29.07
C GLY G 138 33.81 -36.65 -28.00
N THR G 139 33.56 -37.24 -26.82
CA THR G 139 34.53 -37.23 -25.73
C THR G 139 35.77 -38.03 -26.09
N PHE G 140 35.58 -39.20 -26.70
CA PHE G 140 36.73 -39.94 -27.21
C PHE G 140 37.52 -39.10 -28.22
N HIS G 141 36.83 -38.40 -29.14
CA HIS G 141 37.56 -37.62 -30.15
C HIS G 141 38.43 -36.57 -29.53
N CYS G 142 37.92 -35.85 -28.51
CA CYS G 142 38.73 -34.85 -27.82
C CYS G 142 39.91 -35.48 -27.09
N ALA G 143 39.68 -36.59 -26.38
CA ALA G 143 40.77 -37.22 -25.63
C ALA G 143 41.87 -37.67 -26.55
N LYS G 144 41.51 -38.34 -27.66
CA LYS G 144 42.53 -38.79 -28.60
C LYS G 144 43.27 -37.61 -29.22
N ALA G 145 42.53 -36.56 -29.61
CA ALA G 145 43.16 -35.42 -30.28
C ALA G 145 44.10 -34.69 -29.34
N VAL G 146 43.66 -34.43 -28.10
CA VAL G 146 44.57 -33.74 -27.18
C VAL G 146 45.59 -34.73 -26.58
N GLY G 147 45.22 -36.01 -26.41
CA GLY G 147 46.17 -36.97 -25.87
C GLY G 147 47.46 -37.05 -26.68
N HIS G 148 47.36 -36.97 -28.01
CA HIS G 148 48.56 -36.98 -28.83
C HIS G 148 49.47 -35.82 -28.45
N HIS G 149 48.91 -34.64 -28.18
CA HIS G 149 49.71 -33.49 -27.77
C HIS G 149 50.27 -33.67 -26.36
N PHE G 150 49.44 -34.10 -25.40
CA PHE G 150 49.94 -34.36 -24.05
C PHE G 150 51.12 -35.31 -24.06
N LYS G 151 51.05 -36.36 -24.89
CA LYS G 151 52.13 -37.33 -24.92
C LYS G 151 53.42 -36.71 -25.43
N GLU G 152 53.33 -35.77 -26.38
CA GLU G 152 54.54 -35.08 -26.83
C GLU G 152 55.11 -34.18 -25.74
N ARG G 153 54.26 -33.45 -25.04
CA ARG G 153 54.73 -32.54 -24.00
C ARG G 153 55.17 -33.27 -22.73
N GLY G 154 54.67 -34.47 -22.50
CA GLY G 154 54.95 -35.16 -21.26
C GLY G 154 54.15 -34.72 -20.04
N THR G 155 53.22 -33.76 -20.18
CA THR G 155 52.32 -33.37 -19.10
C THR G 155 50.93 -33.08 -19.67
N GLY G 156 49.94 -33.08 -18.79
CA GLY G 156 48.61 -32.67 -19.19
C GLY G 156 47.57 -33.09 -18.18
N SER G 157 46.41 -32.46 -18.28
CA SER G 157 45.24 -32.82 -17.49
C SER G 157 44.00 -32.76 -18.37
N LEU G 158 43.25 -33.87 -18.39
CA LEU G 158 42.00 -33.95 -19.14
C LEU G 158 40.87 -34.10 -18.13
N VAL G 159 39.91 -33.17 -18.19
CA VAL G 159 38.74 -33.18 -17.32
C VAL G 159 37.52 -33.46 -18.19
N ILE G 160 36.78 -34.51 -17.84
CA ILE G 160 35.61 -34.93 -18.60
C ILE G 160 34.35 -34.56 -17.82
N THR G 161 33.45 -33.83 -18.46
CA THR G 161 32.13 -33.59 -17.87
C THR G 161 31.26 -34.81 -18.18
N ALA G 162 31.02 -35.63 -17.16
CA ALA G 162 30.12 -36.75 -17.32
C ALA G 162 28.74 -36.32 -16.84
N SER G 163 28.16 -37.07 -15.91
CA SER G 163 26.85 -36.77 -15.32
C SER G 163 26.53 -37.79 -14.26
N MET G 164 25.70 -37.43 -13.27
CA MET G 164 25.18 -38.47 -12.39
C MET G 164 24.33 -39.48 -13.16
N SER G 165 23.88 -39.12 -14.38
CA SER G 165 23.18 -40.07 -15.24
C SER G 165 24.06 -41.25 -15.63
N GLY G 166 25.38 -41.12 -15.51
CA GLY G 166 26.24 -42.26 -15.70
C GLY G 166 26.31 -43.21 -14.51
N HIS G 167 25.76 -42.80 -13.36
CA HIS G 167 25.72 -43.61 -12.14
C HIS G 167 24.34 -44.21 -11.89
N ILE G 168 23.27 -43.47 -12.16
CA ILE G 168 21.92 -43.91 -11.88
C ILE G 168 21.08 -43.70 -13.13
N ALA G 169 19.83 -44.15 -13.08
CA ALA G 169 18.86 -43.91 -14.14
C ALA G 169 17.90 -42.81 -13.69
N ASN G 170 17.86 -41.72 -14.44
CA ASN G 170 16.99 -40.60 -14.12
C ASN G 170 15.52 -41.03 -14.17
N PHE G 171 14.71 -40.30 -13.39
CA PHE G 171 13.29 -40.59 -13.21
C PHE G 171 12.58 -39.25 -13.02
N PRO G 172 11.41 -39.03 -13.64
CA PRO G 172 10.62 -39.97 -14.44
C PRO G 172 10.87 -39.95 -15.95
N GLN G 173 11.76 -39.08 -16.43
CA GLN G 173 12.04 -38.99 -17.86
C GLN G 173 12.98 -40.12 -18.27
N GLU G 174 12.65 -40.78 -19.37
CA GLU G 174 13.48 -41.88 -19.87
C GLU G 174 14.54 -41.32 -20.82
N GLN G 175 15.80 -41.71 -20.60
CA GLN G 175 16.88 -41.17 -21.41
C GLN G 175 18.07 -42.13 -21.44
N THR G 176 17.77 -43.42 -21.62
CA THR G 176 18.78 -44.45 -21.44
C THR G 176 20.00 -44.20 -22.33
N SER G 177 19.79 -43.66 -23.54
CA SER G 177 20.92 -43.43 -24.44
C SER G 177 21.92 -42.44 -23.85
N TYR G 178 21.42 -41.37 -23.22
CA TYR G 178 22.31 -40.42 -22.56
C TYR G 178 22.99 -41.03 -21.33
N ASN G 179 22.22 -41.78 -20.53
CA ASN G 179 22.80 -42.44 -19.35
C ASN G 179 23.96 -43.35 -19.74
N VAL G 180 23.77 -44.14 -20.79
CA VAL G 180 24.79 -45.07 -21.23
C VAL G 180 26.04 -44.33 -21.68
N ALA G 181 25.87 -43.24 -22.43
CA ALA G 181 27.01 -42.49 -22.96
C ALA G 181 27.83 -41.89 -21.83
N LYS G 182 27.15 -41.35 -20.81
CA LYS G 182 27.84 -40.75 -19.67
C LYS G 182 28.51 -41.80 -18.78
N ALA G 183 27.92 -42.99 -18.66
CA ALA G 183 28.63 -44.08 -18.00
C ALA G 183 29.91 -44.42 -18.74
N GLY G 184 29.85 -44.41 -20.08
CA GLY G 184 31.05 -44.60 -20.88
C GLY G 184 32.10 -43.53 -20.62
N CYS G 185 31.67 -42.28 -20.49
CA CYS G 185 32.59 -41.19 -20.21
C CYS G 185 33.29 -41.37 -18.86
N ILE G 186 32.55 -41.79 -17.84
CA ILE G 186 33.14 -42.02 -16.52
C ILE G 186 34.21 -43.10 -16.60
N HIS G 187 33.91 -44.22 -17.28
CA HIS G 187 34.91 -45.28 -17.32
C HIS G 187 36.06 -44.94 -18.26
N MET G 188 35.77 -44.15 -19.32
CA MET G 188 36.84 -43.67 -20.19
C MET G 188 37.90 -42.94 -19.38
N ALA G 189 37.48 -42.15 -18.40
CA ALA G 189 38.45 -41.39 -17.61
C ALA G 189 39.31 -42.32 -16.77
N ARG G 190 38.70 -43.35 -16.16
CA ARG G 190 39.48 -44.34 -15.42
C ARG G 190 40.44 -45.06 -16.34
N SER G 191 39.94 -45.50 -17.50
CA SER G 191 40.76 -46.29 -18.41
C SER G 191 41.89 -45.46 -19.00
N LEU G 192 41.62 -44.21 -19.36
CA LEU G 192 42.68 -43.35 -19.92
C LEU G 192 43.66 -42.91 -18.84
N ALA G 193 43.19 -42.78 -17.60
CA ALA G 193 44.11 -42.45 -16.52
C ALA G 193 45.20 -43.51 -16.42
N ASN G 194 44.85 -44.76 -16.66
CA ASN G 194 45.83 -45.83 -16.71
C ASN G 194 46.62 -45.81 -18.01
N GLU G 195 45.95 -45.65 -19.16
CA GLU G 195 46.66 -45.67 -20.44
C GLU G 195 47.70 -44.56 -20.49
N TRP G 196 47.37 -43.38 -19.97
CA TRP G 196 48.22 -42.20 -20.06
C TRP G 196 49.06 -41.99 -18.80
N ARG G 197 49.31 -43.05 -18.03
CA ARG G 197 49.88 -42.94 -16.69
C ARG G 197 51.27 -42.31 -16.69
N ASP G 198 52.00 -42.36 -17.80
CA ASP G 198 53.33 -41.77 -17.86
C ASP G 198 53.33 -40.28 -18.18
N PHE G 199 52.20 -39.67 -18.61
CA PHE G 199 52.27 -38.27 -19.03
C PHE G 199 51.05 -37.40 -18.71
N ALA G 200 49.87 -37.93 -18.38
CA ALA G 200 48.75 -37.04 -18.12
C ALA G 200 47.77 -37.64 -17.11
N ARG G 201 47.07 -36.77 -16.39
CA ARG G 201 46.00 -37.18 -15.49
C ARG G 201 44.66 -37.03 -16.21
N VAL G 202 43.72 -37.90 -15.86
CA VAL G 202 42.37 -37.90 -16.45
C VAL G 202 41.36 -38.12 -15.33
N ASN G 203 40.36 -37.25 -15.24
CA ASN G 203 39.36 -37.32 -14.18
C ASN G 203 38.03 -36.88 -14.75
N SER G 204 36.94 -37.30 -14.10
CA SER G 204 35.63 -36.85 -14.53
C SER G 204 34.90 -36.14 -13.38
N ILE G 205 34.02 -35.23 -13.77
CA ILE G 205 33.05 -34.59 -12.91
C ILE G 205 31.67 -35.05 -13.36
N SER G 206 30.81 -35.43 -12.41
CA SER G 206 29.47 -35.92 -12.69
C SER G 206 28.45 -35.00 -12.01
N PRO G 207 27.98 -33.96 -12.71
CA PRO G 207 26.97 -33.08 -12.10
C PRO G 207 25.61 -33.75 -12.03
N GLY G 208 24.84 -33.34 -11.03
CA GLY G 208 23.41 -33.60 -10.98
C GLY G 208 22.67 -32.53 -11.76
N TYR G 209 21.45 -32.23 -11.31
CA TYR G 209 20.62 -31.26 -12.02
C TYR G 209 21.15 -29.85 -11.78
N ILE G 210 21.65 -29.22 -12.85
CA ILE G 210 22.26 -27.89 -12.81
C ILE G 210 21.44 -26.96 -13.69
N ASP G 211 21.16 -25.77 -13.18
CA ASP G 211 20.27 -24.84 -13.86
C ASP G 211 21.06 -24.05 -14.91
N THR G 212 21.37 -24.72 -16.02
CA THR G 212 22.13 -24.12 -17.11
C THR G 212 21.25 -23.73 -18.30
N GLY G 213 19.99 -24.17 -18.32
CA GLY G 213 19.13 -24.03 -19.49
C GLY G 213 19.11 -25.25 -20.39
N LEU G 214 19.97 -26.23 -20.11
CA LEU G 214 19.99 -27.47 -20.89
C LEU G 214 18.70 -28.27 -20.71
N SER G 215 18.06 -28.18 -19.55
CA SER G 215 16.81 -28.88 -19.27
C SER G 215 15.58 -28.01 -19.52
N ASP G 216 15.72 -26.90 -20.26
CA ASP G 216 14.58 -26.01 -20.47
C ASP G 216 13.44 -26.70 -21.23
N PHE G 217 13.72 -27.77 -21.96
CA PHE G 217 12.67 -28.52 -22.66
C PHE G 217 11.81 -29.38 -21.73
N VAL G 218 12.21 -29.57 -20.48
CA VAL G 218 11.51 -30.47 -19.55
C VAL G 218 10.37 -29.73 -18.87
N PRO G 219 9.15 -30.28 -18.84
CA PRO G 219 8.04 -29.61 -18.16
C PRO G 219 8.38 -29.26 -16.72
N LYS G 220 7.78 -28.18 -16.22
CA LYS G 220 8.08 -27.73 -14.88
C LYS G 220 7.51 -28.67 -13.81
N GLU G 221 6.50 -29.46 -14.13
CA GLU G 221 6.01 -30.45 -13.18
C GLU G 221 7.02 -31.58 -12.98
N THR G 222 7.69 -31.99 -14.07
CA THR G 222 8.77 -32.94 -13.95
C THR G 222 9.94 -32.34 -13.19
N GLN G 223 10.32 -31.11 -13.53
CA GLN G 223 11.41 -30.46 -12.83
C GLN G 223 11.06 -30.24 -11.37
N GLN G 224 9.76 -30.10 -11.06
CA GLN G 224 9.33 -30.02 -9.67
C GLN G 224 9.57 -31.33 -8.94
N LEU G 225 9.36 -32.46 -9.62
CA LEU G 225 9.54 -33.76 -8.98
C LEU G 225 11.01 -34.05 -8.68
N TRP G 226 11.92 -33.55 -9.53
CA TRP G 226 13.35 -33.71 -9.26
C TRP G 226 13.71 -33.12 -7.91
N HIS G 227 13.14 -31.95 -7.56
CA HIS G 227 13.57 -31.24 -6.36
C HIS G 227 13.27 -32.04 -5.11
N SER G 228 12.15 -32.77 -5.09
CA SER G 228 11.85 -33.62 -3.94
C SER G 228 12.82 -34.80 -3.81
N MET G 229 13.58 -35.11 -4.85
CA MET G 229 14.54 -36.23 -4.80
C MET G 229 15.97 -35.79 -4.51
N ILE G 230 16.25 -34.49 -4.57
CA ILE G 230 17.58 -33.95 -4.29
C ILE G 230 17.61 -33.57 -2.80
N PRO G 231 18.44 -34.24 -1.97
CA PRO G 231 18.51 -33.85 -0.55
C PRO G 231 18.70 -32.35 -0.34
N MET G 232 19.50 -31.67 -1.15
CA MET G 232 19.61 -30.22 -0.96
C MET G 232 18.36 -29.45 -1.38
N GLY G 233 17.44 -30.08 -2.11
CA GLY G 233 16.14 -29.50 -2.39
C GLY G 233 16.11 -28.47 -3.49
N ARG G 234 17.12 -28.44 -4.35
CA ARG G 234 17.25 -27.39 -5.35
C ARG G 234 18.16 -27.88 -6.46
N ASP G 235 18.05 -27.25 -7.62
CA ASP G 235 19.05 -27.41 -8.68
C ASP G 235 20.36 -26.77 -8.25
N GLY G 236 21.45 -27.28 -8.80
CA GLY G 236 22.73 -26.62 -8.64
C GLY G 236 22.86 -25.46 -9.62
N LEU G 237 23.89 -24.66 -9.40
CA LEU G 237 24.24 -23.57 -10.30
C LEU G 237 25.64 -23.82 -10.81
N ALA G 238 25.88 -23.47 -12.08
CA ALA G 238 27.16 -23.79 -12.71
C ALA G 238 28.32 -23.15 -11.96
N LYS G 239 28.08 -22.01 -11.30
CA LYS G 239 29.13 -21.37 -10.52
C LYS G 239 29.59 -22.22 -9.33
N GLU G 240 28.79 -23.19 -8.90
CA GLU G 240 29.15 -24.11 -7.82
C GLU G 240 30.03 -25.26 -8.29
N LEU G 241 30.30 -25.32 -9.58
CA LEU G 241 31.13 -26.37 -10.12
C LEU G 241 32.51 -25.88 -10.53
N LYS G 242 32.74 -24.58 -10.55
CA LYS G 242 33.98 -24.08 -11.12
C LYS G 242 35.19 -24.50 -10.28
N GLY G 243 35.01 -24.61 -8.95
CA GLY G 243 36.11 -25.07 -8.12
C GLY G 243 36.61 -26.47 -8.46
N ALA G 244 35.69 -27.38 -8.83
CA ALA G 244 36.10 -28.73 -9.18
C ALA G 244 36.87 -28.75 -10.50
N TYR G 245 36.45 -27.95 -11.48
CA TYR G 245 37.18 -27.89 -12.74
C TYR G 245 38.59 -27.35 -12.54
N VAL G 246 38.72 -26.27 -11.76
CA VAL G 246 40.04 -25.71 -11.50
C VAL G 246 40.87 -26.70 -10.68
N TYR G 247 40.24 -27.35 -9.71
CA TYR G 247 40.90 -28.39 -8.94
C TYR G 247 41.60 -29.40 -9.85
N PHE G 248 40.83 -29.99 -10.77
CA PHE G 248 41.37 -31.05 -11.63
C PHE G 248 42.33 -30.49 -12.70
N ALA G 249 42.07 -29.27 -13.19
CA ALA G 249 42.91 -28.71 -14.24
C ALA G 249 44.28 -28.25 -13.75
N SER G 250 44.42 -27.94 -12.46
CA SER G 250 45.63 -27.29 -11.95
C SER G 250 46.52 -28.27 -11.17
N ASP G 251 47.60 -27.72 -10.60
CA ASP G 251 48.57 -28.48 -9.80
C ASP G 251 48.06 -28.78 -8.39
N ALA G 252 46.80 -28.44 -8.07
CA ALA G 252 46.24 -28.86 -6.79
C ALA G 252 45.89 -30.34 -6.75
N SER G 253 46.06 -31.08 -7.84
CA SER G 253 45.54 -32.45 -7.90
C SER G 253 46.55 -33.38 -8.57
N THR G 254 47.84 -33.19 -8.29
CA THR G 254 48.87 -33.93 -9.04
C THR G 254 48.98 -35.41 -8.63
N TYR G 255 48.21 -35.88 -7.64
CA TYR G 255 48.10 -37.29 -7.35
C TYR G 255 46.71 -37.85 -7.65
N THR G 256 45.84 -37.04 -8.25
CA THR G 256 44.45 -37.42 -8.48
C THR G 256 44.31 -37.74 -9.96
N THR G 257 44.07 -39.01 -10.26
CA THR G 257 43.85 -39.44 -11.64
C THR G 257 42.97 -40.66 -11.62
N GLY G 258 42.02 -40.71 -12.55
CA GLY G 258 41.04 -41.78 -12.59
C GLY G 258 39.92 -41.63 -11.59
N ALA G 259 39.74 -40.45 -11.03
CA ALA G 259 38.68 -40.19 -10.06
C ALA G 259 37.45 -39.59 -10.74
N ASP G 260 36.30 -39.83 -10.15
CA ASP G 260 35.07 -39.15 -10.52
C ASP G 260 34.55 -38.41 -9.30
N LEU G 261 34.04 -37.20 -9.52
CA LEU G 261 33.55 -36.35 -8.43
C LEU G 261 32.10 -36.01 -8.71
N LEU G 262 31.20 -36.53 -7.87
CA LEU G 262 29.77 -36.27 -7.99
C LEU G 262 29.42 -34.92 -7.36
N ILE G 263 28.76 -34.06 -8.12
CA ILE G 263 28.34 -32.74 -7.64
C ILE G 263 26.85 -32.64 -7.94
N ASP G 264 26.01 -33.14 -7.01
CA ASP G 264 24.62 -33.44 -7.32
C ASP G 264 23.64 -33.12 -6.19
N GLY G 265 24.04 -32.29 -5.23
CA GLY G 265 23.17 -31.97 -4.11
C GLY G 265 22.72 -33.16 -3.28
N GLY G 266 23.43 -34.29 -3.36
CA GLY G 266 23.09 -35.49 -2.60
C GLY G 266 22.22 -36.49 -3.30
N TYR G 267 21.93 -36.27 -4.58
CA TYR G 267 20.94 -37.09 -5.29
C TYR G 267 21.29 -38.57 -5.21
N THR G 268 22.55 -38.91 -5.44
CA THR G 268 22.95 -40.31 -5.51
C THR G 268 23.15 -40.95 -4.13
N THR G 269 23.01 -40.20 -3.03
CA THR G 269 23.08 -40.84 -1.72
C THR G 269 21.87 -41.71 -1.46
N ARG G 270 20.72 -41.38 -2.05
CA ARG G 270 19.49 -42.19 -1.90
C ARG G 270 19.39 -43.28 -2.97
N PRO H 5 32.84 -12.57 36.49
CA PRO H 5 31.56 -12.54 37.22
C PRO H 5 31.63 -11.67 38.47
N GLY H 6 30.64 -10.80 38.68
CA GLY H 6 30.66 -9.87 39.78
C GLY H 6 31.61 -8.70 39.57
N GLN H 7 31.73 -7.87 40.60
CA GLN H 7 32.61 -6.71 40.62
C GLN H 7 33.53 -6.78 41.83
N GLN H 8 34.62 -6.02 41.80
CA GLN H 8 35.66 -6.15 42.82
C GLN H 8 35.71 -4.91 43.72
N ALA H 9 36.29 -5.11 44.91
CA ALA H 9 36.49 -4.03 45.87
C ALA H 9 37.51 -3.03 45.37
N THR H 10 37.41 -1.80 45.88
CA THR H 10 38.40 -0.78 45.57
C THR H 10 39.80 -1.21 46.00
N LYS H 11 40.78 -0.97 45.13
CA LYS H 11 42.17 -1.15 45.49
C LYS H 11 42.61 -0.20 46.59
N HIS H 12 41.89 0.90 46.77
CA HIS H 12 42.37 1.98 47.62
C HIS H 12 42.01 1.75 49.08
N GLU H 13 42.94 2.06 49.96
CA GLU H 13 42.71 1.97 51.40
C GLU H 13 42.30 3.30 52.01
N SER H 14 42.93 4.38 51.57
CA SER H 14 42.57 5.72 52.03
C SER H 14 41.19 6.14 51.52
N LEU H 15 40.40 6.78 52.39
CA LEU H 15 39.09 7.28 51.98
C LEU H 15 39.22 8.40 50.95
N LEU H 16 40.21 9.28 51.11
CA LEU H 16 40.42 10.33 50.11
C LEU H 16 40.80 9.76 48.75
N ASP H 17 41.60 8.68 48.74
CA ASP H 17 41.86 7.99 47.47
C ASP H 17 40.60 7.33 46.94
N GLN H 18 39.77 6.80 47.83
CA GLN H 18 38.53 6.17 47.41
C GLN H 18 37.57 7.19 46.82
N LEU H 19 37.50 8.38 47.44
CA LEU H 19 36.59 9.42 47.00
C LEU H 19 37.08 10.12 45.73
N SER H 20 38.36 10.02 45.43
CA SER H 20 38.90 10.79 44.33
C SER H 20 38.30 10.35 42.99
N LEU H 21 37.99 11.33 42.13
CA LEU H 21 37.53 11.04 40.78
C LEU H 21 38.55 11.50 39.74
N LYS H 22 39.81 11.67 40.14
CA LYS H 22 40.86 11.95 39.18
C LYS H 22 40.93 10.83 38.15
N GLY H 23 41.12 11.20 36.89
CA GLY H 23 41.12 10.22 35.82
C GLY H 23 39.76 9.72 35.39
N LYS H 24 38.67 10.28 35.89
CA LYS H 24 37.35 9.75 35.63
C LYS H 24 36.45 10.82 35.03
N VAL H 25 35.37 10.37 34.39
CA VAL H 25 34.40 11.22 33.70
C VAL H 25 33.03 10.97 34.30
N VAL H 26 32.35 12.04 34.72
CA VAL H 26 31.00 11.97 35.29
C VAL H 26 30.07 12.76 34.37
N VAL H 27 28.92 12.17 34.03
CA VAL H 27 27.83 12.87 33.35
C VAL H 27 26.75 13.17 34.38
N VAL H 28 26.24 14.40 34.38
CA VAL H 28 25.11 14.79 35.24
C VAL H 28 24.02 15.40 34.35
N THR H 29 22.88 14.71 34.22
CA THR H 29 21.79 15.30 33.46
C THR H 29 21.03 16.32 34.31
N GLY H 30 20.48 17.31 33.62
CA GLY H 30 19.66 18.31 34.28
C GLY H 30 20.45 19.10 35.32
N ALA H 31 21.60 19.65 34.91
CA ALA H 31 22.42 20.46 35.79
C ALA H 31 22.53 21.89 35.28
N SER H 32 21.47 22.41 34.66
CA SER H 32 21.51 23.72 34.03
C SER H 32 21.06 24.85 34.96
N GLY H 33 20.33 24.54 36.04
CA GLY H 33 19.89 25.55 36.98
C GLY H 33 21.02 26.01 37.88
N PRO H 34 20.79 27.15 38.55
CA PRO H 34 21.85 27.73 39.39
C PRO H 34 22.05 27.04 40.75
N LYS H 35 21.04 26.34 41.27
CA LYS H 35 21.18 25.76 42.60
C LYS H 35 20.44 24.42 42.73
N GLY H 36 20.36 23.65 41.64
CA GLY H 36 19.71 22.36 41.71
C GLY H 36 20.63 21.26 42.20
N MET H 37 20.04 20.07 42.38
CA MET H 37 20.84 18.90 42.72
C MET H 37 21.96 18.68 41.71
N GLY H 38 21.68 18.96 40.43
CA GLY H 38 22.62 18.61 39.38
C GLY H 38 23.92 19.39 39.44
N ILE H 39 23.83 20.71 39.52
CA ILE H 39 25.05 21.52 39.56
C ILE H 39 25.84 21.21 40.82
N GLU H 40 25.15 20.93 41.93
CA GLU H 40 25.86 20.64 43.16
C GLU H 40 26.57 19.30 43.07
N ALA H 41 25.90 18.30 42.48
CA ALA H 41 26.55 17.03 42.17
C ALA H 41 27.75 17.22 41.27
N ALA H 42 27.61 18.05 40.23
CA ALA H 42 28.74 18.34 39.35
C ALA H 42 29.85 19.05 40.11
N ARG H 43 29.49 19.99 41.00
CA ARG H 43 30.50 20.68 41.80
C ARG H 43 31.26 19.71 42.69
N GLY H 44 30.55 18.82 43.37
CA GLY H 44 31.24 17.84 44.21
C GLY H 44 32.16 16.94 43.41
N CYS H 45 31.70 16.46 42.24
CA CYS H 45 32.52 15.57 41.43
C CYS H 45 33.74 16.29 40.88
N ALA H 46 33.55 17.51 40.38
CA ALA H 46 34.68 18.31 39.89
C ALA H 46 35.68 18.59 41.01
N GLU H 47 35.17 18.84 42.22
CA GLU H 47 36.05 19.07 43.36
C GLU H 47 36.94 17.85 43.64
N MET H 48 36.44 16.63 43.38
CA MET H 48 37.21 15.40 43.54
C MET H 48 38.06 15.07 42.31
N GLY H 49 38.05 15.92 41.30
CA GLY H 49 38.96 15.77 40.16
C GLY H 49 38.31 15.25 38.89
N ALA H 50 37.01 15.02 38.88
CA ALA H 50 36.36 14.50 37.68
C ALA H 50 36.34 15.52 36.56
N ALA H 51 36.46 15.04 35.32
CA ALA H 51 35.95 15.79 34.18
C ALA H 51 34.43 15.58 34.15
N VAL H 52 33.68 16.63 33.80
CA VAL H 52 32.23 16.65 34.01
C VAL H 52 31.51 17.11 32.75
N ALA H 53 30.57 16.31 32.29
CA ALA H 53 29.60 16.67 31.26
C ALA H 53 28.24 16.91 31.93
N ILE H 54 27.62 18.07 31.67
CA ILE H 54 26.30 18.38 32.21
C ILE H 54 25.33 18.59 31.05
N THR H 55 24.04 18.38 31.30
CA THR H 55 23.05 18.53 30.24
C THR H 55 21.99 19.58 30.61
N TYR H 56 21.39 20.14 29.56
CA TYR H 56 20.27 21.06 29.67
C TYR H 56 19.20 20.65 28.67
N ALA H 57 17.98 21.09 28.94
CA ALA H 57 16.89 21.03 27.98
C ALA H 57 16.54 22.43 27.50
N SER H 58 15.93 23.26 28.34
CA SER H 58 15.52 24.60 27.95
C SER H 58 16.50 25.70 28.38
N ARG H 59 17.43 25.43 29.28
CA ARG H 59 18.29 26.49 29.82
C ARG H 59 19.72 26.36 29.31
N ALA H 60 19.91 26.62 28.01
CA ALA H 60 21.24 26.50 27.41
C ALA H 60 22.23 27.47 28.05
N GLN H 61 21.82 28.73 28.25
CA GLN H 61 22.76 29.71 28.76
C GLN H 61 23.20 29.37 30.19
N GLY H 62 22.24 28.95 31.03
CA GLY H 62 22.58 28.58 32.39
C GLY H 62 23.55 27.42 32.47
N ALA H 63 23.37 26.41 31.60
CA ALA H 63 24.34 25.32 31.56
C ALA H 63 25.72 25.82 31.17
N GLU H 64 25.79 26.71 30.17
CA GLU H 64 27.07 27.24 29.72
C GLU H 64 27.75 28.05 30.82
N GLU H 65 26.98 28.85 31.57
CA GLU H 65 27.56 29.57 32.71
C GLU H 65 28.02 28.59 33.78
N ASN H 66 27.23 27.54 34.03
CA ASN H 66 27.65 26.52 34.98
C ASN H 66 29.00 25.89 34.58
N VAL H 67 29.18 25.62 33.27
CA VAL H 67 30.43 25.02 32.79
C VAL H 67 31.60 25.96 33.04
N LYS H 68 31.45 27.24 32.70
CA LYS H 68 32.54 28.18 32.90
C LYS H 68 32.88 28.33 34.38
N GLU H 69 31.86 28.33 35.24
CA GLU H 69 32.12 28.37 36.69
C GLU H 69 32.80 27.09 37.18
N LEU H 70 32.45 25.94 36.62
CA LEU H 70 33.15 24.70 36.96
C LEU H 70 34.62 24.78 36.59
N GLU H 71 34.93 25.31 35.41
CA GLU H 71 36.31 25.40 34.97
C GLU H 71 37.09 26.44 35.77
N LYS H 72 36.50 27.61 36.02
CA LYS H 72 37.15 28.62 36.84
C LYS H 72 37.50 28.07 38.22
N THR H 73 36.55 27.41 38.85
CA THR H 73 36.73 27.00 40.25
C THR H 73 37.65 25.81 40.39
N TYR H 74 37.49 24.79 39.53
CA TYR H 74 38.18 23.52 39.76
C TYR H 74 39.26 23.21 38.73
N GLY H 75 39.28 23.90 37.59
CA GLY H 75 40.32 23.72 36.61
C GLY H 75 40.21 22.46 35.77
N ILE H 76 39.11 21.73 35.88
CA ILE H 76 38.97 20.48 35.11
C ILE H 76 38.31 20.77 33.76
N LYS H 77 38.13 19.73 32.96
CA LYS H 77 37.43 19.85 31.68
C LYS H 77 35.93 19.67 31.92
N ALA H 78 35.14 20.62 31.40
CA ALA H 78 33.69 20.55 31.54
C ALA H 78 33.04 20.97 30.23
N LYS H 79 31.85 20.43 29.96
CA LYS H 79 31.16 20.71 28.72
C LYS H 79 29.66 20.48 28.91
N ALA H 80 28.86 21.30 28.25
CA ALA H 80 27.40 21.23 28.32
C ALA H 80 26.86 20.60 27.05
N TYR H 81 25.85 19.76 27.21
CA TYR H 81 25.21 19.05 26.11
C TYR H 81 23.71 19.23 26.21
N LYS H 82 23.06 19.40 25.07
CA LYS H 82 21.60 19.39 25.05
C LYS H 82 21.10 17.96 25.05
N CYS H 83 20.09 17.69 25.88
CA CYS H 83 19.54 16.35 25.97
C CYS H 83 18.09 16.42 26.43
N GLN H 84 17.20 15.77 25.66
CA GLN H 84 15.81 15.51 26.07
C GLN H 84 15.73 14.06 26.51
N VAL H 85 15.66 13.82 27.82
CA VAL H 85 15.70 12.45 28.31
C VAL H 85 14.47 11.68 27.88
N ASP H 86 13.39 12.38 27.53
CA ASP H 86 12.19 11.73 27.03
C ASP H 86 12.38 11.12 25.64
N SER H 87 13.53 11.32 25.01
CA SER H 87 13.86 10.78 23.69
C SER H 87 15.06 9.87 23.84
N TYR H 88 14.88 8.59 23.55
CA TYR H 88 16.01 7.68 23.65
C TYR H 88 17.11 8.09 22.66
N GLU H 89 16.72 8.56 21.48
CA GLU H 89 17.71 9.02 20.51
C GLU H 89 18.59 10.10 21.12
N SER H 90 17.99 11.02 21.88
CA SER H 90 18.79 12.09 22.48
C SER H 90 19.73 11.54 23.56
N CYS H 91 19.29 10.53 24.31
CA CYS H 91 20.15 9.92 25.33
C CYS H 91 21.28 9.13 24.69
N GLU H 92 20.96 8.36 23.66
CA GLU H 92 21.98 7.64 22.92
C GLU H 92 23.03 8.58 22.35
N LYS H 93 22.59 9.72 21.83
CA LYS H 93 23.51 10.73 21.29
C LYS H 93 24.37 11.33 22.40
N LEU H 94 23.75 11.63 23.55
CA LEU H 94 24.52 12.16 24.68
C LEU H 94 25.68 11.23 25.04
N VAL H 95 25.39 9.93 25.20
CA VAL H 95 26.45 8.99 25.56
C VAL H 95 27.51 8.93 24.45
N LYS H 96 27.07 8.90 23.19
CA LYS H 96 28.01 8.90 22.09
C LYS H 96 28.92 10.13 22.11
N ASP H 97 28.32 11.32 22.27
CA ASP H 97 29.11 12.56 22.23
C ASP H 97 30.07 12.66 23.42
N VAL H 98 29.62 12.30 24.63
CA VAL H 98 30.50 12.42 25.79
C VAL H 98 31.70 11.47 25.65
N VAL H 99 31.45 10.24 25.22
CA VAL H 99 32.53 9.27 25.04
C VAL H 99 33.50 9.76 23.96
N ALA H 100 32.98 10.33 22.87
CA ALA H 100 33.85 10.93 21.87
C ALA H 100 34.70 12.06 22.46
N ASP H 101 34.06 12.99 23.19
CA ASP H 101 34.75 14.19 23.65
C ASP H 101 35.64 13.91 24.87
N PHE H 102 35.22 13.02 25.76
CA PHE H 102 35.97 12.77 27.00
C PHE H 102 36.68 11.44 27.02
N GLY H 103 36.34 10.51 26.13
CA GLY H 103 37.00 9.21 26.07
C GLY H 103 36.21 8.08 26.71
N GLN H 104 35.36 8.39 27.68
CA GLN H 104 34.67 7.36 28.45
C GLN H 104 33.67 8.03 29.39
N ILE H 105 32.85 7.21 30.04
CA ILE H 105 31.98 7.64 31.12
C ILE H 105 32.16 6.64 32.27
N ASP H 106 32.64 7.14 33.42
CA ASP H 106 32.81 6.32 34.61
C ASP H 106 31.59 6.33 35.52
N ALA H 107 30.90 7.48 35.63
CA ALA H 107 29.72 7.59 36.47
C ALA H 107 28.70 8.46 35.75
N PHE H 108 27.44 8.05 35.85
CA PHE H 108 26.32 8.74 35.20
C PHE H 108 25.30 9.05 36.29
N ILE H 109 24.95 10.32 36.42
CA ILE H 109 24.01 10.77 37.43
C ILE H 109 22.73 11.14 36.67
N ALA H 110 21.70 10.29 36.77
CA ALA H 110 20.45 10.49 36.05
C ALA H 110 19.55 11.35 36.92
N ASN H 111 19.55 12.64 36.66
CA ASN H 111 18.98 13.62 37.57
C ASN H 111 17.86 14.47 36.95
N ALA H 112 17.82 14.63 35.63
CA ALA H 112 16.77 15.40 34.99
C ALA H 112 15.38 14.90 35.36
N GLY H 113 14.44 15.83 35.50
CA GLY H 113 13.10 15.46 35.97
C GLY H 113 12.17 16.65 35.97
N ALA H 114 10.87 16.36 35.98
CA ALA H 114 9.82 17.35 35.91
C ALA H 114 8.71 17.01 36.89
N THR H 115 7.93 18.00 37.27
CA THR H 115 6.95 17.82 38.33
C THR H 115 5.55 17.58 37.76
N ALA H 116 4.65 17.16 38.65
CA ALA H 116 3.22 17.06 38.39
C ALA H 116 2.50 18.15 39.17
N ASP H 117 1.25 18.45 38.76
CA ASP H 117 0.49 19.44 39.50
C ASP H 117 -0.98 19.07 39.71
N SER H 118 -1.35 17.79 39.64
CA SER H 118 -2.69 17.38 40.01
C SER H 118 -2.66 15.89 40.32
N GLY H 119 -3.77 15.41 40.90
CA GLY H 119 -4.01 13.99 41.01
C GLY H 119 -4.52 13.44 39.71
N ILE H 120 -4.79 12.13 39.68
CA ILE H 120 -5.10 11.51 38.39
C ILE H 120 -6.51 11.85 37.90
N LEU H 121 -7.46 12.14 38.80
CA LEU H 121 -8.81 12.45 38.33
C LEU H 121 -8.91 13.86 37.76
N ASP H 122 -8.27 14.83 38.43
CA ASP H 122 -8.27 16.19 37.87
C ASP H 122 -7.38 16.29 36.64
N GLY H 123 -6.32 15.48 36.57
CA GLY H 123 -5.41 15.57 35.45
C GLY H 123 -5.86 14.71 34.27
N SER H 124 -5.44 15.14 33.08
CA SER H 124 -5.70 14.40 31.86
C SER H 124 -4.78 13.17 31.74
N VAL H 125 -5.13 12.29 30.79
CA VAL H 125 -4.26 11.18 30.45
C VAL H 125 -2.95 11.69 29.82
N GLU H 126 -3.05 12.77 29.04
CA GLU H 126 -1.85 13.39 28.48
C GLU H 126 -0.91 13.88 29.59
N ALA H 127 -1.47 14.45 30.65
CA ALA H 127 -0.62 14.96 31.72
C ALA H 127 0.06 13.82 32.48
N TRP H 128 -0.67 12.73 32.73
CA TRP H 128 -0.02 11.53 33.24
C TRP H 128 1.10 11.05 32.33
N ASN H 129 0.80 10.87 31.03
CA ASN H 129 1.80 10.35 30.10
C ASN H 129 3.04 11.21 30.08
N HIS H 130 2.87 12.52 30.18
CA HIS H 130 4.02 13.42 30.13
C HIS H 130 4.95 13.20 31.32
N VAL H 131 4.38 13.10 32.53
CA VAL H 131 5.22 12.97 33.71
C VAL H 131 5.92 11.61 33.71
N VAL H 132 5.22 10.55 33.33
CA VAL H 132 5.85 9.22 33.27
C VAL H 132 6.94 9.19 32.21
N GLN H 133 6.69 9.80 31.04
CA GLN H 133 7.67 9.75 29.95
C GLN H 133 8.97 10.44 30.35
N VAL H 134 8.90 11.60 30.99
CA VAL H 134 10.10 12.31 31.44
C VAL H 134 10.71 11.61 32.65
N ASP H 135 9.93 11.37 33.70
CA ASP H 135 10.52 11.01 34.98
C ASP H 135 10.85 9.52 35.10
N LEU H 136 10.08 8.65 34.45
CA LEU H 136 10.37 7.22 34.47
C LEU H 136 11.10 6.77 33.22
N ASN H 137 10.48 6.98 32.05
CA ASN H 137 11.11 6.54 30.81
C ASN H 137 12.38 7.31 30.50
N GLY H 138 12.46 8.58 30.92
CA GLY H 138 13.69 9.33 30.75
C GLY H 138 14.85 8.71 31.52
N THR H 139 14.59 8.30 32.76
CA THR H 139 15.63 7.63 33.54
C THR H 139 16.00 6.29 32.90
N PHE H 140 14.99 5.55 32.41
CA PHE H 140 15.28 4.31 31.71
C PHE H 140 16.11 4.57 30.44
N HIS H 141 15.78 5.63 29.70
CA HIS H 141 16.53 5.93 28.47
C HIS H 141 18.01 6.15 28.78
N CYS H 142 18.28 7.01 29.76
CA CYS H 142 19.66 7.22 30.22
C CYS H 142 20.30 5.93 30.70
N ALA H 143 19.58 5.15 31.53
CA ALA H 143 20.15 3.92 32.05
C ALA H 143 20.52 2.97 30.93
N LYS H 144 19.63 2.81 29.94
CA LYS H 144 19.93 1.91 28.83
C LYS H 144 21.10 2.41 28.02
N ALA H 145 21.14 3.72 27.73
CA ALA H 145 22.15 4.26 26.84
C ALA H 145 23.55 4.14 27.45
N VAL H 146 23.70 4.48 28.73
CA VAL H 146 25.03 4.38 29.34
C VAL H 146 25.35 2.95 29.73
N GLY H 147 24.34 2.13 30.03
CA GLY H 147 24.59 0.75 30.39
C GLY H 147 25.30 -0.03 29.30
N HIS H 148 24.93 0.23 28.04
CA HIS H 148 25.65 -0.37 26.91
C HIS H 148 27.13 -0.01 26.96
N HIS H 149 27.46 1.23 27.33
CA HIS H 149 28.86 1.63 27.48
C HIS H 149 29.50 0.94 28.69
N PHE H 150 28.79 0.93 29.84
CA PHE H 150 29.30 0.29 31.04
C PHE H 150 29.61 -1.19 30.79
N LYS H 151 28.73 -1.87 30.06
CA LYS H 151 28.97 -3.28 29.76
C LYS H 151 30.25 -3.48 28.96
N GLU H 152 30.48 -2.61 27.96
CA GLU H 152 31.70 -2.75 27.15
C GLU H 152 32.94 -2.49 27.98
N ARG H 153 32.89 -1.53 28.91
CA ARG H 153 34.05 -1.21 29.73
C ARG H 153 34.22 -2.16 30.90
N GLY H 154 33.13 -2.75 31.38
CA GLY H 154 33.18 -3.63 32.53
C GLY H 154 33.23 -2.93 33.88
N THR H 155 33.02 -1.62 33.93
CA THR H 155 32.89 -0.87 35.18
C THR H 155 31.90 0.27 34.98
N GLY H 156 31.42 0.83 36.08
CA GLY H 156 30.53 1.98 36.01
C GLY H 156 29.73 2.14 37.27
N SER H 157 29.18 3.34 37.45
CA SER H 157 28.28 3.65 38.56
C SER H 157 27.16 4.53 38.03
N LEU H 158 25.92 4.07 38.18
CA LEU H 158 24.75 4.84 37.80
C LEU H 158 24.06 5.31 39.08
N VAL H 159 23.86 6.63 39.21
CA VAL H 159 23.21 7.25 40.36
C VAL H 159 21.91 7.91 39.89
N ILE H 160 20.78 7.50 40.45
CA ILE H 160 19.47 7.95 40.02
C ILE H 160 18.90 8.89 41.08
N THR H 161 18.52 10.10 40.66
CA THR H 161 17.78 10.99 41.55
C THR H 161 16.31 10.58 41.54
N ALA H 162 15.89 9.90 42.60
CA ALA H 162 14.48 9.62 42.76
C ALA H 162 13.83 10.74 43.56
N SER H 163 13.11 10.39 44.62
CA SER H 163 12.46 11.36 45.49
C SER H 163 11.82 10.62 46.65
N MET H 164 11.68 11.30 47.78
CA MET H 164 10.87 10.71 48.84
C MET H 164 9.44 10.49 48.37
N SER H 165 8.97 11.25 47.37
CA SER H 165 7.66 10.98 46.75
C SER H 165 7.57 9.59 46.16
N GLY H 166 8.70 8.93 45.95
CA GLY H 166 8.64 7.54 45.56
C GLY H 166 8.39 6.59 46.72
N HIS H 167 8.48 7.09 47.96
CA HIS H 167 8.20 6.31 49.18
C HIS H 167 6.84 6.62 49.78
N ILE H 168 6.42 7.87 49.79
CA ILE H 168 5.21 8.32 50.46
C ILE H 168 4.41 9.19 49.49
N ALA H 169 3.23 9.61 49.93
CA ALA H 169 2.36 10.47 49.14
C ALA H 169 2.38 11.87 49.75
N ASN H 170 2.81 12.84 48.95
CA ASN H 170 2.92 14.21 49.43
C ASN H 170 1.55 14.77 49.77
N PHE H 171 1.53 15.70 50.74
CA PHE H 171 0.35 16.29 51.28
C PHE H 171 0.73 17.74 51.59
N PRO H 172 -0.16 18.70 51.30
CA PRO H 172 -1.51 18.52 50.75
C PRO H 172 -1.62 18.44 49.24
N GLN H 173 -0.54 18.65 48.48
CA GLN H 173 -0.67 18.70 47.03
C GLN H 173 -0.76 17.30 46.45
N GLU H 174 -1.66 17.12 45.48
CA GLU H 174 -1.84 15.85 44.79
C GLU H 174 -0.91 15.77 43.58
N GLN H 175 -0.18 14.66 43.45
CA GLN H 175 0.80 14.52 42.36
C GLN H 175 1.10 13.05 42.09
N THR H 176 0.06 12.21 41.99
CA THR H 176 0.27 10.77 41.96
C THR H 176 1.19 10.34 40.81
N SER H 177 1.11 11.01 39.65
CA SER H 177 1.93 10.59 38.51
C SER H 177 3.41 10.71 38.82
N TYR H 178 3.82 11.83 39.43
CA TYR H 178 5.20 12.00 39.87
C TYR H 178 5.57 10.96 40.91
N ASN H 179 4.71 10.75 41.92
CA ASN H 179 4.99 9.76 42.97
C ASN H 179 5.26 8.41 42.36
N VAL H 180 4.36 7.96 41.47
CA VAL H 180 4.46 6.65 40.85
C VAL H 180 5.75 6.54 40.03
N ALA H 181 6.07 7.59 39.26
CA ALA H 181 7.26 7.54 38.41
C ALA H 181 8.52 7.43 39.25
N LYS H 182 8.56 8.16 40.36
CA LYS H 182 9.74 8.11 41.23
C LYS H 182 9.84 6.79 41.97
N ALA H 183 8.69 6.16 42.29
CA ALA H 183 8.73 4.81 42.84
C ALA H 183 9.29 3.81 41.83
N GLY H 184 8.92 3.96 40.56
CA GLY H 184 9.55 3.16 39.52
C GLY H 184 11.05 3.40 39.44
N CYS H 185 11.48 4.65 39.55
CA CYS H 185 12.91 4.93 39.53
C CYS H 185 13.64 4.20 40.65
N ILE H 186 13.08 4.22 41.87
CA ILE H 186 13.74 3.59 43.01
C ILE H 186 13.92 2.10 42.74
N HIS H 187 12.86 1.42 42.31
CA HIS H 187 12.99 0.00 42.07
C HIS H 187 13.80 -0.28 40.80
N MET H 188 13.87 0.68 39.88
CA MET H 188 14.77 0.52 38.73
C MET H 188 16.21 0.38 39.18
N ALA H 189 16.62 1.17 40.18
CA ALA H 189 17.98 1.05 40.70
C ALA H 189 18.22 -0.34 41.28
N ARG H 190 17.28 -0.85 42.07
CA ARG H 190 17.45 -2.18 42.66
C ARG H 190 17.53 -3.24 41.59
N SER H 191 16.61 -3.19 40.62
CA SER H 191 16.53 -4.23 39.61
C SER H 191 17.73 -4.18 38.65
N LEU H 192 18.24 -2.98 38.34
CA LEU H 192 19.43 -2.87 37.50
C LEU H 192 20.70 -3.20 38.26
N ALA H 193 20.75 -2.91 39.57
CA ALA H 193 21.88 -3.39 40.37
C ALA H 193 22.06 -4.90 40.21
N ASN H 194 20.95 -5.63 40.12
CA ASN H 194 21.04 -7.07 39.90
C ASN H 194 21.35 -7.38 38.44
N GLU H 195 20.66 -6.73 37.49
CA GLU H 195 20.89 -7.02 36.08
C GLU H 195 22.34 -6.76 35.69
N TRP H 196 22.95 -5.71 36.23
CA TRP H 196 24.28 -5.25 35.85
C TRP H 196 25.34 -5.72 36.83
N ARG H 197 25.06 -6.80 37.57
CA ARG H 197 25.91 -7.22 38.67
C ARG H 197 27.34 -7.54 38.25
N ASP H 198 27.59 -7.87 36.98
CA ASP H 198 28.94 -8.21 36.56
C ASP H 198 29.78 -7.01 36.14
N PHE H 199 29.20 -5.81 36.03
CA PHE H 199 29.98 -4.71 35.48
C PHE H 199 29.68 -3.30 36.02
N ALA H 200 28.56 -3.07 36.72
CA ALA H 200 28.28 -1.71 37.18
C ALA H 200 27.43 -1.71 38.45
N ARG H 201 27.61 -0.67 39.27
CA ARG H 201 26.75 -0.43 40.41
C ARG H 201 25.63 0.56 40.05
N VAL H 202 24.47 0.39 40.69
CA VAL H 202 23.32 1.29 40.51
C VAL H 202 22.72 1.61 41.87
N ASN H 203 22.48 2.88 42.14
CA ASN H 203 21.90 3.30 43.41
C ASN H 203 21.02 4.52 43.19
N SER H 204 20.13 4.78 44.15
CA SER H 204 19.27 5.96 44.07
C SER H 204 19.42 6.85 45.30
N ILE H 205 19.16 8.13 45.11
CA ILE H 205 19.06 9.11 46.19
C ILE H 205 17.66 9.70 46.13
N SER H 206 16.99 9.74 47.28
CA SER H 206 15.60 10.19 47.36
C SER H 206 15.54 11.44 48.22
N PRO H 207 15.64 12.62 47.60
CA PRO H 207 15.57 13.87 48.38
C PRO H 207 14.16 14.15 48.85
N GLY H 208 14.07 14.86 49.98
CA GLY H 208 12.84 15.49 50.42
C GLY H 208 12.68 16.87 49.79
N TYR H 209 12.15 17.83 50.53
CA TYR H 209 11.94 19.18 50.01
C TYR H 209 13.26 19.94 50.01
N ILE H 210 13.81 20.21 48.82
CA ILE H 210 15.06 20.94 48.65
C ILE H 210 14.74 22.26 47.96
N ASP H 211 15.27 23.35 48.51
CA ASP H 211 15.03 24.69 47.98
C ASP H 211 15.93 24.90 46.76
N THR H 212 15.46 24.39 45.62
CA THR H 212 16.18 24.52 44.35
C THR H 212 15.53 25.53 43.40
N GLY H 213 14.30 25.94 43.68
CA GLY H 213 13.48 26.67 42.74
C GLY H 213 12.46 25.80 42.02
N LEU H 214 12.67 24.47 42.03
CA LEU H 214 11.73 23.58 41.36
C LEU H 214 10.32 23.71 41.93
N SER H 215 10.18 24.00 43.23
CA SER H 215 8.87 24.11 43.87
C SER H 215 8.40 25.55 44.03
N ASP H 216 8.97 26.50 43.29
CA ASP H 216 8.56 27.89 43.43
C ASP H 216 7.16 28.16 42.89
N PHE H 217 6.57 27.22 42.13
CA PHE H 217 5.20 27.34 41.65
C PHE H 217 4.16 27.05 42.72
N VAL H 218 4.56 26.42 43.83
CA VAL H 218 3.65 26.11 44.93
C VAL H 218 3.40 27.37 45.74
N PRO H 219 2.16 27.65 46.15
CA PRO H 219 1.90 28.79 47.04
C PRO H 219 2.71 28.70 48.32
N LYS H 220 2.97 29.86 48.91
CA LYS H 220 3.80 29.90 50.10
C LYS H 220 3.06 29.46 51.35
N GLU H 221 1.73 29.51 51.36
CA GLU H 221 0.99 29.01 52.52
C GLU H 221 1.13 27.50 52.64
N THR H 222 1.13 26.80 51.50
CA THR H 222 1.31 25.36 51.51
C THR H 222 2.70 25.00 51.99
N GLN H 223 3.70 25.83 51.68
CA GLN H 223 5.08 25.50 52.01
C GLN H 223 5.41 25.70 53.49
N GLN H 224 4.55 26.39 54.25
CA GLN H 224 4.71 26.43 55.70
C GLN H 224 4.23 25.13 56.34
N LEU H 225 3.12 24.58 55.85
CA LEU H 225 2.63 23.29 56.33
C LEU H 225 3.67 22.20 56.12
N TRP H 226 4.42 22.26 55.00
CA TRP H 226 5.49 21.31 54.75
C TRP H 226 6.52 21.33 55.87
N HIS H 227 6.91 22.52 56.32
CA HIS H 227 7.95 22.62 57.32
C HIS H 227 7.53 21.98 58.64
N SER H 228 6.23 22.07 58.97
CA SER H 228 5.76 21.44 60.20
C SER H 228 5.78 19.92 60.12
N MET H 229 5.83 19.36 58.91
CA MET H 229 5.90 17.92 58.71
C MET H 229 7.33 17.39 58.58
N ILE H 230 8.32 18.27 58.43
CA ILE H 230 9.73 17.88 58.36
C ILE H 230 10.31 17.96 59.77
N PRO H 231 10.74 16.84 60.38
CA PRO H 231 11.38 16.93 61.71
C PRO H 231 12.44 18.02 61.82
N MET H 232 13.33 18.14 60.83
CA MET H 232 14.32 19.22 60.88
C MET H 232 13.69 20.60 60.74
N GLY H 233 12.46 20.70 60.26
CA GLY H 233 11.75 21.96 60.26
C GLY H 233 12.12 22.96 59.18
N ARG H 234 12.72 22.52 58.08
CA ARG H 234 13.25 23.43 57.07
C ARG H 234 13.42 22.68 55.75
N ASP H 235 13.44 23.43 54.65
CA ASP H 235 13.86 22.88 53.37
C ASP H 235 15.33 22.48 53.42
N GLY H 236 15.68 21.44 52.66
CA GLY H 236 17.08 21.17 52.41
C GLY H 236 17.66 22.09 51.34
N LEU H 237 18.99 22.13 51.28
CA LEU H 237 19.74 22.82 50.25
C LEU H 237 20.48 21.79 49.38
N ALA H 238 20.63 22.13 48.09
CA ALA H 238 21.27 21.19 47.18
C ALA H 238 22.69 20.86 47.61
N LYS H 239 23.39 21.80 48.23
CA LYS H 239 24.76 21.52 48.64
C LYS H 239 24.85 20.49 49.77
N GLU H 240 23.74 20.18 50.43
CA GLU H 240 23.68 19.12 51.42
C GLU H 240 23.53 17.73 50.81
N LEU H 241 23.39 17.65 49.49
CA LEU H 241 23.27 16.35 48.85
C LEU H 241 24.51 15.98 48.05
N LYS H 242 25.46 16.91 47.89
CA LYS H 242 26.57 16.62 46.98
C LYS H 242 27.45 15.49 47.51
N GLY H 243 27.54 15.34 48.84
CA GLY H 243 28.32 14.24 49.40
C GLY H 243 27.77 12.88 49.05
N ALA H 244 26.44 12.76 49.00
CA ALA H 244 25.81 11.50 48.63
C ALA H 244 26.05 11.15 47.15
N TYR H 245 25.95 12.14 46.25
CA TYR H 245 26.23 11.86 44.84
C TYR H 245 27.69 11.40 44.64
N VAL H 246 28.63 12.09 45.30
CA VAL H 246 30.03 11.70 45.20
C VAL H 246 30.25 10.34 45.83
N TYR H 247 29.63 10.08 46.99
CA TYR H 247 29.75 8.78 47.63
C TYR H 247 29.47 7.66 46.62
N PHE H 248 28.31 7.72 45.96
CA PHE H 248 27.90 6.67 45.04
C PHE H 248 28.72 6.68 43.75
N ALA H 249 29.13 7.86 43.28
CA ALA H 249 29.82 7.92 42.00
C ALA H 249 31.24 7.38 42.10
N SER H 250 31.85 7.45 43.28
CA SER H 250 33.27 7.18 43.45
C SER H 250 33.51 5.76 43.95
N ASP H 251 34.78 5.44 44.20
CA ASP H 251 35.22 4.17 44.77
C ASP H 251 35.02 4.07 46.27
N ALA H 252 34.35 5.03 46.89
CA ALA H 252 34.01 4.92 48.30
C ALA H 252 32.83 4.00 48.55
N SER H 253 32.21 3.46 47.49
CA SER H 253 30.99 2.68 47.64
C SER H 253 31.06 1.41 46.80
N THR H 254 32.22 0.75 46.78
CA THR H 254 32.39 -0.35 45.83
C THR H 254 31.67 -1.63 46.25
N TYR H 255 31.04 -1.66 47.42
CA TYR H 255 30.17 -2.77 47.82
C TYR H 255 28.72 -2.33 47.93
N THR H 256 28.43 -1.08 47.58
CA THR H 256 27.08 -0.52 47.68
C THR H 256 26.44 -0.61 46.31
N THR H 257 25.43 -1.46 46.18
CA THR H 257 24.69 -1.48 44.93
C THR H 257 23.26 -1.87 45.21
N GLY H 258 22.33 -1.22 44.54
CA GLY H 258 20.93 -1.49 44.81
C GLY H 258 20.38 -0.80 46.03
N ALA H 259 21.07 0.21 46.53
CA ALA H 259 20.65 0.95 47.71
C ALA H 259 19.91 2.22 47.33
N ASP H 260 19.08 2.69 48.26
CA ASP H 260 18.46 3.99 48.19
C ASP H 260 18.81 4.77 49.44
N LEU H 261 19.03 6.07 49.30
CA LEU H 261 19.41 6.93 50.42
C LEU H 261 18.43 8.09 50.49
N LEU H 262 17.61 8.11 51.55
CA LEU H 262 16.67 9.20 51.78
C LEU H 262 17.41 10.41 52.35
N ILE H 263 17.19 11.57 51.76
CA ILE H 263 17.80 12.80 52.27
C ILE H 263 16.69 13.82 52.42
N ASP H 264 15.96 13.77 53.55
CA ASP H 264 14.66 14.41 53.61
C ASP H 264 14.40 15.11 54.94
N GLY H 265 15.45 15.42 55.70
CA GLY H 265 15.26 16.06 56.99
C GLY H 265 14.43 15.27 57.96
N GLY H 266 14.27 13.96 57.75
CA GLY H 266 13.47 13.15 58.61
C GLY H 266 12.02 12.95 58.20
N TYR H 267 11.60 13.54 57.08
CA TYR H 267 10.19 13.49 56.69
C TYR H 267 9.62 12.08 56.73
N THR H 268 10.33 11.11 56.14
CA THR H 268 9.79 9.75 56.08
C THR H 268 9.89 8.96 57.39
N THR H 269 10.47 9.52 58.46
CA THR H 269 10.44 8.80 59.73
C THR H 269 9.07 8.86 60.38
N ARG H 270 8.24 9.83 60.02
CA ARG H 270 6.88 9.93 60.58
C ARG H 270 5.86 9.28 59.66
#